data_4YSX
#
_entry.id   4YSX
#
_cell.length_a   124.200
_cell.length_b   127.909
_cell.length_c   220.546
_cell.angle_alpha   90.00
_cell.angle_beta   90.00
_cell.angle_gamma   90.00
#
_symmetry.space_group_name_H-M   'P 21 21 21'
#
loop_
_entity.id
_entity.type
_entity.pdbx_description
1 polymer 'Succinate dehydrogenase flavoprotein'
2 polymer 'Succinate dehydrogenase [ubiquinone] iron-sulfur subunit, mitochondrial'
3 polymer 'Cytochrome b-large subunit'
4 polymer 'Succinate dehydrogenase [ubiquinone] cytochrome b small subunit, mitochondrial'
5 non-polymer 'MALONATE ION'
6 non-polymer 'FLAVIN-ADENINE DINUCLEOTIDE'
7 non-polymer 'FE2/S2 (INORGANIC) CLUSTER'
8 non-polymer 'IRON/SULFUR CLUSTER'
9 non-polymer 'FE3-S4 CLUSTER'
10 non-polymer N-(4-tert-butylbenzyl)-2-(trifluoromethyl)benzamide
11 non-polymer 'PROTOPORPHYRIN IX CONTAINING FE'
12 non-polymer L-ALPHA-PHOSPHATIDYL-BETA-OLEOYL-GAMMA-PALMITOYL-PHOSPHATIDYLETHANOLAMINE
13 water water
#
loop_
_entity_poly.entity_id
_entity_poly.type
_entity_poly.pdbx_seq_one_letter_code
_entity_poly.pdbx_strand_id
1 'polypeptide(L)'
;MLRAVRALICRIGARRTLSVSSSRLDVSTSNIAQYKVIDHAYDVVIIGAGGAGLRAAMGLGEAGFKTAVVTKMFPTRSHT
TAAQGGINAALGSMNPDDWKWHFYDTVKGSDWLGDQNAMHYLTRNAVEAVTELENFGMPFSRTPEGKIYQRSFGGQSNNY
GKGGVAKRTCCVADRTGHSMLHTLYGNSLRCHCTFFIEYFALDLLMDKGRCVGVIALCLEDGTIHRFRSKRTIVATGGYG
RAYFSCTTAHMNTGDGTALATRAGIALEDLEFIQFHPTGIYGVGCLITEGSRGEGGFLVNSEGERFMERYAPKAKDLASR
DVVSRAETIEIMEGRGVGPEKDHIYLQLHHLPAEQLHQRLPGISETAKIFAGVDVTKEPIPVIPTVHYNMGGIPTNYKAQ
VIKYTKEGGDKIVPGLYACGECACHSVHGANRLGANSLLDAVVFGRACSINIKEELKPDEKIPELPEGAGEESIANLDAV
RYANGDVPTAELRLTMQKTMQKHAGVFRRGDILAEGVKKMMDLFKELKRLKTTDRSLIWNSDLTESLELQNLMLNATQTI
VAAENRKESRGAHARDDFPKREDEYDYSKPIEGQTKRPFEKHWRKHTLTKQDPRTGHITLDYRPVIDKTLDPAEVDWIPP
IIRSY
;
A,E
2 'polypeptide(L)'
;MLRGSTSVCRSLELVTQAARYASAATAAAPTGKRIKTFEIYRFNPEEPGAKPKLQKFDVDLDKCGTMVLDALIKIKNEVD
PTLTFRRSCREGICGSCAMNIAGENTLACICNIDQNTSKTTKIYPLPHMFVIKDLVPDMNLFYAQYASIQPWLQKKTKIN
LGEKQQYQSIKEQEKLDGLYECILCACCSASCPSYWWNADKYLGPAVLMQAYRWIIDSRDDSAAERLARMQDGFSAFKCH
TIMNCTKTCPKHLNPARAIGEIKMLLTKMKTKPAPLPTPANF
;
B,F
3 'polypeptide(L)'
;MSLLPYNATLCRVLRHNVKFIRSVQTSAARVSAEKTPIQVWGWDYLMRQRALKRPIAPHLTIYKPQMTWMVSGLHRVTGC
AMAGTLLIGGVGFSVLPLDFTTFVEFIRGLGIPWVILDTFKFIIAFPIAFHTLNGIRFIGFDMAKGTDIPSIYRGAYLVL
GLAALISLAVVVYPRWERHKKATLPTNH
;
C,G
4 'polypeptide(L)'
;MLSAVRRAIPLSARILRTSLIQRCAGATSAAVTGAAPPQFDPIAAEKGFKPLHSHGTLFKIERYFAAAMVPLIPAAYFIH
GREMDLCLALALTLHVHWGVWGVVNDYGRPFVLGDTLAAAVRVGAYIFTACLLAGLLYFNEHDVGLTRAFEMVWEL
;
D,H
#
# COMPACT_ATOMS: atom_id res chain seq x y z
N SER A 30 -4.76 0.43 41.88
CA SER A 30 -6.01 -0.36 41.90
C SER A 30 -6.52 -0.55 43.33
N ASN A 31 -6.06 0.28 44.27
CA ASN A 31 -6.22 -0.02 45.70
C ASN A 31 -7.60 -0.56 46.14
N ILE A 32 -8.67 0.23 46.02
CA ILE A 32 -9.93 -0.19 46.65
C ILE A 32 -10.83 -1.11 45.79
N ALA A 33 -10.92 -0.87 44.49
CA ALA A 33 -11.78 -1.68 43.62
C ALA A 33 -10.97 -2.60 42.72
N GLN A 34 -11.64 -3.56 42.09
CA GLN A 34 -10.99 -4.45 41.13
C GLN A 34 -11.47 -4.08 39.73
N TYR A 35 -10.52 -3.99 38.81
CA TYR A 35 -10.75 -3.47 37.48
C TYR A 35 -10.52 -4.55 36.44
N LYS A 36 -11.47 -4.68 35.52
CA LYS A 36 -11.33 -5.59 34.39
C LYS A 36 -10.42 -4.93 33.37
N VAL A 37 -9.24 -5.52 33.15
CA VAL A 37 -8.23 -4.99 32.24
C VAL A 37 -8.20 -5.84 30.96
N ILE A 38 -8.24 -5.16 29.82
CA ILE A 38 -8.34 -5.81 28.53
C ILE A 38 -7.21 -5.31 27.62
N ASP A 39 -6.49 -6.27 27.02
CA ASP A 39 -5.29 -6.03 26.23
C ASP A 39 -5.52 -6.16 24.73
N HIS A 40 -4.97 -5.22 23.97
CA HIS A 40 -5.07 -5.19 22.50
C HIS A 40 -3.70 -5.06 21.90
N ALA A 41 -3.59 -5.48 20.64
CA ALA A 41 -2.31 -5.40 19.93
C ALA A 41 -2.50 -4.74 18.56
N TYR A 42 -1.87 -3.57 18.36
CA TYR A 42 -2.07 -2.79 17.13
C TYR A 42 -0.72 -2.37 16.59
N ASP A 43 -0.66 -2.14 15.28
CA ASP A 43 0.54 -1.60 14.67
C ASP A 43 0.69 -0.16 15.11
N VAL A 44 -0.41 0.60 15.07
CA VAL A 44 -0.42 1.97 15.58
C VAL A 44 -1.71 2.35 16.28
N VAL A 45 -1.56 3.10 17.36
CA VAL A 45 -2.69 3.68 18.07
C VAL A 45 -2.68 5.17 17.86
N ILE A 46 -3.84 5.71 17.52
CA ILE A 46 -3.99 7.15 17.41
C ILE A 46 -4.92 7.56 18.52
N ILE A 47 -4.51 8.57 19.28
CA ILE A 47 -5.36 9.14 20.32
C ILE A 47 -5.93 10.45 19.78
N GLY A 48 -7.18 10.42 19.36
CA GLY A 48 -7.85 11.57 18.82
C GLY A 48 -8.51 11.25 17.49
N ALA A 49 -9.70 11.79 17.26
CA ALA A 49 -10.42 11.54 16.02
C ALA A 49 -10.99 12.84 15.47
N GLY A 50 -10.25 13.93 15.67
CA GLY A 50 -10.52 15.16 14.99
C GLY A 50 -9.86 15.11 13.62
N GLY A 51 -9.63 16.29 13.05
CA GLY A 51 -9.04 16.39 11.74
C GLY A 51 -7.75 15.61 11.62
N ALA A 52 -6.85 15.84 12.58
CA ALA A 52 -5.52 15.27 12.49
C ALA A 52 -5.55 13.74 12.65
N GLY A 53 -6.24 13.27 13.69
CA GLY A 53 -6.28 11.83 13.98
C GLY A 53 -6.93 11.07 12.85
N LEU A 54 -7.97 11.65 12.26
CA LEU A 54 -8.66 10.94 11.19
C LEU A 54 -7.81 10.91 9.93
N ARG A 55 -7.13 12.01 9.62
CA ARG A 55 -6.28 12.03 8.42
C ARG A 55 -5.13 11.03 8.55
N ALA A 56 -4.54 10.95 9.73
CA ALA A 56 -3.52 9.97 9.99
C ALA A 56 -4.07 8.55 9.79
N ALA A 57 -5.18 8.25 10.44
CA ALA A 57 -5.83 6.96 10.33
C ALA A 57 -6.08 6.55 8.87
N MET A 58 -6.56 7.48 8.05
CA MET A 58 -6.82 7.20 6.63
C MET A 58 -5.57 6.74 5.89
N GLY A 59 -4.46 7.46 6.10
CA GLY A 59 -3.19 7.15 5.47
C GLY A 59 -2.60 5.82 5.92
N LEU A 60 -2.77 5.49 7.19
CA LEU A 60 -2.24 4.24 7.77
C LEU A 60 -3.06 3.02 7.34
N GLY A 61 -4.38 3.16 7.32
CA GLY A 61 -5.27 2.10 6.87
C GLY A 61 -5.06 1.79 5.40
N GLU A 62 -4.91 2.85 4.59
CA GLU A 62 -4.53 2.74 3.18
C GLU A 62 -3.20 1.99 2.99
N ALA A 63 -2.29 2.13 3.95
CA ALA A 63 -0.99 1.45 3.89
C ALA A 63 -1.00 0.08 4.57
N GLY A 64 -2.17 -0.44 4.91
CA GLY A 64 -2.29 -1.79 5.44
C GLY A 64 -1.98 -1.98 6.92
N PHE A 65 -1.69 -0.90 7.64
CA PHE A 65 -1.42 -1.01 9.08
C PHE A 65 -2.69 -1.21 9.88
N LYS A 66 -2.64 -2.15 10.82
CA LYS A 66 -3.73 -2.36 11.78
C LYS A 66 -3.75 -1.17 12.74
N THR A 67 -4.82 -0.42 12.69
CA THR A 67 -4.85 0.91 13.32
C THR A 67 -6.06 1.03 14.25
N ALA A 68 -5.78 1.49 15.47
CA ALA A 68 -6.80 1.70 16.49
C ALA A 68 -6.95 3.19 16.65
N VAL A 69 -8.18 3.69 16.59
CA VAL A 69 -8.47 5.07 16.89
C VAL A 69 -9.20 5.19 18.23
N VAL A 70 -8.53 5.79 19.21
CA VAL A 70 -9.04 5.91 20.55
C VAL A 70 -9.48 7.35 20.73
N THR A 71 -10.75 7.57 21.02
CA THR A 71 -11.28 8.92 21.12
C THR A 71 -12.30 8.96 22.22
N LYS A 72 -12.26 10.01 23.04
CA LYS A 72 -13.21 10.11 24.17
C LYS A 72 -14.59 10.61 23.77
N MET A 73 -14.83 10.85 22.48
CA MET A 73 -16.17 11.15 21.98
C MET A 73 -16.29 10.63 20.54
N PHE A 74 -17.51 10.56 20.03
CA PHE A 74 -17.70 10.17 18.64
C PHE A 74 -16.89 11.18 17.80
N PRO A 75 -16.10 10.71 16.82
CA PRO A 75 -15.16 11.57 16.06
C PRO A 75 -15.70 12.94 15.61
N THR A 76 -16.95 12.91 15.23
CA THR A 76 -17.65 13.98 14.55
C THR A 76 -18.13 15.07 15.56
N ARG A 77 -17.99 14.80 16.86
CA ARG A 77 -18.23 15.79 17.91
C ARG A 77 -16.96 16.56 18.24
N SER A 78 -15.83 16.14 17.65
CA SER A 78 -14.54 16.77 17.92
C SER A 78 -14.58 18.23 17.53
N HIS A 79 -13.67 18.99 18.12
CA HIS A 79 -13.76 20.42 17.99
C HIS A 79 -13.47 20.93 16.57
N THR A 80 -12.76 20.14 15.78
CA THR A 80 -12.56 20.42 14.37
C THR A 80 -13.90 20.77 13.75
N THR A 81 -14.97 20.11 14.18
CA THR A 81 -16.30 20.25 13.58
C THR A 81 -16.93 21.62 13.78
N ALA A 82 -16.40 22.35 14.77
CA ALA A 82 -16.85 23.71 15.06
C ALA A 82 -16.12 24.74 14.21
N ALA A 83 -15.08 24.33 13.50
CA ALA A 83 -14.30 25.29 12.72
C ALA A 83 -15.13 25.89 11.59
N GLN A 84 -14.91 27.16 11.31
CA GLN A 84 -15.81 27.92 10.45
C GLN A 84 -15.15 28.40 9.18
N GLY A 85 -14.09 29.20 9.33
CA GLY A 85 -13.69 30.17 8.33
C GLY A 85 -13.01 29.64 7.09
N GLY A 86 -12.15 28.65 7.25
CA GLY A 86 -11.60 27.98 6.11
C GLY A 86 -10.26 27.34 6.31
N ILE A 87 -9.67 26.92 5.20
CA ILE A 87 -8.40 26.23 5.23
C ILE A 87 -7.55 26.81 4.09
N ASN A 88 -6.34 27.26 4.45
CA ASN A 88 -5.49 27.97 3.51
C ASN A 88 -4.81 27.02 2.54
N ALA A 89 -4.82 27.39 1.26
CA ALA A 89 -3.94 26.79 0.27
C ALA A 89 -3.95 27.69 -0.96
N ALA A 90 -2.80 27.89 -1.59
CA ALA A 90 -2.68 28.79 -2.74
C ALA A 90 -3.19 28.16 -4.05
N LEU A 91 -4.48 27.87 -4.12
CA LEU A 91 -5.09 27.26 -5.30
C LEU A 91 -5.15 28.24 -6.48
N GLY A 92 -5.19 29.54 -6.18
CA GLY A 92 -5.31 30.56 -7.20
C GLY A 92 -6.65 30.57 -7.92
N SER A 93 -7.74 30.31 -7.20
CA SER A 93 -9.09 30.32 -7.80
C SER A 93 -9.55 31.75 -8.10
N MET A 94 -9.05 32.71 -7.31
CA MET A 94 -9.58 34.07 -7.31
C MET A 94 -8.61 35.06 -7.96
N ASN A 95 -7.34 34.67 -8.03
CA ASN A 95 -6.26 35.50 -8.53
C ASN A 95 -5.01 34.65 -8.51
N PRO A 96 -3.96 35.04 -9.25
CA PRO A 96 -2.75 34.20 -9.19
C PRO A 96 -2.16 34.14 -7.78
N ASP A 97 -1.50 33.04 -7.44
CA ASP A 97 -0.95 32.86 -6.09
C ASP A 97 0.25 31.94 -6.14
N ASP A 98 0.99 31.89 -5.04
CA ASP A 98 2.18 31.07 -4.95
C ASP A 98 2.25 30.54 -3.54
N TRP A 99 2.61 29.26 -3.38
CA TRP A 99 2.76 28.70 -2.03
C TRP A 99 3.85 29.40 -1.20
N LYS A 100 4.81 30.03 -1.87
CA LYS A 100 5.88 30.73 -1.15
C LYS A 100 5.37 32.00 -0.46
N TRP A 101 4.29 32.56 -1.00
CA TRP A 101 3.69 33.76 -0.40
C TRP A 101 2.98 33.39 0.91
N HIS A 102 2.45 32.17 0.94
CA HIS A 102 1.76 31.61 2.09
C HIS A 102 2.81 31.25 3.13
N PHE A 103 3.92 30.70 2.67
CA PHE A 103 5.08 30.49 3.53
C PHE A 103 5.46 31.77 4.26
N TYR A 104 5.69 32.84 3.51
CA TYR A 104 6.12 34.11 4.07
C TYR A 104 5.17 34.55 5.18
N ASP A 105 3.89 34.59 4.88
CA ASP A 105 2.90 35.08 5.83
C ASP A 105 2.90 34.20 7.07
N THR A 106 3.13 32.91 6.88
CA THR A 106 3.17 31.99 8.01
C THR A 106 4.35 32.32 8.91
N VAL A 107 5.53 32.51 8.33
CA VAL A 107 6.73 32.87 9.10
C VAL A 107 6.56 34.20 9.85
N LYS A 108 6.07 35.22 9.14
CA LYS A 108 5.88 36.53 9.74
C LYS A 108 4.83 36.40 10.81
N GLY A 109 3.78 35.65 10.48
CA GLY A 109 2.71 35.34 11.41
C GLY A 109 3.25 34.80 12.70
N SER A 110 4.22 33.89 12.61
CA SER A 110 4.79 33.24 13.78
C SER A 110 5.60 34.19 14.65
N ASP A 111 5.90 35.37 14.10
CA ASP A 111 6.74 36.35 14.76
C ASP A 111 8.16 35.81 15.00
N TRP A 112 8.65 35.10 13.98
CA TRP A 112 9.95 34.41 13.97
C TRP A 112 10.24 33.52 15.18
N LEU A 113 9.19 32.95 15.77
CA LEU A 113 9.34 31.88 16.77
C LEU A 113 8.98 30.52 16.15
N GLY A 114 8.45 30.52 14.93
CA GLY A 114 8.10 29.27 14.27
C GLY A 114 9.32 28.63 13.65
N ASP A 115 9.29 27.31 13.53
CA ASP A 115 10.35 26.57 12.90
C ASP A 115 10.11 26.55 11.39
N GLN A 116 11.03 27.15 10.65
CA GLN A 116 10.80 27.39 9.22
C GLN A 116 10.81 26.11 8.39
N ASN A 117 11.51 25.09 8.86
CA ASN A 117 11.45 23.79 8.18
C ASN A 117 10.02 23.19 8.24
N ALA A 118 9.35 23.35 9.37
CA ALA A 118 7.98 22.90 9.54
C ALA A 118 6.98 23.77 8.77
N MET A 119 7.13 25.09 8.86
CA MET A 119 6.26 26.01 8.12
C MET A 119 6.40 25.82 6.62
N HIS A 120 7.63 25.56 6.17
CA HIS A 120 7.92 25.16 4.79
C HIS A 120 7.12 23.91 4.43
N TYR A 121 7.20 22.90 5.28
CA TYR A 121 6.48 21.65 5.01
C TYR A 121 4.99 21.87 4.91
N LEU A 122 4.46 22.65 5.86
CA LEU A 122 3.04 22.97 5.89
C LEU A 122 2.61 23.62 4.58
N THR A 123 3.19 24.77 4.24
CA THR A 123 2.76 25.54 3.05
C THR A 123 3.08 24.87 1.70
N ARG A 124 4.18 24.12 1.64
CA ARG A 124 4.53 23.41 0.39
C ARG A 124 3.49 22.37 0.00
N ASN A 125 2.86 21.78 1.01
CA ASN A 125 1.94 20.65 0.82
C ASN A 125 0.49 21.06 0.84
N ALA A 126 0.22 22.37 0.97
CA ALA A 126 -1.14 22.84 1.18
C ALA A 126 -2.05 22.62 -0.03
N VAL A 127 -1.58 22.94 -1.22
CA VAL A 127 -2.43 22.80 -2.42
C VAL A 127 -2.86 21.35 -2.58
N GLU A 128 -1.91 20.44 -2.39
CA GLU A 128 -2.17 19.02 -2.52
C GLU A 128 -3.13 18.52 -1.42
N ALA A 129 -2.91 18.98 -0.20
CA ALA A 129 -3.75 18.55 0.94
C ALA A 129 -5.20 18.98 0.79
N VAL A 130 -5.41 20.22 0.37
CA VAL A 130 -6.76 20.71 0.21
C VAL A 130 -7.42 20.04 -0.99
N THR A 131 -6.63 19.75 -2.02
CA THR A 131 -7.17 19.11 -3.22
C THR A 131 -7.61 17.68 -2.91
N GLU A 132 -6.81 17.00 -2.09
CA GLU A 132 -7.20 15.70 -1.54
C GLU A 132 -8.57 15.78 -0.89
N LEU A 133 -8.77 16.78 -0.04
CA LEU A 133 -10.02 16.90 0.69
C LEU A 133 -11.19 17.04 -0.25
N GLU A 134 -11.03 17.87 -1.29
CA GLU A 134 -12.05 18.01 -2.33
C GLU A 134 -12.24 16.69 -3.06
N ASN A 135 -11.13 16.02 -3.35
CA ASN A 135 -11.20 14.70 -3.98
C ASN A 135 -11.87 13.61 -3.11
N PHE A 136 -11.84 13.81 -1.79
CA PHE A 136 -12.53 12.91 -0.88
C PHE A 136 -14.03 13.16 -0.86
N GLY A 137 -14.46 14.30 -1.40
CA GLY A 137 -15.87 14.66 -1.46
C GLY A 137 -16.27 15.89 -0.65
N MET A 138 -15.31 16.56 -0.01
CA MET A 138 -15.61 17.80 0.73
C MET A 138 -16.29 18.78 -0.22
N PRO A 139 -17.50 19.23 0.12
CA PRO A 139 -18.33 20.07 -0.76
C PRO A 139 -18.00 21.57 -0.70
N PHE A 140 -16.76 21.93 -1.00
CA PHE A 140 -16.33 23.32 -1.06
C PHE A 140 -17.29 24.18 -1.88
N SER A 141 -17.54 25.39 -1.39
CA SER A 141 -18.21 26.40 -2.17
C SER A 141 -17.44 26.59 -3.48
N ARG A 142 -18.11 27.07 -4.53
CA ARG A 142 -17.49 27.12 -5.87
C ARG A 142 -17.53 28.50 -6.50
N THR A 143 -16.55 28.77 -7.36
CA THR A 143 -16.52 29.95 -8.22
C THR A 143 -17.26 29.66 -9.53
N PRO A 144 -17.52 30.72 -10.34
CA PRO A 144 -18.19 30.51 -11.64
C PRO A 144 -17.47 29.56 -12.60
N GLU A 145 -16.14 29.50 -12.51
CA GLU A 145 -15.37 28.51 -13.26
C GLU A 145 -15.45 27.07 -12.70
N GLY A 146 -16.16 26.89 -11.58
CA GLY A 146 -16.25 25.57 -10.91
C GLY A 146 -15.04 25.15 -10.09
N LYS A 147 -14.24 26.12 -9.64
CA LYS A 147 -13.12 25.86 -8.75
C LYS A 147 -13.50 26.17 -7.29
N ILE A 148 -12.64 25.77 -6.37
CA ILE A 148 -12.86 25.98 -4.94
C ILE A 148 -12.79 27.49 -4.65
N TYR A 149 -13.91 28.03 -4.17
CA TYR A 149 -14.00 29.42 -3.73
C TYR A 149 -13.05 29.67 -2.59
N GLN A 150 -12.39 30.82 -2.61
CA GLN A 150 -11.50 31.24 -1.54
C GLN A 150 -11.79 32.67 -1.12
N ARG A 151 -11.65 32.92 0.18
CA ARG A 151 -11.88 34.23 0.78
C ARG A 151 -10.61 34.76 1.40
N SER A 152 -10.64 36.04 1.74
CA SER A 152 -9.56 36.67 2.48
C SER A 152 -9.73 36.41 3.97
N PHE A 153 -8.66 36.63 4.70
CA PHE A 153 -8.59 36.30 6.11
C PHE A 153 -7.53 37.20 6.75
N GLY A 154 -7.17 36.92 8.01
CA GLY A 154 -6.26 37.78 8.77
C GLY A 154 -4.79 37.50 8.55
N GLY A 155 -4.01 38.55 8.28
CA GLY A 155 -2.55 38.47 8.22
C GLY A 155 -1.93 37.83 7.00
N GLN A 156 -2.63 37.86 5.86
CA GLN A 156 -2.14 37.19 4.64
C GLN A 156 -2.09 38.15 3.45
N SER A 157 -1.13 37.90 2.57
CA SER A 157 -0.75 38.82 1.51
C SER A 157 -0.18 38.09 0.29
N ASN A 158 -0.10 38.82 -0.82
CA ASN A 158 0.62 38.34 -2.02
C ASN A 158 2.03 38.95 -2.10
N ASN A 159 2.88 38.34 -2.91
CA ASN A 159 4.25 38.78 -3.18
C ASN A 159 5.07 39.17 -1.94
N TYR A 160 5.18 38.22 -1.01
CA TYR A 160 6.00 38.33 0.19
C TYR A 160 5.76 39.62 0.98
N GLY A 161 4.50 39.98 1.10
CA GLY A 161 4.12 41.16 1.88
C GLY A 161 4.17 42.50 1.16
N LYS A 162 4.60 42.52 -0.09
CA LYS A 162 4.62 43.78 -0.86
C LYS A 162 3.31 43.95 -1.62
N GLY A 163 2.68 42.82 -1.99
CA GLY A 163 1.44 42.83 -2.77
C GLY A 163 0.21 43.20 -1.96
N GLY A 164 -0.96 42.88 -2.51
CA GLY A 164 -2.23 43.14 -1.82
C GLY A 164 -2.68 42.03 -0.87
N VAL A 165 -3.96 42.07 -0.50
CA VAL A 165 -4.53 41.10 0.44
C VAL A 165 -4.77 39.75 -0.26
N ALA A 166 -4.28 38.67 0.35
CA ALA A 166 -4.45 37.34 -0.24
C ALA A 166 -5.90 36.89 -0.23
N LYS A 167 -6.23 36.00 -1.16
CA LYS A 167 -7.47 35.25 -1.14
C LYS A 167 -7.10 33.80 -1.36
N ARG A 168 -6.66 33.11 -0.30
CA ARG A 168 -6.42 31.67 -0.42
C ARG A 168 -7.04 30.85 0.70
N THR A 169 -8.08 31.39 1.32
CA THR A 169 -8.75 30.71 2.40
C THR A 169 -9.96 29.97 1.85
N CYS A 170 -9.77 28.68 1.60
CA CYS A 170 -10.77 27.83 0.95
C CYS A 170 -11.82 27.45 1.98
N CYS A 171 -13.08 27.38 1.58
CA CYS A 171 -14.13 27.27 2.56
C CYS A 171 -15.39 26.57 2.07
N VAL A 172 -16.12 26.02 3.04
CA VAL A 172 -17.48 25.55 2.81
C VAL A 172 -18.32 26.51 3.62
N ALA A 173 -18.62 27.61 2.95
CA ALA A 173 -19.26 28.76 3.51
C ALA A 173 -18.60 29.13 4.85
N ASP A 174 -19.39 28.97 5.88
CA ASP A 174 -19.14 29.40 7.22
C ASP A 174 -18.92 28.15 8.12
N ARG A 175 -18.73 26.99 7.49
CA ARG A 175 -18.84 25.68 8.16
C ARG A 175 -17.75 24.71 7.71
N THR A 176 -16.57 25.23 7.44
CA THR A 176 -15.51 24.44 6.80
C THR A 176 -15.01 23.28 7.67
N GLY A 177 -14.92 23.51 8.98
CA GLY A 177 -14.52 22.48 9.96
C GLY A 177 -15.49 21.31 10.01
N HIS A 178 -16.76 21.63 10.24
CA HIS A 178 -17.84 20.65 10.12
C HIS A 178 -17.74 19.79 8.87
N SER A 179 -17.61 20.45 7.73
CA SER A 179 -17.60 19.77 6.47
C SER A 179 -16.33 18.95 6.28
N MET A 180 -15.19 19.49 6.68
CA MET A 180 -13.95 18.72 6.62
C MET A 180 -13.96 17.47 7.51
N LEU A 181 -14.48 17.61 8.73
CA LEU A 181 -14.45 16.51 9.68
C LEU A 181 -15.39 15.40 9.25
N HIS A 182 -16.61 15.75 8.84
CA HIS A 182 -17.53 14.75 8.35
C HIS A 182 -17.05 14.04 7.10
N THR A 183 -16.41 14.79 6.20
CA THR A 183 -15.74 14.18 5.06
C THR A 183 -14.61 13.20 5.47
N LEU A 184 -13.71 13.64 6.34
CA LEU A 184 -12.64 12.77 6.84
C LEU A 184 -13.20 11.54 7.56
N TYR A 185 -14.19 11.73 8.42
CA TYR A 185 -14.73 10.60 9.16
C TYR A 185 -15.32 9.57 8.20
N GLY A 186 -16.16 10.03 7.28
CA GLY A 186 -16.75 9.16 6.30
C GLY A 186 -15.71 8.40 5.52
N ASN A 187 -14.65 9.09 5.10
CA ASN A 187 -13.57 8.42 4.35
C ASN A 187 -12.78 7.43 5.17
N SER A 188 -12.69 7.65 6.48
CA SER A 188 -11.98 6.74 7.39
C SER A 188 -12.69 5.39 7.52
N LEU A 189 -13.97 5.33 7.16
CA LEU A 189 -14.74 4.08 7.20
C LEU A 189 -14.34 3.13 6.06
N ARG A 190 -13.80 3.68 4.98
CA ARG A 190 -13.32 2.93 3.81
C ARG A 190 -12.02 2.14 4.09
N CYS A 191 -11.29 2.51 5.15
CA CYS A 191 -9.91 2.05 5.39
C CYS A 191 -9.74 1.15 6.61
N HIS A 192 -10.81 0.46 7.01
CA HIS A 192 -10.74 -0.57 8.03
C HIS A 192 -9.91 -0.26 9.30
N CYS A 193 -9.96 0.98 9.78
CA CYS A 193 -9.42 1.32 11.09
C CYS A 193 -10.43 0.86 12.13
N THR A 194 -9.94 0.44 13.29
CA THR A 194 -10.87 0.04 14.35
C THR A 194 -11.04 1.16 15.38
N PHE A 195 -12.29 1.54 15.60
CA PHE A 195 -12.62 2.70 16.39
C PHE A 195 -13.00 2.26 17.79
N PHE A 196 -12.34 2.85 18.79
CA PHE A 196 -12.69 2.68 20.20
C PHE A 196 -13.25 4.02 20.62
N ILE A 197 -14.57 4.14 20.52
CA ILE A 197 -15.28 5.39 20.73
C ILE A 197 -15.77 5.52 22.18
N GLU A 198 -15.54 6.69 22.76
CA GLU A 198 -15.81 6.98 24.15
C GLU A 198 -14.98 6.07 25.04
N TYR A 199 -13.68 6.06 24.70
CA TYR A 199 -12.61 5.53 25.53
C TYR A 199 -11.81 6.75 25.91
N PHE A 200 -11.61 6.93 27.22
CA PHE A 200 -10.88 8.07 27.77
C PHE A 200 -9.45 7.63 28.06
N ALA A 201 -8.51 8.27 27.38
CA ALA A 201 -7.08 7.90 27.49
C ALA A 201 -6.51 8.46 28.78
N LEU A 202 -5.85 7.60 29.54
CA LEU A 202 -5.36 7.90 30.89
C LEU A 202 -3.87 8.23 30.89
N ASP A 203 -3.09 7.48 30.11
CA ASP A 203 -1.65 7.65 30.05
C ASP A 203 -1.08 6.99 28.80
N LEU A 204 0.08 7.47 28.39
CA LEU A 204 0.96 6.72 27.48
C LEU A 204 1.59 5.56 28.25
N LEU A 205 1.73 4.44 27.57
CA LEU A 205 2.43 3.27 28.11
C LEU A 205 3.90 3.35 27.67
N MET A 206 4.77 3.59 28.65
CA MET A 206 6.19 3.83 28.40
C MET A 206 7.07 2.68 28.91
N ASP A 207 8.09 2.33 28.12
CA ASP A 207 9.09 1.33 28.50
C ASP A 207 10.49 1.84 28.16
N LYS A 208 11.18 2.38 29.16
CA LYS A 208 12.55 2.88 29.04
C LYS A 208 12.67 3.96 27.97
N GLY A 209 11.82 4.98 28.09
CA GLY A 209 11.80 6.09 27.13
C GLY A 209 11.22 5.77 25.76
N ARG A 210 10.61 4.59 25.60
CA ARG A 210 9.93 4.20 24.36
C ARG A 210 8.43 4.08 24.62
N CYS A 211 7.60 4.67 23.74
CA CYS A 211 6.14 4.53 23.86
C CYS A 211 5.71 3.26 23.17
N VAL A 212 5.03 2.41 23.92
CA VAL A 212 4.63 1.09 23.41
C VAL A 212 3.11 0.94 23.37
N GLY A 213 2.41 2.06 23.59
CA GLY A 213 0.95 2.04 23.55
C GLY A 213 0.28 3.02 24.50
N VAL A 214 -0.98 2.71 24.80
CA VAL A 214 -1.86 3.62 25.54
C VAL A 214 -2.74 2.81 26.50
N ILE A 215 -3.17 3.42 27.60
CA ILE A 215 -4.16 2.82 28.48
C ILE A 215 -5.34 3.76 28.62
N ALA A 216 -6.54 3.21 28.49
CA ALA A 216 -7.76 4.02 28.46
C ALA A 216 -8.92 3.37 29.22
N LEU A 217 -9.86 4.20 29.66
CA LEU A 217 -11.08 3.72 30.30
C LEU A 217 -12.21 3.68 29.28
N CYS A 218 -12.93 2.55 29.21
CA CYS A 218 -14.10 2.43 28.34
C CYS A 218 -15.31 2.91 29.12
N LEU A 219 -15.93 3.99 28.66
CA LEU A 219 -17.05 4.59 29.38
C LEU A 219 -18.26 3.69 29.38
N GLU A 220 -18.49 2.99 28.28
CA GLU A 220 -19.70 2.18 28.13
C GLU A 220 -19.83 1.11 29.21
N ASP A 221 -18.72 0.44 29.54
CA ASP A 221 -18.79 -0.70 30.49
C ASP A 221 -17.79 -0.63 31.65
N GLY A 222 -17.05 0.47 31.74
CA GLY A 222 -16.15 0.69 32.85
C GLY A 222 -14.88 -0.14 32.82
N THR A 223 -14.63 -0.85 31.73
CA THR A 223 -13.43 -1.67 31.58
C THR A 223 -12.23 -0.81 31.19
N ILE A 224 -11.05 -1.32 31.48
CA ILE A 224 -9.81 -0.62 31.25
C ILE A 224 -9.08 -1.35 30.15
N HIS A 225 -8.58 -0.59 29.17
CA HIS A 225 -7.98 -1.16 27.98
C HIS A 225 -6.53 -0.73 27.80
N ARG A 226 -5.65 -1.70 27.57
CA ARG A 226 -4.27 -1.44 27.28
C ARG A 226 -4.04 -1.79 25.82
N PHE A 227 -3.67 -0.78 25.05
CA PHE A 227 -3.39 -0.96 23.65
C PHE A 227 -1.89 -1.03 23.46
N ARG A 228 -1.40 -2.19 23.04
CA ARG A 228 0.02 -2.36 22.69
C ARG A 228 0.16 -1.90 21.28
N SER A 229 1.18 -1.11 20.99
CA SER A 229 1.37 -0.63 19.63
C SER A 229 2.83 -0.36 19.29
N LYS A 230 3.21 -0.60 18.05
CA LYS A 230 4.54 -0.21 17.58
C LYS A 230 4.70 1.30 17.59
N ARG A 231 3.64 2.02 17.21
CA ARG A 231 3.66 3.48 17.25
C ARG A 231 2.41 4.03 17.87
N THR A 232 2.51 5.28 18.31
CA THR A 232 1.40 5.95 18.94
C THR A 232 1.39 7.38 18.48
N ILE A 233 0.23 7.88 18.07
CA ILE A 233 0.10 9.26 17.62
C ILE A 233 -0.82 9.98 18.58
N VAL A 234 -0.35 11.07 19.17
CA VAL A 234 -1.20 11.87 20.04
C VAL A 234 -1.77 12.99 19.19
N ALA A 235 -3.10 13.06 19.10
CA ALA A 235 -3.80 14.05 18.26
C ALA A 235 -5.05 14.52 18.99
N THR A 236 -4.82 15.08 20.17
CA THR A 236 -5.88 15.30 21.16
C THR A 236 -6.46 16.71 21.27
N GLY A 237 -6.00 17.63 20.43
CA GLY A 237 -6.58 18.98 20.45
C GLY A 237 -5.91 19.89 21.47
N GLY A 238 -6.59 21.01 21.78
CA GLY A 238 -6.08 22.03 22.69
C GLY A 238 -6.61 21.99 24.14
N TYR A 239 -6.27 23.04 24.89
CA TYR A 239 -6.65 23.16 26.29
C TYR A 239 -7.30 24.50 26.61
N GLY A 240 -8.16 24.99 25.72
CA GLY A 240 -8.82 26.28 25.95
C GLY A 240 -9.62 26.37 27.24
N ARG A 241 -10.09 25.22 27.74
CA ARG A 241 -10.92 25.20 28.95
C ARG A 241 -10.11 25.46 30.22
N ALA A 242 -8.80 25.64 30.08
CA ALA A 242 -8.00 26.18 31.17
C ALA A 242 -8.42 27.60 31.58
N TYR A 243 -9.10 28.32 30.68
CA TYR A 243 -9.56 29.70 30.90
C TYR A 243 -11.06 29.76 31.23
N PHE A 244 -11.53 30.90 31.74
CA PHE A 244 -12.95 31.05 32.10
C PHE A 244 -13.83 31.24 30.88
N SER A 245 -13.31 31.96 29.89
CA SER A 245 -14.05 32.21 28.67
C SER A 245 -13.23 31.73 27.48
N CYS A 246 -13.78 30.77 26.73
CA CYS A 246 -13.14 30.32 25.51
C CYS A 246 -14.17 30.06 24.39
N THR A 247 -13.68 29.88 23.19
CA THR A 247 -14.52 29.45 22.08
C THR A 247 -14.58 27.92 22.00
N THR A 248 -13.83 27.24 22.85
CA THR A 248 -13.52 25.84 22.60
C THR A 248 -14.52 24.90 23.25
N ALA A 249 -14.54 23.66 22.77
CA ALA A 249 -15.45 22.66 23.32
C ALA A 249 -15.11 22.37 24.77
N HIS A 250 -16.11 21.94 25.55
CA HIS A 250 -15.87 21.46 26.94
C HIS A 250 -14.81 20.35 26.98
N MET A 251 -14.60 19.68 25.85
CA MET A 251 -13.70 18.56 25.77
C MET A 251 -12.23 18.97 25.58
N ASN A 252 -11.97 20.26 25.37
CA ASN A 252 -10.60 20.77 25.17
C ASN A 252 -9.91 20.96 26.50
N THR A 253 -9.42 19.85 27.04
CA THR A 253 -8.89 19.81 28.38
C THR A 253 -7.40 19.44 28.42
N GLY A 254 -6.72 19.49 27.27
CA GLY A 254 -5.29 19.24 27.19
C GLY A 254 -4.86 17.85 27.63
N ASP A 255 -5.73 16.88 27.43
CA ASP A 255 -5.41 15.53 27.87
C ASP A 255 -4.09 15.02 27.24
N GLY A 256 -3.83 15.37 25.99
CA GLY A 256 -2.65 14.87 25.31
C GLY A 256 -1.35 15.41 25.86
N THR A 257 -1.30 16.72 26.02
CA THR A 257 -0.16 17.39 26.62
C THR A 257 0.03 16.92 28.07
N ALA A 258 -1.06 16.58 28.74
CA ALA A 258 -0.98 16.04 30.09
C ALA A 258 -0.37 14.63 30.09
N LEU A 259 -0.81 13.81 29.14
CA LEU A 259 -0.26 12.47 28.90
C LEU A 259 1.25 12.52 28.66
N ALA A 260 1.67 13.46 27.81
CA ALA A 260 3.06 13.67 27.52
C ALA A 260 3.79 14.07 28.79
N THR A 261 3.26 15.05 29.53
CA THR A 261 3.88 15.46 30.79
C THR A 261 4.10 14.25 31.71
N ARG A 262 3.05 13.46 31.94
CA ARG A 262 3.17 12.27 32.82
C ARG A 262 4.10 11.18 32.25
N ALA A 263 4.42 11.24 30.97
CA ALA A 263 5.43 10.37 30.37
C ALA A 263 6.87 10.91 30.50
N GLY A 264 7.05 12.05 31.17
CA GLY A 264 8.38 12.62 31.36
C GLY A 264 8.86 13.55 30.24
N ILE A 265 7.93 14.02 29.41
CA ILE A 265 8.25 14.82 28.22
C ILE A 265 7.94 16.26 28.52
N ALA A 266 8.87 17.15 28.18
CA ALA A 266 8.66 18.59 28.35
C ALA A 266 7.76 19.12 27.25
N LEU A 267 6.91 20.08 27.61
CA LEU A 267 5.99 20.73 26.66
C LEU A 267 6.59 22.04 26.20
N GLU A 268 6.11 22.55 25.07
CA GLU A 268 6.76 23.69 24.42
C GLU A 268 5.82 24.86 24.15
N ASP A 269 6.30 26.07 24.45
CA ASP A 269 5.62 27.32 24.06
C ASP A 269 4.19 27.48 24.56
N LEU A 270 3.93 26.99 25.78
CA LEU A 270 2.57 26.97 26.31
C LEU A 270 2.04 28.34 26.65
N GLU A 271 2.94 29.29 26.85
CA GLU A 271 2.54 30.66 27.17
C GLU A 271 1.87 31.34 25.96
N PHE A 272 2.02 30.77 24.77
CA PHE A 272 1.45 31.36 23.57
C PHE A 272 0.00 30.90 23.30
N ILE A 273 -0.92 31.63 23.92
CA ILE A 273 -2.36 31.45 23.80
C ILE A 273 -2.97 32.46 22.84
N GLN A 274 -3.60 31.97 21.78
CA GLN A 274 -4.33 32.82 20.86
C GLN A 274 -5.67 33.22 21.45
N PHE A 275 -5.87 34.53 21.60
CA PHE A 275 -7.18 35.11 21.80
C PHE A 275 -7.72 35.51 20.41
N HIS A 276 -8.83 34.89 20.01
CA HIS A 276 -9.47 35.22 18.76
C HIS A 276 -10.19 36.53 19.02
N PRO A 277 -10.12 37.47 18.06
CA PRO A 277 -10.70 38.80 18.18
C PRO A 277 -12.20 38.85 18.49
N THR A 278 -12.95 37.87 17.97
CA THR A 278 -14.41 37.93 17.96
C THR A 278 -15.08 36.65 18.46
N GLY A 279 -15.09 36.48 19.79
CA GLY A 279 -16.03 35.58 20.44
C GLY A 279 -17.23 36.42 20.81
N ILE A 280 -18.43 35.85 20.72
CA ILE A 280 -19.62 36.57 21.13
C ILE A 280 -19.46 36.95 22.60
N TYR A 281 -19.74 38.22 22.90
CA TYR A 281 -19.59 38.80 24.23
C TYR A 281 -20.24 37.97 25.32
N GLY A 282 -21.50 37.64 25.17
CA GLY A 282 -22.15 36.84 26.22
C GLY A 282 -21.44 35.52 26.55
N VAL A 283 -21.37 34.64 25.56
CA VAL A 283 -21.17 33.22 25.81
C VAL A 283 -19.89 32.61 25.22
N GLY A 284 -19.13 33.37 24.44
CA GLY A 284 -17.86 32.89 23.92
C GLY A 284 -17.89 32.24 22.54
N CYS A 285 -19.09 32.07 21.96
CA CYS A 285 -19.24 31.47 20.64
C CYS A 285 -18.43 32.20 19.61
N LEU A 286 -17.61 31.46 18.88
CA LEU A 286 -16.81 32.05 17.83
C LEU A 286 -17.67 32.65 16.73
N ILE A 287 -17.29 33.85 16.29
CA ILE A 287 -17.77 34.44 15.05
C ILE A 287 -16.58 34.51 14.12
N THR A 288 -16.63 33.77 13.02
CA THR A 288 -15.47 33.64 12.16
C THR A 288 -14.86 34.96 11.69
N GLU A 289 -13.54 34.96 11.66
CA GLU A 289 -12.73 35.98 11.04
C GLU A 289 -13.09 36.18 9.57
N GLY A 290 -13.67 35.15 8.96
CA GLY A 290 -14.17 35.24 7.59
C GLY A 290 -15.20 36.33 7.41
N SER A 291 -15.93 36.66 8.46
CA SER A 291 -16.87 37.76 8.41
C SER A 291 -16.15 39.08 8.11
N ARG A 292 -14.95 39.25 8.67
CA ARG A 292 -14.10 40.39 8.29
C ARG A 292 -13.50 40.17 6.91
N GLY A 293 -13.11 38.93 6.63
CA GLY A 293 -12.57 38.55 5.32
C GLY A 293 -13.48 38.95 4.19
N GLU A 294 -14.79 38.77 4.40
CA GLU A 294 -15.81 39.11 3.42
C GLU A 294 -16.20 40.59 3.43
N GLY A 295 -15.66 41.39 4.37
CA GLY A 295 -15.87 42.84 4.38
C GLY A 295 -16.44 43.45 5.65
N GLY A 296 -16.71 42.62 6.65
CA GLY A 296 -17.10 43.10 7.96
C GLY A 296 -15.99 43.88 8.65
N PHE A 297 -16.36 44.69 9.64
CA PHE A 297 -15.36 45.43 10.40
C PHE A 297 -15.78 45.75 11.81
N LEU A 298 -14.77 46.03 12.63
CA LEU A 298 -14.93 46.31 14.06
C LEU A 298 -15.22 47.79 14.30
N VAL A 299 -16.19 48.07 15.16
CA VAL A 299 -16.58 49.44 15.51
C VAL A 299 -16.55 49.64 17.05
N ASN A 300 -16.03 50.78 17.49
CA ASN A 300 -16.04 51.13 18.92
C ASN A 300 -17.25 52.02 19.23
N SER A 301 -17.37 52.50 20.49
CA SER A 301 -18.52 53.32 20.87
C SER A 301 -18.59 54.72 20.20
N GLU A 302 -17.54 55.13 19.50
CA GLU A 302 -17.56 56.40 18.76
C GLU A 302 -17.99 56.20 17.31
N GLY A 303 -18.42 54.99 16.95
CA GLY A 303 -18.71 54.68 15.56
C GLY A 303 -17.48 54.74 14.66
N GLU A 304 -16.30 54.54 15.24
CA GLU A 304 -15.04 54.56 14.50
C GLU A 304 -14.61 53.14 14.11
N ARG A 305 -14.21 52.99 12.85
CA ARG A 305 -13.55 51.78 12.37
C ARG A 305 -12.09 51.82 12.85
N PHE A 306 -11.89 51.55 14.14
CA PHE A 306 -10.61 51.84 14.79
C PHE A 306 -9.40 51.00 14.32
N MET A 307 -9.61 49.86 13.67
CA MET A 307 -8.47 49.09 13.18
C MET A 307 -7.66 49.83 12.11
N GLU A 308 -8.29 50.79 11.43
CA GLU A 308 -7.57 51.74 10.57
C GLU A 308 -6.48 52.54 11.30
N ARG A 309 -6.67 52.78 12.60
CA ARG A 309 -5.65 53.42 13.47
C ARG A 309 -4.58 52.43 13.97
N TYR A 310 -4.97 51.26 14.44
CA TYR A 310 -3.99 50.26 14.94
C TYR A 310 -3.24 49.51 13.84
N ALA A 311 -3.78 49.51 12.61
CA ALA A 311 -3.19 48.75 11.52
C ALA A 311 -3.61 49.36 10.18
N PRO A 312 -2.98 50.48 9.81
CA PRO A 312 -3.42 51.26 8.63
C PRO A 312 -3.39 50.52 7.31
N LYS A 313 -2.44 49.58 7.14
CA LYS A 313 -2.41 48.74 5.94
C LYS A 313 -3.48 47.64 5.98
N ALA A 314 -3.32 46.63 6.82
CA ALA A 314 -4.20 45.44 6.78
C ALA A 314 -5.58 45.68 7.41
N LYS A 315 -5.65 46.63 8.34
CA LYS A 315 -6.90 47.07 8.96
C LYS A 315 -7.50 45.95 9.78
N ASP A 316 -8.77 45.62 9.56
CA ASP A 316 -9.43 44.58 10.35
C ASP A 316 -8.92 43.17 10.02
N LEU A 317 -8.07 43.05 9.00
CA LEU A 317 -7.49 41.79 8.59
C LEU A 317 -6.01 41.74 8.96
N ALA A 318 -5.63 42.49 9.98
CA ALA A 318 -4.36 42.30 10.66
C ALA A 318 -4.34 40.92 11.33
N SER A 319 -3.18 40.53 11.86
CA SER A 319 -3.07 39.27 12.60
C SER A 319 -3.91 39.31 13.89
N ARG A 320 -4.16 38.13 14.45
CA ARG A 320 -5.08 37.99 15.57
C ARG A 320 -4.55 38.58 16.88
N ASP A 321 -3.25 38.48 17.11
CA ASP A 321 -2.69 39.06 18.33
C ASP A 321 -2.86 40.58 18.34
N VAL A 322 -2.71 41.20 17.17
CA VAL A 322 -2.73 42.64 17.02
C VAL A 322 -4.16 43.16 17.13
N VAL A 323 -5.09 42.51 16.43
CA VAL A 323 -6.50 42.90 16.51
C VAL A 323 -7.02 42.73 17.94
N SER A 324 -6.67 41.63 18.59
CA SER A 324 -7.17 41.40 19.95
C SER A 324 -6.63 42.42 20.95
N ARG A 325 -5.36 42.78 20.80
CA ARG A 325 -4.77 43.83 21.64
C ARG A 325 -5.45 45.16 21.38
N ALA A 326 -5.68 45.47 20.11
CA ALA A 326 -6.36 46.72 19.72
C ALA A 326 -7.71 46.86 20.41
N GLU A 327 -8.53 45.80 20.32
CA GLU A 327 -9.85 45.82 20.93
C GLU A 327 -9.74 46.06 22.43
N THR A 328 -8.78 45.40 23.06
CA THR A 328 -8.62 45.47 24.50
C THR A 328 -8.19 46.86 24.96
N ILE A 329 -7.31 47.51 24.20
CA ILE A 329 -6.97 48.91 24.49
C ILE A 329 -8.21 49.81 24.39
N GLU A 330 -9.01 49.65 23.33
CA GLU A 330 -10.24 50.45 23.18
C GLU A 330 -11.16 50.35 24.38
N ILE A 331 -11.29 49.13 24.93
CA ILE A 331 -12.09 48.90 26.12
C ILE A 331 -11.49 49.65 27.32
N MET A 332 -10.18 49.47 27.54
CA MET A 332 -9.48 50.14 28.66
C MET A 332 -9.64 51.65 28.60
N GLU A 333 -9.42 52.23 27.42
CA GLU A 333 -9.45 53.68 27.24
C GLU A 333 -10.85 54.25 27.03
N GLY A 334 -11.88 53.51 27.43
CA GLY A 334 -13.25 54.03 27.53
C GLY A 334 -14.10 54.02 26.27
N ARG A 335 -13.66 53.36 25.19
CA ARG A 335 -14.43 53.32 23.94
C ARG A 335 -15.08 51.95 23.69
N GLY A 336 -15.25 51.20 24.78
CA GLY A 336 -15.99 49.96 24.79
C GLY A 336 -17.47 50.20 24.64
N VAL A 337 -18.18 49.17 24.20
CA VAL A 337 -19.56 49.31 23.74
C VAL A 337 -20.48 48.45 24.63
N GLY A 338 -21.78 48.71 24.56
CA GLY A 338 -22.76 48.04 25.42
C GLY A 338 -22.93 48.69 26.79
N PRO A 339 -23.93 48.25 27.58
CA PRO A 339 -24.25 48.87 28.88
C PRO A 339 -23.07 49.03 29.86
N GLU A 340 -22.12 48.11 29.80
CA GLU A 340 -20.96 48.13 30.68
C GLU A 340 -19.69 48.61 29.99
N LYS A 341 -19.81 49.07 28.75
CA LYS A 341 -18.67 49.51 27.94
C LYS A 341 -17.48 48.55 28.05
N ASP A 342 -17.75 47.26 27.82
CA ASP A 342 -16.77 46.19 28.07
C ASP A 342 -16.56 45.24 26.88
N HIS A 343 -17.06 45.62 25.70
CA HIS A 343 -16.88 44.79 24.50
C HIS A 343 -16.90 45.65 23.22
N ILE A 344 -16.94 45.01 22.05
CA ILE A 344 -16.82 45.70 20.75
C ILE A 344 -17.96 45.28 19.81
N TYR A 345 -18.25 46.09 18.79
CA TYR A 345 -19.21 45.68 17.76
C TYR A 345 -18.51 45.17 16.52
N LEU A 346 -19.00 44.06 15.98
CA LEU A 346 -18.57 43.56 14.68
C LEU A 346 -19.69 43.87 13.71
N GLN A 347 -19.44 44.78 12.77
CA GLN A 347 -20.47 45.23 11.87
C GLN A 347 -20.46 44.45 10.55
N LEU A 348 -21.62 43.92 10.18
CA LEU A 348 -21.78 43.19 8.92
C LEU A 348 -22.93 43.74 8.06
N HIS A 349 -23.84 44.48 8.70
CA HIS A 349 -25.10 44.91 8.07
C HIS A 349 -24.94 45.79 6.84
N HIS A 350 -23.76 46.33 6.61
CA HIS A 350 -23.49 47.06 5.37
C HIS A 350 -23.31 46.15 4.14
N LEU A 351 -23.05 44.86 4.38
CA LEU A 351 -22.90 43.88 3.31
C LEU A 351 -24.26 43.45 2.74
N PRO A 352 -24.29 43.06 1.45
CA PRO A 352 -25.54 42.56 0.87
C PRO A 352 -26.04 41.28 1.57
N ALA A 353 -27.37 41.18 1.72
CA ALA A 353 -28.00 40.04 2.37
C ALA A 353 -27.67 38.73 1.64
N GLU A 354 -27.53 38.77 0.32
CA GLU A 354 -27.18 37.57 -0.44
C GLU A 354 -25.76 37.07 -0.10
N GLN A 355 -24.83 37.99 0.13
CA GLN A 355 -23.48 37.61 0.52
C GLN A 355 -23.48 37.02 1.93
N LEU A 356 -24.19 37.67 2.86
CA LEU A 356 -24.27 37.19 4.23
C LEU A 356 -24.79 35.74 4.31
N HIS A 357 -25.87 35.48 3.57
CA HIS A 357 -26.49 34.16 3.53
C HIS A 357 -25.63 33.11 2.82
N GLN A 358 -24.96 33.52 1.76
CA GLN A 358 -24.15 32.63 0.91
C GLN A 358 -22.82 32.27 1.56
N ARG A 359 -22.24 33.23 2.27
CA ARG A 359 -20.89 33.13 2.78
C ARG A 359 -20.83 32.95 4.31
N LEU A 360 -21.86 33.41 5.02
CA LEU A 360 -21.81 33.45 6.48
C LEU A 360 -23.09 32.96 7.15
N PRO A 361 -23.71 31.90 6.61
CA PRO A 361 -25.01 31.51 7.15
C PRO A 361 -24.95 30.99 8.58
N GLY A 362 -23.84 30.37 8.94
CA GLY A 362 -23.71 29.72 10.22
C GLY A 362 -23.71 30.73 11.35
N ILE A 363 -22.79 31.70 11.26
CA ILE A 363 -22.73 32.76 12.26
C ILE A 363 -23.99 33.64 12.22
N SER A 364 -24.61 33.79 11.04
CA SER A 364 -25.92 34.46 10.97
C SER A 364 -26.94 33.83 11.90
N GLU A 365 -27.01 32.51 11.89
CA GLU A 365 -27.91 31.80 12.79
C GLU A 365 -27.42 31.90 14.25
N THR A 366 -26.12 31.68 14.46
CA THR A 366 -25.55 31.70 15.80
C THR A 366 -25.71 33.07 16.47
N ALA A 367 -25.48 34.13 15.71
CA ALA A 367 -25.65 35.49 16.24
C ALA A 367 -27.10 35.73 16.67
N LYS A 368 -28.02 35.17 15.90
CA LYS A 368 -29.45 35.29 16.20
C LYS A 368 -29.84 34.49 17.44
N ILE A 369 -29.33 33.26 17.59
CA ILE A 369 -29.68 32.43 18.75
C ILE A 369 -29.05 32.95 20.03
N PHE A 370 -27.78 33.38 19.95
CA PHE A 370 -27.02 33.73 21.16
C PHE A 370 -26.91 35.22 21.51
N ALA A 371 -27.24 36.12 20.59
CA ALA A 371 -27.22 37.55 20.88
C ALA A 371 -28.51 38.30 20.49
N GLY A 372 -29.52 37.60 19.99
CA GLY A 372 -30.73 38.26 19.50
C GLY A 372 -30.43 39.22 18.35
N VAL A 373 -29.37 38.97 17.59
CA VAL A 373 -28.94 39.92 16.56
C VAL A 373 -29.27 39.41 15.18
N ASP A 374 -29.92 40.26 14.39
CA ASP A 374 -30.09 40.05 12.96
C ASP A 374 -28.92 40.77 12.29
N VAL A 375 -27.98 40.01 11.72
CA VAL A 375 -26.76 40.60 11.14
C VAL A 375 -26.99 41.46 9.89
N THR A 376 -28.16 41.36 9.24
CA THR A 376 -28.49 42.28 8.14
C THR A 376 -28.81 43.69 8.66
N LYS A 377 -28.99 43.83 9.97
CA LYS A 377 -29.49 45.07 10.55
C LYS A 377 -28.69 45.62 11.73
N GLU A 378 -28.19 44.73 12.59
CA GLU A 378 -27.50 45.09 13.84
C GLU A 378 -26.09 44.48 13.93
N PRO A 379 -25.16 45.13 14.65
CA PRO A 379 -23.83 44.53 14.80
C PRO A 379 -23.81 43.42 15.86
N ILE A 380 -22.79 42.58 15.82
CA ILE A 380 -22.63 41.49 16.78
C ILE A 380 -21.74 41.95 17.91
N PRO A 381 -22.18 41.78 19.17
CA PRO A 381 -21.30 42.14 20.27
C PRO A 381 -20.25 41.06 20.49
N VAL A 382 -18.98 41.47 20.41
CA VAL A 382 -17.85 40.56 20.46
C VAL A 382 -16.76 41.04 21.41
N ILE A 383 -15.86 40.11 21.73
CA ILE A 383 -14.73 40.40 22.56
C ILE A 383 -13.66 39.33 22.31
N PRO A 384 -12.37 39.69 22.46
CA PRO A 384 -11.32 38.69 22.40
C PRO A 384 -11.57 37.54 23.36
N THR A 385 -11.36 36.32 22.88
CA THR A 385 -11.69 35.11 23.63
C THR A 385 -10.65 34.01 23.35
N VAL A 386 -10.22 33.33 24.41
CA VAL A 386 -9.23 32.24 24.31
C VAL A 386 -9.71 31.20 23.29
N HIS A 387 -8.83 30.78 22.39
CA HIS A 387 -9.30 30.14 21.14
C HIS A 387 -8.44 29.01 20.63
N TYR A 388 -7.12 29.16 20.69
CA TYR A 388 -6.20 28.19 20.11
C TYR A 388 -4.87 28.15 20.86
N ASN A 389 -4.29 26.96 20.94
CA ASN A 389 -3.02 26.77 21.62
C ASN A 389 -1.89 26.46 20.65
N MET A 390 -1.04 27.44 20.37
CA MET A 390 0.12 27.13 19.52
C MET A 390 1.16 26.29 20.25
N GLY A 391 1.15 26.30 21.57
CA GLY A 391 2.03 25.43 22.31
C GLY A 391 1.55 23.98 22.31
N GLY A 392 2.41 23.08 22.80
CA GLY A 392 2.05 21.68 22.92
C GLY A 392 3.27 20.78 22.96
N ILE A 393 3.06 19.54 22.54
CA ILE A 393 4.09 18.52 22.57
C ILE A 393 5.12 18.81 21.49
N PRO A 394 6.38 19.02 21.87
CA PRO A 394 7.37 19.34 20.83
C PRO A 394 7.68 18.18 19.88
N THR A 395 7.70 18.46 18.59
CA THR A 395 8.13 17.49 17.60
C THR A 395 9.18 18.10 16.68
N ASN A 396 9.86 17.25 15.91
CA ASN A 396 10.62 17.69 14.73
C ASN A 396 9.66 17.86 13.54
N TYR A 397 10.19 18.20 12.36
CA TYR A 397 9.35 18.44 11.19
C TYR A 397 8.59 17.19 10.73
N LYS A 398 9.08 16.01 11.10
CA LYS A 398 8.43 14.74 10.75
C LYS A 398 7.32 14.35 11.76
N ALA A 399 7.04 15.24 12.71
CA ALA A 399 5.99 15.03 13.73
C ALA A 399 6.33 13.93 14.74
N GLN A 400 7.62 13.63 14.85
CA GLN A 400 8.11 12.70 15.86
C GLN A 400 8.38 13.49 17.11
N VAL A 401 7.87 13.00 18.23
CA VAL A 401 8.02 13.74 19.49
C VAL A 401 9.47 13.73 19.88
N ILE A 402 9.93 14.86 20.43
CA ILE A 402 11.32 15.02 20.84
C ILE A 402 11.48 15.48 22.30
N LYS A 403 12.62 15.09 22.86
CA LYS A 403 13.12 15.68 24.09
C LYS A 403 14.38 16.42 23.72
N TYR A 404 14.68 17.49 24.46
CA TYR A 404 15.84 18.31 24.16
C TYR A 404 16.70 18.55 25.40
N THR A 405 18.01 18.43 25.22
CA THR A 405 19.01 19.01 26.14
C THR A 405 20.02 19.83 25.32
N LYS A 406 20.59 20.86 25.96
CA LYS A 406 21.66 21.65 25.36
C LYS A 406 22.81 20.79 24.80
N GLU A 407 23.20 19.76 25.55
CA GLU A 407 24.37 18.93 25.20
C GLU A 407 24.10 17.99 24.01
N GLY A 408 22.94 17.32 24.02
CA GLY A 408 22.59 16.31 23.00
C GLY A 408 21.64 16.78 21.90
N GLY A 409 21.14 18.00 22.01
CA GLY A 409 20.15 18.53 21.08
C GLY A 409 18.84 17.77 21.15
N ASP A 410 18.10 17.79 20.04
CA ASP A 410 16.85 17.06 19.91
C ASP A 410 17.05 15.54 19.83
N LYS A 411 16.40 14.80 20.73
CA LYS A 411 16.32 13.32 20.69
C LYS A 411 14.86 12.84 20.58
N ILE A 412 14.53 12.06 19.55
CA ILE A 412 13.17 11.59 19.41
C ILE A 412 12.81 10.58 20.50
N VAL A 413 11.59 10.69 21.02
CA VAL A 413 11.01 9.65 21.85
C VAL A 413 10.58 8.51 20.93
N PRO A 414 11.26 7.36 21.01
CA PRO A 414 10.88 6.29 20.08
C PRO A 414 9.43 5.86 20.25
N GLY A 415 8.77 5.57 19.14
CA GLY A 415 7.39 5.07 19.14
C GLY A 415 6.29 6.13 19.05
N LEU A 416 6.66 7.39 19.23
CA LEU A 416 5.69 8.42 19.59
C LEU A 416 5.67 9.61 18.65
N TYR A 417 4.48 9.90 18.14
CA TYR A 417 4.25 11.04 17.24
C TYR A 417 3.13 11.92 17.84
N ALA A 418 3.04 13.15 17.35
CA ALA A 418 2.00 14.08 17.75
C ALA A 418 1.62 14.99 16.56
N CYS A 419 0.34 15.28 16.41
CA CYS A 419 -0.09 16.24 15.42
C CYS A 419 -1.38 16.92 15.83
N GLY A 420 -1.77 17.93 15.06
CA GLY A 420 -2.91 18.77 15.42
C GLY A 420 -2.55 19.79 16.48
N GLU A 421 -3.58 20.35 17.10
CA GLU A 421 -3.40 21.44 18.07
C GLU A 421 -2.64 20.99 19.31
N CYS A 422 -2.63 19.71 19.62
CA CYS A 422 -1.86 19.22 20.78
C CYS A 422 -0.34 19.31 20.54
N ALA A 423 0.08 19.43 19.29
CA ALA A 423 1.52 19.48 18.94
C ALA A 423 2.08 20.89 18.94
N CYS A 424 3.42 20.96 18.95
CA CYS A 424 4.17 22.19 18.69
C CYS A 424 5.32 21.85 17.76
N HIS A 425 5.07 21.95 16.46
CA HIS A 425 6.00 21.47 15.45
C HIS A 425 7.33 22.27 15.25
N SER A 426 7.38 23.60 15.34
CA SER A 426 6.26 24.52 15.54
C SER A 426 5.91 25.28 14.26
N VAL A 427 4.70 25.07 13.74
CA VAL A 427 4.29 25.75 12.52
C VAL A 427 3.63 27.10 12.78
N HIS A 428 3.27 27.39 14.04
CA HIS A 428 2.61 28.66 14.34
C HIS A 428 3.45 29.64 15.18
N GLY A 429 4.54 29.17 15.76
CA GLY A 429 5.40 29.99 16.60
C GLY A 429 4.60 30.72 17.64
N ALA A 430 4.75 32.04 17.70
CA ALA A 430 4.07 32.87 18.71
C ALA A 430 2.68 33.35 18.31
N ASN A 431 2.28 33.06 17.07
CA ASN A 431 0.95 33.46 16.66
C ASN A 431 0.47 32.71 15.45
N ARG A 432 -0.61 31.98 15.64
CA ARG A 432 -1.15 31.17 14.60
C ARG A 432 -1.94 32.04 13.64
N LEU A 433 -1.69 31.84 12.35
CA LEU A 433 -2.42 32.53 11.29
C LEU A 433 -3.76 31.83 11.05
N GLY A 434 -4.80 32.62 10.84
CA GLY A 434 -6.12 32.08 10.56
C GLY A 434 -6.14 31.13 9.37
N ALA A 435 -6.84 30.01 9.55
CA ALA A 435 -7.02 28.96 8.55
C ALA A 435 -5.78 28.10 8.30
N ASN A 436 -4.75 28.24 9.14
CA ASN A 436 -3.57 27.39 9.05
C ASN A 436 -3.68 26.13 9.91
N SER A 437 -4.66 26.08 10.81
CA SER A 437 -4.73 24.98 11.77
C SER A 437 -5.46 23.76 11.21
N LEU A 438 -6.58 23.97 10.53
CA LEU A 438 -7.17 22.84 9.84
C LEU A 438 -6.17 22.30 8.84
N LEU A 439 -5.35 23.20 8.29
CA LEU A 439 -4.34 22.82 7.32
C LEU A 439 -3.29 21.99 8.00
N ASP A 440 -2.83 22.52 9.14
CA ASP A 440 -1.84 21.91 9.97
C ASP A 440 -2.25 20.46 10.30
N ALA A 441 -3.48 20.30 10.75
CA ALA A 441 -3.96 18.99 11.20
C ALA A 441 -3.95 17.96 10.06
N VAL A 442 -4.36 18.38 8.88
CA VAL A 442 -4.45 17.45 7.74
C VAL A 442 -3.04 17.15 7.23
N VAL A 443 -2.23 18.19 7.08
CA VAL A 443 -0.90 18.05 6.50
C VAL A 443 -0.02 17.17 7.38
N PHE A 444 -0.02 17.43 8.68
CA PHE A 444 0.87 16.67 9.58
C PHE A 444 0.28 15.35 10.02
N GLY A 445 -1.04 15.27 10.03
CA GLY A 445 -1.73 14.01 10.22
C GLY A 445 -1.37 13.11 9.07
N ARG A 446 -1.40 13.64 7.86
CA ARG A 446 -0.94 12.89 6.70
C ARG A 446 0.54 12.56 6.83
N ALA A 447 1.34 13.54 7.22
CA ALA A 447 2.78 13.31 7.39
C ALA A 447 3.07 12.11 8.33
N CYS A 448 2.34 12.00 9.44
CA CYS A 448 2.51 10.86 10.36
C CYS A 448 2.36 9.52 9.64
N SER A 449 1.31 9.36 8.85
CA SER A 449 1.12 8.11 8.11
C SER A 449 2.25 7.88 7.10
N ILE A 450 2.70 8.94 6.44
CA ILE A 450 3.78 8.82 5.47
C ILE A 450 5.08 8.44 6.18
N ASN A 451 5.39 9.13 7.25
CA ASN A 451 6.63 8.86 7.94
C ASN A 451 6.63 7.49 8.59
N ILE A 452 5.50 7.08 9.16
CA ILE A 452 5.40 5.73 9.72
C ILE A 452 5.51 4.63 8.64
N LYS A 453 4.83 4.77 7.50
CA LYS A 453 4.97 3.79 6.41
C LYS A 453 6.43 3.63 5.98
N GLU A 454 7.15 4.76 5.91
CA GLU A 454 8.52 4.76 5.43
C GLU A 454 9.49 4.16 6.47
N GLU A 455 9.40 4.55 7.73
CA GLU A 455 10.36 4.08 8.76
C GLU A 455 9.98 2.78 9.51
N LEU A 456 8.72 2.36 9.43
CA LEU A 456 8.26 1.13 10.11
C LEU A 456 8.19 -0.07 9.14
N LYS A 457 8.90 -1.14 9.47
CA LYS A 457 9.04 -2.29 8.58
C LYS A 457 8.21 -3.47 9.09
N PRO A 458 7.73 -4.35 8.18
CA PRO A 458 6.90 -5.50 8.60
C PRO A 458 7.68 -6.56 9.40
N ASP A 459 8.92 -6.24 9.75
CA ASP A 459 9.83 -7.10 10.49
C ASP A 459 9.68 -6.84 12.00
N GLU A 460 9.74 -5.55 12.39
CA GLU A 460 9.51 -5.11 13.77
C GLU A 460 8.25 -5.78 14.33
N LYS A 461 8.33 -6.31 15.56
CA LYS A 461 7.18 -6.96 16.19
C LYS A 461 6.50 -6.00 17.16
N ILE A 462 5.22 -6.22 17.43
CA ILE A 462 4.47 -5.38 18.38
C ILE A 462 5.08 -5.66 19.75
N PRO A 463 5.44 -4.61 20.50
CA PRO A 463 6.16 -4.83 21.75
C PRO A 463 5.32 -5.51 22.83
N GLU A 464 5.98 -6.19 23.75
CA GLU A 464 5.32 -6.78 24.89
C GLU A 464 5.34 -5.71 25.99
N LEU A 465 4.25 -5.59 26.74
CA LEU A 465 4.18 -4.61 27.81
C LEU A 465 5.07 -5.00 28.99
N PRO A 466 5.76 -4.01 29.61
CA PRO A 466 6.44 -4.34 30.85
C PRO A 466 5.43 -4.68 31.94
N GLU A 467 5.86 -5.51 32.89
CA GLU A 467 5.03 -5.93 34.01
C GLU A 467 4.56 -4.72 34.81
N GLY A 468 3.30 -4.73 35.20
CA GLY A 468 2.70 -3.59 35.91
C GLY A 468 2.33 -2.39 35.06
N ALA A 469 2.39 -2.50 33.74
CA ALA A 469 2.19 -1.34 32.87
C ALA A 469 0.76 -0.79 32.97
N GLY A 470 0.66 0.52 33.20
CA GLY A 470 -0.63 1.16 33.36
C GLY A 470 -1.18 1.12 34.77
N GLU A 471 -0.52 0.39 35.67
CA GLU A 471 -1.01 0.18 37.04
C GLU A 471 -1.10 1.49 37.84
N GLU A 472 -0.17 2.41 37.60
CA GLU A 472 -0.25 3.73 38.23
C GLU A 472 -1.43 4.58 37.70
N SER A 473 -1.78 4.39 36.42
CA SER A 473 -2.89 5.14 35.81
C SER A 473 -4.17 4.65 36.45
N ILE A 474 -4.24 3.34 36.65
CA ILE A 474 -5.42 2.72 37.29
C ILE A 474 -5.55 3.19 38.74
N ALA A 475 -4.42 3.26 39.45
CA ALA A 475 -4.39 3.76 40.83
C ALA A 475 -4.87 5.20 40.94
N ASN A 476 -4.44 6.04 40.02
CA ASN A 476 -4.93 7.41 40.00
C ASN A 476 -6.44 7.44 39.73
N LEU A 477 -6.89 6.61 38.79
CA LEU A 477 -8.31 6.54 38.46
C LEU A 477 -9.14 6.20 39.69
N ASP A 478 -8.72 5.14 40.38
CA ASP A 478 -9.37 4.67 41.60
C ASP A 478 -9.42 5.77 42.63
N ALA A 479 -8.32 6.48 42.83
CA ALA A 479 -8.30 7.51 43.89
C ALA A 479 -9.20 8.71 43.58
N VAL A 480 -9.26 9.11 42.30
CA VAL A 480 -10.14 10.20 41.85
C VAL A 480 -11.59 9.74 41.93
N ARG A 481 -11.80 8.48 41.59
CA ARG A 481 -13.14 7.91 41.56
C ARG A 481 -13.76 7.86 42.94
N TYR A 482 -12.93 7.60 43.95
CA TYR A 482 -13.41 7.50 45.33
C TYR A 482 -13.04 8.71 46.16
N ALA A 483 -12.52 9.75 45.50
CA ALA A 483 -12.02 10.92 46.21
C ALA A 483 -13.02 11.41 47.27
N ASN A 484 -12.47 11.79 48.41
CA ASN A 484 -13.13 11.89 49.72
C ASN A 484 -13.10 13.30 50.32
N GLY A 485 -12.33 14.22 49.73
CA GLY A 485 -12.03 15.51 50.33
C GLY A 485 -13.19 16.47 50.39
N ASP A 486 -12.88 17.76 50.50
CA ASP A 486 -13.91 18.79 50.72
C ASP A 486 -14.01 19.86 49.61
N VAL A 487 -13.16 19.80 48.59
CA VAL A 487 -13.24 20.72 47.46
C VAL A 487 -13.71 20.00 46.17
N PRO A 488 -14.98 20.18 45.78
CA PRO A 488 -15.51 19.49 44.59
C PRO A 488 -14.89 19.94 43.27
N THR A 489 -14.68 18.98 42.38
CA THR A 489 -13.97 19.23 41.12
C THR A 489 -14.46 20.48 40.37
N ALA A 490 -15.75 20.74 40.40
CA ALA A 490 -16.34 21.90 39.72
C ALA A 490 -15.92 23.27 40.30
N GLU A 491 -15.73 23.34 41.62
CA GLU A 491 -15.26 24.60 42.24
C GLU A 491 -13.81 24.88 41.88
N LEU A 492 -12.99 23.85 42.07
CA LEU A 492 -11.59 23.90 41.74
C LEU A 492 -11.33 24.24 40.27
N ARG A 493 -12.13 23.67 39.36
CA ARG A 493 -12.03 24.00 37.95
C ARG A 493 -12.33 25.49 37.77
N LEU A 494 -13.40 25.95 38.41
CA LEU A 494 -13.82 27.34 38.25
C LEU A 494 -12.75 28.32 38.77
N THR A 495 -12.09 28.00 39.88
CA THR A 495 -11.07 28.91 40.40
C THR A 495 -9.85 28.89 39.48
N MET A 496 -9.48 27.72 38.98
CA MET A 496 -8.43 27.61 37.96
C MET A 496 -8.71 28.54 36.78
N GLN A 497 -9.93 28.44 36.24
CA GLN A 497 -10.31 29.18 35.06
C GLN A 497 -10.30 30.69 35.28
N LYS A 498 -10.89 31.13 36.40
CA LYS A 498 -10.92 32.56 36.72
C LYS A 498 -9.50 33.09 36.98
N THR A 499 -8.66 32.26 37.56
CA THR A 499 -7.30 32.63 37.88
C THR A 499 -6.50 32.84 36.62
N MET A 500 -6.66 31.92 35.69
CA MET A 500 -5.98 32.02 34.43
C MET A 500 -6.46 33.24 33.67
N GLN A 501 -7.76 33.51 33.72
CA GLN A 501 -8.33 34.65 32.99
C GLN A 501 -7.76 35.97 33.48
N LYS A 502 -7.59 36.08 34.79
CA LYS A 502 -7.14 37.32 35.41
C LYS A 502 -5.66 37.57 35.20
N HIS A 503 -4.85 36.52 35.37
CA HIS A 503 -3.40 36.65 35.46
C HIS A 503 -2.63 36.33 34.19
N ALA A 504 -3.22 35.55 33.28
CA ALA A 504 -2.54 35.22 32.03
C ALA A 504 -3.39 35.64 30.83
N GLY A 505 -3.85 36.89 30.87
CA GLY A 505 -4.70 37.48 29.84
C GLY A 505 -4.00 38.07 28.63
N VAL A 506 -4.70 38.97 27.95
CA VAL A 506 -4.21 39.57 26.71
C VAL A 506 -2.94 40.38 26.98
N PHE A 507 -3.00 41.26 27.97
CA PHE A 507 -1.84 42.01 28.43
C PHE A 507 -1.44 41.47 29.79
N ARG A 508 -0.17 41.12 29.93
CA ARG A 508 0.35 40.49 31.14
C ARG A 508 1.42 41.39 31.77
N ARG A 509 1.73 41.15 33.04
CA ARG A 509 2.77 41.91 33.72
C ARG A 509 3.43 41.07 34.82
N GLY A 510 4.65 41.43 35.19
CA GLY A 510 5.50 40.61 36.07
C GLY A 510 4.87 40.29 37.42
N ASP A 511 4.31 41.32 38.06
CA ASP A 511 3.70 41.14 39.37
C ASP A 511 2.37 40.38 39.31
N ILE A 512 1.55 40.68 38.30
CA ILE A 512 0.29 39.97 38.09
C ILE A 512 0.57 38.49 37.77
N LEU A 513 1.51 38.23 36.87
CA LEU A 513 1.93 36.87 36.58
C LEU A 513 2.46 36.13 37.81
N ALA A 514 3.36 36.76 38.56
CA ALA A 514 3.97 36.12 39.73
C ALA A 514 2.93 35.75 40.79
N GLU A 515 1.95 36.63 40.97
CA GLU A 515 0.84 36.37 41.87
C GLU A 515 -0.03 35.21 41.33
N GLY A 516 -0.22 35.21 40.00
CA GLY A 516 -0.92 34.15 39.31
C GLY A 516 -0.25 32.80 39.49
N VAL A 517 1.07 32.78 39.39
CA VAL A 517 1.84 31.55 39.59
C VAL A 517 1.58 31.01 40.99
N LYS A 518 1.57 31.89 41.97
CA LYS A 518 1.39 31.51 43.37
C LYS A 518 0.00 30.91 43.56
N LYS A 519 -1.03 31.61 43.09
CA LYS A 519 -2.41 31.10 43.24
C LYS A 519 -2.58 29.74 42.56
N MET A 520 -1.98 29.60 41.37
CA MET A 520 -2.05 28.37 40.59
C MET A 520 -1.28 27.20 41.20
N MET A 521 -0.14 27.47 41.84
CA MET A 521 0.62 26.39 42.47
C MET A 521 -0.03 25.98 43.80
N ASP A 522 -0.76 26.91 44.42
CA ASP A 522 -1.65 26.60 45.54
C ASP A 522 -2.88 25.77 45.12
N LEU A 523 -3.52 26.14 44.02
CA LEU A 523 -4.62 25.35 43.47
C LEU A 523 -4.15 23.94 43.17
N PHE A 524 -2.93 23.82 42.64
CA PHE A 524 -2.40 22.50 42.38
C PHE A 524 -2.40 21.70 43.69
N LYS A 525 -2.08 22.37 44.80
CA LYS A 525 -2.12 21.72 46.12
C LYS A 525 -3.54 21.31 46.55
N GLU A 526 -4.53 22.15 46.25
CA GLU A 526 -5.93 21.83 46.55
C GLU A 526 -6.46 20.56 45.84
N LEU A 527 -5.76 20.10 44.79
CA LEU A 527 -6.08 18.83 44.13
C LEU A 527 -6.08 17.62 45.09
N LYS A 528 -5.27 17.68 46.14
CA LYS A 528 -5.23 16.60 47.14
C LYS A 528 -6.51 16.57 47.99
N ARG A 529 -7.22 17.69 48.04
CA ARG A 529 -8.48 17.81 48.75
C ARG A 529 -9.73 17.55 47.88
N LEU A 530 -9.55 16.89 46.74
CA LEU A 530 -10.62 16.68 45.76
C LEU A 530 -11.78 15.85 46.29
N LYS A 531 -12.99 16.32 45.99
CA LYS A 531 -14.21 15.61 46.30
C LYS A 531 -14.91 15.19 44.99
N THR A 532 -15.30 13.93 44.91
CA THR A 532 -16.21 13.48 43.86
C THR A 532 -17.34 12.73 44.49
N THR A 533 -18.41 12.52 43.72
CA THR A 533 -19.64 11.93 44.25
C THR A 533 -20.05 10.65 43.51
N ASP A 534 -19.99 10.69 42.19
CA ASP A 534 -20.35 9.51 41.41
C ASP A 534 -19.30 8.44 41.61
N ARG A 535 -19.73 7.27 42.06
CA ARG A 535 -18.84 6.17 42.40
C ARG A 535 -18.86 5.11 41.33
N SER A 536 -19.69 5.31 40.30
CA SER A 536 -19.89 4.32 39.26
C SER A 536 -18.68 4.22 38.34
N LEU A 537 -18.64 3.14 37.56
CA LEU A 537 -17.61 2.94 36.52
C LEU A 537 -18.21 3.13 35.12
N ILE A 538 -19.53 2.91 35.00
CA ILE A 538 -20.18 3.06 33.72
C ILE A 538 -20.53 4.55 33.51
N TRP A 539 -20.07 5.07 32.38
CA TRP A 539 -20.33 6.45 31.97
C TRP A 539 -20.39 7.42 33.15
N ASN A 540 -19.24 7.57 33.78
CA ASN A 540 -19.09 8.44 34.92
C ASN A 540 -18.40 9.71 34.48
N SER A 541 -19.18 10.75 34.22
CA SER A 541 -18.62 12.02 33.76
C SER A 541 -18.07 12.85 34.90
N ASP A 542 -18.54 12.58 36.12
CA ASP A 542 -17.91 13.14 37.33
C ASP A 542 -16.45 12.68 37.36
N LEU A 543 -16.26 11.38 37.17
CA LEU A 543 -14.90 10.80 37.10
C LEU A 543 -14.08 11.39 35.94
N THR A 544 -14.61 11.31 34.71
CA THR A 544 -13.86 11.80 33.54
C THR A 544 -13.58 13.31 33.66
N GLU A 545 -14.56 14.12 34.04
CA GLU A 545 -14.29 15.56 34.24
C GLU A 545 -13.21 15.86 35.32
N SER A 546 -13.12 15.02 36.35
CA SER A 546 -12.08 15.14 37.37
C SER A 546 -10.69 14.81 36.82
N LEU A 547 -10.58 13.74 36.05
CA LEU A 547 -9.37 13.42 35.30
C LEU A 547 -8.96 14.60 34.40
N GLU A 548 -9.95 15.21 33.75
CA GLU A 548 -9.72 16.37 32.87
C GLU A 548 -9.26 17.60 33.65
N LEU A 549 -9.69 17.73 34.91
CA LEU A 549 -9.22 18.83 35.76
C LEU A 549 -7.76 18.65 36.12
N GLN A 550 -7.36 17.43 36.48
CA GLN A 550 -5.95 17.12 36.70
C GLN A 550 -5.15 17.46 35.46
N ASN A 551 -5.65 17.03 34.31
CA ASN A 551 -5.00 17.29 33.03
C ASN A 551 -4.89 18.79 32.77
N LEU A 552 -5.98 19.51 33.01
CA LEU A 552 -5.97 20.96 32.80
C LEU A 552 -4.99 21.70 33.73
N MET A 553 -4.80 21.19 34.94
CA MET A 553 -3.89 21.85 35.89
C MET A 553 -2.46 21.74 35.42
N LEU A 554 -2.08 20.59 34.89
CA LEU A 554 -0.75 20.45 34.31
C LEU A 554 -0.51 21.49 33.21
N ASN A 555 -1.48 21.65 32.32
CA ASN A 555 -1.34 22.61 31.22
C ASN A 555 -1.31 24.07 31.72
N ALA A 556 -2.19 24.37 32.66
CA ALA A 556 -2.36 25.73 33.14
C ALA A 556 -1.14 26.16 33.93
N THR A 557 -0.75 25.33 34.89
CA THR A 557 0.39 25.65 35.74
C THR A 557 1.60 25.88 34.84
N GLN A 558 1.88 24.96 33.93
CA GLN A 558 3.00 25.14 33.01
C GLN A 558 2.85 26.37 32.12
N THR A 559 1.61 26.68 31.73
CA THR A 559 1.40 27.81 30.83
C THR A 559 1.84 29.12 31.49
N ILE A 560 1.43 29.31 32.74
CA ILE A 560 1.61 30.59 33.40
C ILE A 560 3.03 30.78 33.89
N VAL A 561 3.71 29.72 34.33
CA VAL A 561 5.10 29.91 34.75
C VAL A 561 5.94 30.20 33.51
N ALA A 562 5.67 29.55 32.38
CA ALA A 562 6.33 29.91 31.13
C ALA A 562 6.10 31.38 30.80
N ALA A 563 4.88 31.85 30.99
CA ALA A 563 4.52 33.24 30.70
C ALA A 563 5.17 34.22 31.67
N GLU A 564 5.39 33.77 32.91
CA GLU A 564 5.97 34.62 33.94
C GLU A 564 7.44 34.90 33.63
N ASN A 565 8.16 33.86 33.22
CA ASN A 565 9.57 34.01 32.88
C ASN A 565 9.88 34.74 31.57
N ARG A 566 8.98 34.69 30.59
CA ARG A 566 9.28 35.24 29.26
C ARG A 566 9.13 36.77 29.28
N LYS A 567 10.26 37.46 29.43
CA LYS A 567 10.27 38.91 29.58
C LYS A 567 10.46 39.59 28.22
N GLU A 568 9.43 39.50 27.39
CA GLU A 568 9.42 40.13 26.08
C GLU A 568 7.98 40.22 25.60
N SER A 569 7.81 40.79 24.41
CA SER A 569 6.50 40.79 23.76
C SER A 569 6.63 40.27 22.34
N ARG A 570 6.11 39.07 22.14
CA ARG A 570 6.18 38.40 20.85
C ARG A 570 4.83 37.78 20.59
N GLY A 571 4.34 37.99 19.38
CA GLY A 571 3.04 37.46 18.97
C GLY A 571 1.97 37.62 20.00
N ALA A 572 1.36 36.50 20.37
CA ALA A 572 0.20 36.48 21.27
C ALA A 572 0.57 36.78 22.73
N HIS A 573 1.87 36.82 23.01
CA HIS A 573 2.36 37.08 24.37
C HIS A 573 2.84 38.52 24.47
N ALA A 574 2.10 39.32 25.22
CA ALA A 574 2.36 40.75 25.38
C ALA A 574 2.58 41.11 26.85
N ARG A 575 3.79 41.57 27.16
CA ARG A 575 4.18 42.03 28.50
C ARG A 575 4.25 43.55 28.54
N ASP A 576 3.42 44.17 29.39
CA ASP A 576 3.44 45.62 29.60
C ASP A 576 4.79 46.17 30.13
N ASP A 577 5.50 45.36 30.91
CA ASP A 577 6.80 45.72 31.46
C ASP A 577 7.97 45.36 30.55
N PHE A 578 7.68 44.67 29.43
CA PHE A 578 8.70 44.39 28.41
C PHE A 578 8.03 44.47 27.05
N PRO A 579 7.74 45.70 26.59
CA PRO A 579 6.90 45.87 25.40
C PRO A 579 7.54 45.46 24.08
N LYS A 580 8.84 45.19 24.09
CA LYS A 580 9.56 44.92 22.84
C LYS A 580 9.82 43.44 22.59
N ARG A 581 9.95 43.10 21.31
CA ARG A 581 10.37 41.76 20.91
C ARG A 581 11.86 41.70 21.02
N GLU A 582 12.36 40.67 21.69
CA GLU A 582 13.75 40.58 22.12
C GLU A 582 14.50 39.48 21.35
N ASP A 583 15.16 39.88 20.26
CA ASP A 583 15.85 38.97 19.36
C ASP A 583 17.38 38.97 19.56
N GLU A 584 18.08 38.15 18.76
CA GLU A 584 19.55 38.11 18.75
C GLU A 584 20.16 39.45 18.31
N TYR A 585 19.44 40.18 17.47
CA TYR A 585 19.85 41.50 17.02
C TYR A 585 18.67 42.43 17.27
N ASP A 586 18.93 43.74 17.29
CA ASP A 586 17.85 44.73 17.21
C ASP A 586 17.46 44.87 15.72
N TYR A 587 16.48 44.09 15.30
CA TYR A 587 16.11 44.08 13.88
C TYR A 587 15.44 45.39 13.40
N SER A 588 15.24 46.36 14.29
CA SER A 588 14.75 47.70 13.89
C SER A 588 15.84 48.57 13.26
N LYS A 589 17.09 48.13 13.35
CA LYS A 589 18.22 48.84 12.77
C LYS A 589 18.96 47.91 11.81
N PRO A 590 19.75 48.47 10.88
CA PRO A 590 20.48 47.57 9.96
C PRO A 590 21.46 46.65 10.70
N ILE A 591 21.73 45.49 10.11
CA ILE A 591 22.44 44.41 10.79
C ILE A 591 23.95 44.58 10.79
N GLU A 592 24.49 45.07 9.66
CA GLU A 592 25.90 45.45 9.57
C GLU A 592 26.32 46.36 10.73
N GLY A 593 27.31 45.92 11.52
CA GLY A 593 27.82 46.71 12.64
C GLY A 593 27.43 46.18 14.01
N GLN A 594 26.32 45.46 14.06
CA GLN A 594 25.83 44.93 15.33
C GLN A 594 26.59 43.67 15.75
N THR A 595 26.67 43.48 17.06
CA THR A 595 27.21 42.26 17.63
C THR A 595 26.05 41.44 18.18
N LYS A 596 26.06 40.14 17.94
CA LYS A 596 24.95 39.27 18.28
C LYS A 596 24.89 39.01 19.79
N ARG A 597 23.70 39.16 20.38
CA ARG A 597 23.46 38.75 21.76
C ARG A 597 23.47 37.22 21.86
N PRO A 598 24.10 36.68 22.91
CA PRO A 598 24.08 35.22 23.06
C PRO A 598 22.71 34.68 23.49
N PHE A 599 22.49 33.40 23.19
CA PHE A 599 21.24 32.67 23.49
C PHE A 599 20.60 33.08 24.81
N GLU A 600 21.41 33.09 25.88
CA GLU A 600 20.92 33.31 27.24
C GLU A 600 20.40 34.73 27.49
N LYS A 601 20.68 35.66 26.58
CA LYS A 601 20.28 37.08 26.72
C LYS A 601 19.00 37.47 25.99
N HIS A 602 18.75 36.87 24.82
CA HIS A 602 17.53 37.16 24.03
C HIS A 602 16.45 36.08 24.19
N TRP A 603 15.31 36.29 23.54
CA TRP A 603 14.13 35.46 23.77
C TRP A 603 13.55 34.81 22.51
N ARG A 604 14.23 34.93 21.38
CA ARG A 604 13.86 34.22 20.19
C ARG A 604 14.28 32.76 20.30
N LYS A 605 13.51 32.06 21.12
CA LYS A 605 13.76 30.67 21.48
C LYS A 605 12.49 30.09 22.08
N HIS A 606 12.36 28.78 21.98
CA HIS A 606 11.18 28.08 22.43
C HIS A 606 11.25 27.84 23.93
N THR A 607 10.15 28.03 24.64
CA THR A 607 10.06 27.62 26.04
C THR A 607 9.79 26.12 26.14
N LEU A 608 10.55 25.44 27.00
CA LEU A 608 10.27 24.05 27.35
C LEU A 608 9.97 23.99 28.83
N THR A 609 8.76 23.53 29.16
CA THR A 609 8.36 23.38 30.56
C THR A 609 8.34 21.91 30.94
N LYS A 610 9.04 21.58 32.01
CA LYS A 610 9.20 20.22 32.50
C LYS A 610 8.54 20.16 33.87
N GLN A 611 7.42 19.43 33.96
CA GLN A 611 6.68 19.37 35.21
C GLN A 611 6.78 17.98 35.82
N ASP A 612 6.90 17.95 37.15
CA ASP A 612 6.77 16.71 37.91
C ASP A 612 5.30 16.58 38.27
N PRO A 613 4.60 15.58 37.72
CA PRO A 613 3.14 15.48 37.88
C PRO A 613 2.67 15.27 39.31
N ARG A 614 3.48 14.64 40.16
CA ARG A 614 3.11 14.46 41.59
C ARG A 614 3.19 15.78 42.38
N THR A 615 4.37 16.40 42.39
CA THR A 615 4.62 17.62 43.16
C THR A 615 4.13 18.88 42.43
N GLY A 616 4.06 18.83 41.11
CA GLY A 616 3.68 20.00 40.30
C GLY A 616 4.83 20.95 39.99
N HIS A 617 6.04 20.60 40.43
CA HIS A 617 7.18 21.50 40.29
C HIS A 617 7.63 21.57 38.83
N ILE A 618 7.82 22.79 38.36
CA ILE A 618 8.19 23.05 36.98
C ILE A 618 9.58 23.65 36.92
N THR A 619 10.42 23.09 36.04
CA THR A 619 11.67 23.72 35.63
C THR A 619 11.57 24.13 34.16
N LEU A 620 12.36 25.13 33.81
CA LEU A 620 12.33 25.78 32.51
C LEU A 620 13.64 25.55 31.80
N ASP A 621 13.56 25.23 30.51
CA ASP A 621 14.72 25.18 29.63
C ASP A 621 14.33 25.88 28.33
N TYR A 622 15.30 26.13 27.46
CA TYR A 622 15.01 26.83 26.21
C TYR A 622 15.75 26.24 25.05
N ARG A 623 15.08 26.24 23.91
CA ARG A 623 15.49 25.47 22.77
C ARG A 623 15.46 26.37 21.53
N PRO A 624 16.50 26.30 20.70
CA PRO A 624 16.57 27.28 19.61
C PRO A 624 15.46 27.13 18.57
N VAL A 625 15.08 28.26 17.99
CA VAL A 625 14.21 28.25 16.83
C VAL A 625 14.98 27.71 15.65
N ILE A 626 14.35 26.87 14.84
CA ILE A 626 14.95 26.41 13.58
C ILE A 626 14.68 27.42 12.46
N ASP A 627 15.74 28.03 11.95
CA ASP A 627 15.62 29.10 10.95
C ASP A 627 15.76 28.59 9.52
N LYS A 628 16.48 27.50 9.34
CA LYS A 628 16.68 26.92 8.02
C LYS A 628 15.36 26.30 7.52
N THR A 629 15.19 26.30 6.20
CA THR A 629 14.10 25.59 5.56
C THR A 629 14.56 24.15 5.32
N LEU A 630 13.66 23.29 4.86
CA LEU A 630 14.00 21.91 4.51
C LEU A 630 14.93 21.78 3.32
N ASP A 631 14.99 22.82 2.48
CA ASP A 631 15.77 22.78 1.23
C ASP A 631 16.00 24.20 0.72
N PRO A 632 17.23 24.71 0.88
CA PRO A 632 17.53 26.08 0.44
C PRO A 632 17.40 26.28 -1.05
N ALA A 633 17.47 25.20 -1.82
CA ALA A 633 17.30 25.27 -3.28
C ALA A 633 15.85 25.52 -3.71
N GLU A 634 14.91 25.08 -2.87
CA GLU A 634 13.48 25.25 -3.18
C GLU A 634 12.94 26.55 -2.63
N VAL A 635 13.35 26.92 -1.43
CA VAL A 635 12.87 28.16 -0.83
C VAL A 635 13.84 28.75 0.19
N ASP A 636 14.03 30.06 0.10
CA ASP A 636 14.91 30.80 1.01
C ASP A 636 14.26 30.93 2.39
N TRP A 637 15.07 30.82 3.43
CA TRP A 637 14.63 31.18 4.77
C TRP A 637 14.35 32.67 4.82
N ILE A 638 13.53 33.08 5.77
CA ILE A 638 13.08 34.47 5.84
C ILE A 638 13.58 35.10 7.14
N PRO A 639 14.63 35.93 7.06
CA PRO A 639 15.19 36.61 8.25
C PRO A 639 14.14 37.42 8.99
N PRO A 640 14.27 37.54 10.31
CA PRO A 640 13.35 38.39 11.02
C PRO A 640 13.37 39.83 10.53
N ILE A 641 12.21 40.50 10.62
CA ILE A 641 12.11 41.96 10.51
C ILE A 641 11.18 42.42 11.63
N ILE A 642 10.90 43.72 11.68
CA ILE A 642 9.92 44.22 12.65
C ILE A 642 8.53 43.85 12.14
N ARG A 643 7.68 43.36 13.04
CA ARG A 643 6.38 42.83 12.66
C ARG A 643 5.32 43.91 12.76
N SER A 644 4.76 44.26 11.60
CA SER A 644 3.74 45.29 11.49
C SER A 644 2.69 44.87 10.45
N TYR A 645 1.43 45.12 10.76
CA TYR A 645 0.35 44.85 9.81
C TYR A 645 -0.36 46.14 9.46
N LYS B 33 -37.74 35.07 43.91
CA LYS B 33 -36.75 34.65 42.88
C LYS B 33 -37.34 33.57 41.98
N ARG B 34 -36.85 33.52 40.74
CA ARG B 34 -37.47 32.71 39.69
C ARG B 34 -36.90 31.30 39.69
N ILE B 35 -37.66 30.39 40.29
CA ILE B 35 -37.22 29.00 40.48
C ILE B 35 -37.95 28.09 39.50
N LYS B 36 -37.20 27.56 38.52
CA LYS B 36 -37.74 26.69 37.49
C LYS B 36 -37.46 25.24 37.85
N THR B 37 -38.47 24.40 37.74
CA THR B 37 -38.33 22.96 38.00
C THR B 37 -38.15 22.16 36.70
N PHE B 38 -37.16 21.27 36.70
CA PHE B 38 -36.95 20.30 35.62
C PHE B 38 -37.21 18.90 36.12
N GLU B 39 -37.90 18.10 35.31
CA GLU B 39 -38.08 16.68 35.62
C GLU B 39 -37.23 15.89 34.66
N ILE B 40 -36.23 15.20 35.20
CA ILE B 40 -35.21 14.59 34.39
C ILE B 40 -35.21 13.08 34.57
N TYR B 41 -35.23 12.38 33.44
CA TYR B 41 -35.10 10.92 33.41
C TYR B 41 -33.76 10.49 33.99
N ARG B 42 -33.81 9.46 34.82
CA ARG B 42 -32.62 8.90 35.44
C ARG B 42 -32.58 7.41 35.26
N PHE B 43 -31.40 6.86 35.12
CA PHE B 43 -31.24 5.41 35.12
C PHE B 43 -29.81 5.04 35.43
N ASN B 44 -29.67 4.18 36.42
CA ASN B 44 -28.37 3.74 36.92
C ASN B 44 -28.20 2.24 36.65
N PRO B 45 -27.39 1.90 35.65
CA PRO B 45 -27.25 0.50 35.27
C PRO B 45 -26.44 -0.34 36.24
N GLU B 46 -25.85 0.27 37.26
CA GLU B 46 -25.04 -0.50 38.21
C GLU B 46 -25.78 -0.95 39.45
N GLU B 47 -26.91 -0.33 39.76
CA GLU B 47 -27.73 -0.79 40.88
C GLU B 47 -28.50 -2.05 40.47
N PRO B 48 -28.44 -3.12 41.30
CA PRO B 48 -29.19 -4.34 40.95
C PRO B 48 -30.72 -4.10 41.00
N GLY B 49 -31.40 -4.53 39.95
CA GLY B 49 -32.85 -4.30 39.81
C GLY B 49 -33.24 -2.84 39.63
N ALA B 50 -32.36 -2.03 39.04
CA ALA B 50 -32.68 -0.61 38.85
C ALA B 50 -33.73 -0.41 37.77
N LYS B 51 -34.61 0.55 38.03
CA LYS B 51 -35.63 0.98 37.11
C LYS B 51 -35.40 2.45 36.78
N PRO B 52 -35.87 2.91 35.60
CA PRO B 52 -35.78 4.34 35.30
C PRO B 52 -36.67 5.17 36.21
N LYS B 53 -36.23 6.39 36.54
CA LYS B 53 -37.00 7.30 37.38
C LYS B 53 -37.13 8.70 36.78
N LEU B 54 -37.99 9.51 37.39
CA LEU B 54 -38.14 10.91 37.08
C LEU B 54 -37.72 11.69 38.31
N GLN B 55 -36.75 12.58 38.16
CA GLN B 55 -36.23 13.36 39.26
C GLN B 55 -36.38 14.85 39.02
N LYS B 56 -37.07 15.53 39.93
CA LYS B 56 -37.25 16.99 39.89
C LYS B 56 -36.03 17.67 40.47
N PHE B 57 -35.58 18.73 39.79
CA PHE B 57 -34.52 19.59 40.31
C PHE B 57 -35.00 21.02 40.15
N ASP B 58 -34.69 21.85 41.14
CA ASP B 58 -35.05 23.27 41.12
C ASP B 58 -33.83 24.08 40.77
N VAL B 59 -34.01 25.10 39.94
CA VAL B 59 -32.90 25.89 39.42
C VAL B 59 -33.28 27.35 39.39
N ASP B 60 -32.39 28.20 39.88
CA ASP B 60 -32.64 29.64 39.91
C ASP B 60 -32.30 30.22 38.53
N LEU B 61 -33.30 30.59 37.75
CA LEU B 61 -33.06 31.17 36.42
C LEU B 61 -32.17 32.42 36.43
N ASP B 62 -32.13 33.18 37.52
CA ASP B 62 -31.27 34.37 37.57
C ASP B 62 -29.79 34.02 37.86
N LYS B 63 -29.51 32.76 38.20
CA LYS B 63 -28.13 32.34 38.45
C LYS B 63 -27.73 31.22 37.49
N CYS B 64 -28.23 31.29 36.26
CA CYS B 64 -28.05 30.20 35.30
C CYS B 64 -28.12 30.78 33.92
N GLY B 65 -27.36 30.23 32.99
CA GLY B 65 -27.46 30.65 31.59
C GLY B 65 -28.85 30.35 31.03
N THR B 66 -29.12 30.89 29.85
CA THR B 66 -30.43 30.85 29.22
C THR B 66 -30.85 29.51 28.57
N MET B 67 -29.90 28.60 28.36
CA MET B 67 -30.15 27.35 27.66
C MET B 67 -30.28 26.16 28.59
N VAL B 68 -31.01 25.16 28.14
CA VAL B 68 -31.27 23.99 28.96
C VAL B 68 -29.99 23.26 29.36
N LEU B 69 -29.01 23.19 28.46
CA LEU B 69 -27.70 22.60 28.81
C LEU B 69 -27.06 23.30 30.00
N ASP B 70 -27.24 24.62 30.07
CA ASP B 70 -26.70 25.42 31.18
C ASP B 70 -27.27 24.92 32.50
N ALA B 71 -28.58 24.71 32.52
CA ALA B 71 -29.26 24.16 33.68
C ALA B 71 -28.75 22.76 34.01
N LEU B 72 -28.58 21.92 32.99
CA LEU B 72 -28.05 20.57 33.24
C LEU B 72 -26.67 20.63 33.89
N ILE B 73 -25.85 21.55 33.39
CA ILE B 73 -24.50 21.70 33.89
C ILE B 73 -24.54 22.28 35.31
N LYS B 74 -25.42 23.22 35.56
CA LYS B 74 -25.53 23.84 36.86
C LYS B 74 -25.95 22.78 37.90
N ILE B 75 -26.95 21.98 37.55
CA ILE B 75 -27.44 20.91 38.41
C ILE B 75 -26.36 19.88 38.73
N LYS B 76 -25.70 19.40 37.69
CA LYS B 76 -24.61 18.46 37.86
C LYS B 76 -23.53 19.04 38.78
N ASN B 77 -23.23 20.32 38.58
CA ASN B 77 -22.14 20.96 39.30
C ASN B 77 -22.48 21.33 40.76
N GLU B 78 -23.72 21.74 41.02
CA GLU B 78 -24.09 22.36 42.28
C GLU B 78 -25.03 21.50 43.17
N VAL B 79 -25.62 20.46 42.60
CA VAL B 79 -26.53 19.61 43.32
C VAL B 79 -26.14 18.14 43.22
N ASP B 80 -25.99 17.63 41.99
CA ASP B 80 -25.88 16.18 41.79
C ASP B 80 -24.90 15.84 40.69
N PRO B 81 -23.63 15.61 41.05
CA PRO B 81 -22.61 15.30 40.06
C PRO B 81 -22.78 13.94 39.40
N THR B 82 -23.74 13.14 39.85
CA THR B 82 -24.03 11.85 39.23
C THR B 82 -24.90 12.05 37.99
N LEU B 83 -25.44 13.24 37.79
CA LEU B 83 -26.25 13.52 36.59
C LEU B 83 -25.37 13.45 35.37
N THR B 84 -25.75 12.62 34.42
CA THR B 84 -24.89 12.24 33.30
C THR B 84 -25.58 12.50 31.93
N PHE B 85 -24.93 13.29 31.09
CA PHE B 85 -25.41 13.59 29.74
C PHE B 85 -24.22 13.90 28.84
N ARG B 86 -24.41 13.78 27.53
CA ARG B 86 -23.35 14.10 26.59
C ARG B 86 -23.40 15.58 26.26
N ARG B 87 -22.23 16.19 26.11
CA ARG B 87 -22.14 17.55 25.58
C ARG B 87 -20.69 17.85 25.23
N SER B 88 -20.50 18.84 24.36
CA SER B 88 -19.19 19.26 23.91
C SER B 88 -19.15 20.72 23.43
N CYS B 89 -19.73 20.98 22.26
CA CYS B 89 -19.72 22.31 21.64
C CYS B 89 -20.67 23.23 22.37
N ARG B 90 -20.52 24.54 22.24
CA ARG B 90 -21.52 25.34 22.95
C ARG B 90 -22.56 26.00 22.04
N GLU B 91 -22.49 25.73 20.73
CA GLU B 91 -23.26 26.49 19.74
C GLU B 91 -24.09 25.63 18.77
N GLY B 92 -24.40 24.41 19.17
CA GLY B 92 -25.28 23.54 18.38
C GLY B 92 -24.68 23.01 17.08
N ILE B 93 -23.37 22.82 17.07
CA ILE B 93 -22.65 22.31 15.90
C ILE B 93 -22.15 20.85 16.08
N CYS B 94 -21.81 20.46 17.31
CA CYS B 94 -21.32 19.09 17.59
C CYS B 94 -22.32 17.92 17.42
N GLY B 95 -23.55 18.13 17.89
CA GLY B 95 -24.61 17.13 17.89
C GLY B 95 -24.67 16.24 19.13
N SER B 96 -23.74 16.43 20.08
CA SER B 96 -23.63 15.57 21.25
C SER B 96 -24.85 15.60 22.16
N CYS B 97 -25.47 16.76 22.30
CA CYS B 97 -26.41 17.00 23.41
C CYS B 97 -27.87 16.75 23.06
N ALA B 98 -28.12 16.03 21.96
CA ALA B 98 -29.49 15.70 21.57
C ALA B 98 -30.23 14.94 22.66
N MET B 99 -31.45 15.39 22.90
CA MET B 99 -32.33 14.79 23.90
C MET B 99 -33.74 15.29 23.68
N ASN B 100 -34.68 14.78 24.46
CA ASN B 100 -36.08 15.17 24.34
C ASN B 100 -36.45 16.13 25.46
N ILE B 101 -36.75 17.37 25.07
CA ILE B 101 -37.05 18.45 26.01
C ILE B 101 -38.46 18.94 25.71
N ALA B 102 -39.30 19.01 26.74
CA ALA B 102 -40.69 19.42 26.56
C ALA B 102 -41.37 18.65 25.40
N GLY B 103 -41.09 17.35 25.34
CA GLY B 103 -41.72 16.45 24.36
C GLY B 103 -41.09 16.40 22.98
N GLU B 104 -40.09 17.23 22.70
CA GLU B 104 -39.55 17.36 21.34
C GLU B 104 -38.06 17.09 21.33
N ASN B 105 -37.59 16.40 20.29
CA ASN B 105 -36.17 16.18 20.11
C ASN B 105 -35.46 17.44 19.65
N THR B 106 -34.43 17.83 20.40
CA THR B 106 -33.67 19.02 20.13
C THR B 106 -32.28 18.95 20.76
N LEU B 107 -31.54 20.03 20.67
CA LEU B 107 -30.22 20.13 21.22
C LEU B 107 -30.31 21.01 22.45
N ALA B 108 -29.95 20.46 23.62
CA ALA B 108 -30.02 21.21 24.89
C ALA B 108 -29.32 22.55 24.81
N CYS B 109 -28.19 22.58 24.12
CA CYS B 109 -27.32 23.74 24.10
C CYS B 109 -27.90 24.93 23.36
N ILE B 110 -28.92 24.75 22.52
CA ILE B 110 -29.56 25.92 21.84
C ILE B 110 -31.07 25.96 22.06
N CYS B 111 -31.55 25.23 23.05
CA CYS B 111 -32.96 25.25 23.45
C CYS B 111 -33.09 26.19 24.62
N ASN B 112 -33.80 27.28 24.43
CA ASN B 112 -34.01 28.23 25.52
C ASN B 112 -34.84 27.59 26.58
N ILE B 113 -34.37 27.74 27.81
CA ILE B 113 -35.18 27.38 28.97
C ILE B 113 -36.50 28.15 28.89
N ASP B 114 -37.60 27.45 29.12
CA ASP B 114 -38.91 28.06 29.21
C ASP B 114 -39.08 28.76 30.56
N GLN B 115 -39.21 30.09 30.50
CA GLN B 115 -39.14 30.95 31.69
C GLN B 115 -40.44 31.02 32.51
N ASN B 116 -41.45 30.27 32.09
CA ASN B 116 -42.68 30.15 32.86
C ASN B 116 -42.41 29.21 34.04
N THR B 117 -42.24 29.77 35.23
CA THR B 117 -41.86 28.98 36.41
C THR B 117 -43.02 28.18 37.01
N SER B 118 -44.24 28.38 36.53
CA SER B 118 -45.39 27.59 36.99
C SER B 118 -45.46 26.22 36.30
N LYS B 119 -44.80 26.06 35.15
CA LYS B 119 -44.71 24.74 34.51
C LYS B 119 -43.31 24.13 34.64
N THR B 120 -43.29 22.80 34.71
CA THR B 120 -42.04 22.07 34.79
C THR B 120 -41.66 21.65 33.38
N THR B 121 -40.36 21.58 33.11
CA THR B 121 -39.84 21.06 31.85
C THR B 121 -39.35 19.62 32.04
N LYS B 122 -39.89 18.70 31.25
CA LYS B 122 -39.43 17.30 31.28
C LYS B 122 -38.31 17.07 30.28
N ILE B 123 -37.29 16.36 30.73
CA ILE B 123 -36.12 16.05 29.93
C ILE B 123 -35.92 14.55 29.95
N TYR B 124 -35.99 13.95 28.77
CA TYR B 124 -35.85 12.52 28.57
C TYR B 124 -34.74 12.26 27.55
N PRO B 125 -34.21 11.02 27.51
CA PRO B 125 -33.26 10.69 26.46
C PRO B 125 -33.96 10.66 25.09
N LEU B 126 -33.18 10.53 24.02
CA LEU B 126 -33.77 10.39 22.68
C LEU B 126 -34.71 9.18 22.67
N PRO B 127 -35.94 9.36 22.19
CA PRO B 127 -36.94 8.30 22.29
C PRO B 127 -36.58 6.97 21.63
N HIS B 128 -36.99 5.88 22.27
CA HIS B 128 -36.80 4.51 21.80
C HIS B 128 -35.36 4.11 21.52
N MET B 129 -34.43 4.69 22.26
CA MET B 129 -33.07 4.21 22.22
C MET B 129 -32.79 3.48 23.51
N PHE B 130 -31.89 2.51 23.43
CA PHE B 130 -31.43 1.80 24.60
C PHE B 130 -30.58 2.74 25.41
N VAL B 131 -30.86 2.86 26.71
CA VAL B 131 -30.11 3.82 27.51
C VAL B 131 -28.95 3.14 28.24
N ILE B 132 -27.80 3.81 28.18
CA ILE B 132 -26.62 3.39 28.89
C ILE B 132 -26.75 3.94 30.31
N LYS B 133 -27.02 5.23 30.43
CA LYS B 133 -27.11 5.88 31.72
C LYS B 133 -27.80 7.22 31.56
N ASP B 134 -28.78 7.49 32.43
CA ASP B 134 -29.45 8.78 32.47
C ASP B 134 -29.86 9.26 31.06
N LEU B 135 -29.23 10.32 30.55
CA LEU B 135 -29.63 10.92 29.26
C LEU B 135 -28.71 10.49 28.12
N VAL B 136 -27.91 9.46 28.39
CA VAL B 136 -26.96 8.91 27.44
C VAL B 136 -27.49 7.60 26.83
N PRO B 137 -28.02 7.66 25.58
CA PRO B 137 -28.44 6.48 24.80
C PRO B 137 -27.30 5.78 24.07
N ASP B 138 -27.52 4.54 23.69
CA ASP B 138 -26.53 3.82 22.90
C ASP B 138 -26.79 4.18 21.45
N MET B 139 -25.74 4.68 20.82
CA MET B 139 -25.83 5.36 19.57
C MET B 139 -25.26 4.50 18.43
N ASN B 140 -24.79 3.31 18.76
CA ASN B 140 -23.96 2.52 17.87
C ASN B 140 -24.65 1.94 16.64
N LEU B 141 -25.97 1.78 16.69
CA LEU B 141 -26.74 1.34 15.55
C LEU B 141 -26.90 2.47 14.54
N PHE B 142 -27.19 3.66 15.06
CA PHE B 142 -27.25 4.86 14.28
C PHE B 142 -25.94 5.02 13.51
N TYR B 143 -24.82 4.90 14.20
CA TYR B 143 -23.52 5.05 13.56
C TYR B 143 -23.23 3.96 12.50
N ALA B 144 -23.60 2.72 12.83
CA ALA B 144 -23.42 1.56 11.92
C ALA B 144 -24.25 1.70 10.65
N GLN B 145 -25.48 2.16 10.80
CA GLN B 145 -26.30 2.52 9.66
C GLN B 145 -25.69 3.65 8.80
N TYR B 146 -25.11 4.66 9.44
CA TYR B 146 -24.39 5.70 8.69
C TYR B 146 -23.26 5.09 7.90
N ALA B 147 -22.45 4.26 8.54
CA ALA B 147 -21.37 3.55 7.84
C ALA B 147 -21.84 2.79 6.58
N SER B 148 -23.05 2.23 6.64
CA SER B 148 -23.54 1.35 5.60
C SER B 148 -23.87 2.05 4.29
N ILE B 149 -24.04 3.37 4.32
CA ILE B 149 -24.32 4.11 3.08
C ILE B 149 -23.03 4.42 2.32
N GLN B 150 -21.90 4.11 2.93
CA GLN B 150 -20.62 4.37 2.31
C GLN B 150 -20.49 5.88 2.04
N PRO B 151 -20.36 6.67 3.12
CA PRO B 151 -20.33 8.13 3.06
C PRO B 151 -18.96 8.64 2.65
N TRP B 152 -18.61 8.41 1.38
CA TRP B 152 -17.37 8.90 0.82
C TRP B 152 -17.47 8.98 -0.70
N LEU B 153 -16.59 9.77 -1.31
CA LEU B 153 -16.70 10.02 -2.74
C LEU B 153 -16.23 8.82 -3.54
N GLN B 154 -17.05 8.40 -4.50
CA GLN B 154 -16.73 7.23 -5.32
C GLN B 154 -16.67 7.61 -6.80
N LYS B 155 -15.60 7.16 -7.43
CA LYS B 155 -15.28 7.43 -8.84
C LYS B 155 -15.16 6.13 -9.62
N LYS B 156 -15.68 6.12 -10.84
CA LYS B 156 -15.57 4.92 -11.71
C LYS B 156 -14.14 4.83 -12.26
N THR B 157 -13.60 5.96 -12.72
CA THR B 157 -12.23 6.03 -13.23
C THR B 157 -11.34 6.49 -12.09
N LYS B 158 -10.45 5.61 -11.63
CA LYS B 158 -9.45 5.93 -10.62
C LYS B 158 -8.88 7.33 -10.84
N ILE B 159 -8.69 8.06 -9.75
CA ILE B 159 -8.19 9.44 -9.81
C ILE B 159 -6.82 9.52 -9.14
N ASN B 160 -5.91 10.31 -9.72
CA ASN B 160 -4.65 10.65 -9.07
C ASN B 160 -4.93 11.61 -7.92
N LEU B 161 -4.83 11.07 -6.71
CA LEU B 161 -5.45 11.66 -5.52
C LEU B 161 -5.10 13.12 -5.24
N GLY B 162 -3.84 13.49 -5.17
CA GLY B 162 -3.56 14.90 -4.86
C GLY B 162 -3.61 15.91 -6.02
N GLU B 163 -3.87 15.44 -7.24
CA GLU B 163 -3.44 16.15 -8.45
C GLU B 163 -4.28 17.35 -8.86
N LYS B 164 -5.60 17.17 -8.93
CA LYS B 164 -6.45 18.28 -9.33
C LYS B 164 -7.83 18.25 -8.72
N GLN B 165 -8.44 19.42 -8.72
CA GLN B 165 -9.78 19.59 -8.24
C GLN B 165 -10.72 18.99 -9.26
N GLN B 166 -11.74 18.29 -8.79
CA GLN B 166 -12.79 17.85 -9.69
C GLN B 166 -13.67 19.05 -9.96
N TYR B 167 -14.21 19.11 -11.17
CA TYR B 167 -15.10 20.18 -11.54
C TYR B 167 -16.49 19.97 -10.92
N GLN B 168 -17.08 21.06 -10.45
CA GLN B 168 -18.48 21.07 -10.02
C GLN B 168 -18.97 22.50 -10.14
N SER B 169 -20.12 22.67 -10.78
CA SER B 169 -20.67 23.99 -10.96
C SER B 169 -21.31 24.48 -9.66
N ILE B 170 -21.40 25.79 -9.51
CA ILE B 170 -22.13 26.37 -8.40
C ILE B 170 -23.49 25.70 -8.21
N LYS B 171 -24.31 25.69 -9.26
CA LYS B 171 -25.66 25.09 -9.17
C LYS B 171 -25.61 23.64 -8.66
N GLU B 172 -24.58 22.89 -9.06
CA GLU B 172 -24.46 21.51 -8.68
C GLU B 172 -24.07 21.36 -7.20
N GLN B 173 -23.09 22.13 -6.71
CA GLN B 173 -22.73 22.01 -5.29
C GLN B 173 -23.85 22.53 -4.37
N GLU B 174 -24.61 23.52 -4.83
CA GLU B 174 -25.76 24.05 -4.07
C GLU B 174 -26.90 23.06 -3.89
N LYS B 175 -26.93 21.98 -4.67
CA LYS B 175 -27.87 20.89 -4.43
C LYS B 175 -27.57 20.23 -3.06
N LEU B 176 -26.33 20.35 -2.59
CA LEU B 176 -25.89 19.82 -1.31
C LEU B 176 -26.31 20.71 -0.12
N ASP B 177 -26.65 21.97 -0.38
CA ASP B 177 -27.19 22.81 0.69
C ASP B 177 -28.48 22.17 1.16
N GLY B 178 -28.66 22.15 2.47
CA GLY B 178 -29.78 21.43 3.08
C GLY B 178 -29.41 20.00 3.44
N LEU B 179 -28.25 19.54 2.99
CA LEU B 179 -27.87 18.13 3.10
C LEU B 179 -26.58 17.94 3.87
N TYR B 180 -25.54 18.66 3.48
CA TYR B 180 -24.23 18.55 4.13
C TYR B 180 -24.20 19.09 5.58
N GLU B 181 -25.18 19.92 5.96
CA GLU B 181 -25.14 20.58 7.28
C GLU B 181 -25.45 19.64 8.43
N CYS B 182 -25.87 18.43 8.13
CA CYS B 182 -26.37 17.51 9.16
C CYS B 182 -25.22 17.22 10.12
N ILE B 183 -25.53 17.32 11.41
CA ILE B 183 -24.55 17.12 12.47
C ILE B 183 -24.67 15.72 13.14
N LEU B 184 -25.46 14.82 12.52
CA LEU B 184 -25.57 13.43 12.96
C LEU B 184 -25.96 13.33 14.47
N CYS B 185 -26.97 14.10 14.87
CA CYS B 185 -27.44 14.20 16.25
C CYS B 185 -28.52 13.16 16.60
N ALA B 186 -29.26 12.75 15.56
CA ALA B 186 -30.27 11.69 15.66
C ALA B 186 -31.59 12.16 16.25
N CYS B 187 -31.83 13.48 16.31
CA CYS B 187 -33.12 13.96 16.75
C CYS B 187 -34.19 13.46 15.79
N CYS B 188 -33.90 13.50 14.49
CA CYS B 188 -34.92 13.13 13.51
C CYS B 188 -35.25 11.65 13.62
N SER B 189 -34.23 10.80 13.64
CA SER B 189 -34.48 9.36 13.69
C SER B 189 -35.18 8.93 14.99
N ALA B 190 -34.88 9.60 16.10
CA ALA B 190 -35.48 9.24 17.39
C ALA B 190 -36.82 9.89 17.55
N SER B 191 -37.26 10.65 16.54
CA SER B 191 -38.62 11.20 16.50
C SER B 191 -39.53 10.38 15.63
N CYS B 192 -38.96 9.51 14.81
CA CYS B 192 -39.72 8.75 13.79
C CYS B 192 -40.30 7.45 14.36
N PRO B 193 -41.64 7.36 14.44
CA PRO B 193 -42.26 6.14 14.97
C PRO B 193 -41.95 4.86 14.20
N SER B 194 -41.66 4.99 12.91
CA SER B 194 -41.34 3.83 12.09
C SER B 194 -39.95 3.37 12.45
N TYR B 195 -39.04 4.32 12.66
CA TYR B 195 -37.74 3.99 13.22
C TYR B 195 -37.82 3.45 14.65
N TRP B 196 -38.76 3.94 15.45
CA TRP B 196 -38.96 3.40 16.79
C TRP B 196 -39.25 1.90 16.74
N TRP B 197 -40.10 1.48 15.80
CA TRP B 197 -40.53 0.09 15.76
C TRP B 197 -39.54 -0.77 15.01
N ASN B 198 -38.87 -0.23 13.99
CA ASN B 198 -38.05 -1.06 13.10
C ASN B 198 -36.67 -0.50 12.74
N ALA B 199 -35.99 0.03 13.75
CA ALA B 199 -34.61 0.50 13.63
C ALA B 199 -33.64 -0.51 13.07
N ASP B 200 -33.89 -1.80 13.27
CA ASP B 200 -32.95 -2.81 12.78
C ASP B 200 -33.00 -2.96 11.27
N LYS B 201 -34.11 -2.58 10.65
CA LYS B 201 -34.24 -2.72 9.19
C LYS B 201 -34.53 -1.44 8.42
N TYR B 202 -35.13 -0.46 9.09
CA TYR B 202 -35.38 0.85 8.49
C TYR B 202 -34.24 1.80 8.82
N LEU B 203 -33.61 2.36 7.79
CA LEU B 203 -32.41 3.16 7.98
C LEU B 203 -32.66 4.46 8.72
N GLY B 204 -33.89 4.96 8.69
CA GLY B 204 -34.25 6.21 9.38
C GLY B 204 -33.85 7.49 8.63
N PRO B 205 -34.46 8.64 9.01
CA PRO B 205 -34.29 9.91 8.28
C PRO B 205 -32.84 10.41 8.18
N ALA B 206 -32.08 10.36 9.27
CA ALA B 206 -30.74 10.91 9.27
C ALA B 206 -29.89 10.21 8.23
N VAL B 207 -29.87 8.89 8.29
CA VAL B 207 -29.00 8.13 7.39
C VAL B 207 -29.51 8.22 5.94
N LEU B 208 -30.82 8.23 5.75
CA LEU B 208 -31.40 8.34 4.41
C LEU B 208 -31.07 9.69 3.75
N MET B 209 -31.15 10.79 4.50
CA MET B 209 -30.78 12.08 3.93
C MET B 209 -29.29 12.14 3.58
N GLN B 210 -28.46 11.50 4.38
CA GLN B 210 -27.04 11.43 4.00
C GLN B 210 -26.80 10.55 2.78
N ALA B 211 -27.61 9.51 2.64
CA ALA B 211 -27.47 8.60 1.54
C ALA B 211 -27.83 9.41 0.29
N TYR B 212 -28.90 10.19 0.39
CA TYR B 212 -29.26 11.09 -0.68
C TYR B 212 -28.17 12.11 -0.98
N ARG B 213 -27.47 12.57 0.07
CA ARG B 213 -26.38 13.55 -0.09
C ARG B 213 -25.29 13.01 -1.00
N TRP B 214 -25.05 11.72 -0.93
CA TRP B 214 -24.03 11.13 -1.78
C TRP B 214 -24.59 10.77 -3.15
N ILE B 215 -25.89 10.53 -3.20
CA ILE B 215 -26.55 10.21 -4.46
C ILE B 215 -26.65 11.44 -5.38
N ILE B 216 -27.08 12.62 -4.89
CA ILE B 216 -27.17 13.79 -5.78
C ILE B 216 -25.90 14.59 -5.96
N ASP B 217 -24.77 14.11 -5.43
CA ASP B 217 -23.50 14.79 -5.62
C ASP B 217 -23.04 14.52 -7.06
N SER B 218 -22.97 15.56 -7.89
CA SER B 218 -22.58 15.44 -9.32
C SER B 218 -21.19 14.85 -9.51
N ARG B 219 -20.33 14.94 -8.51
CA ARG B 219 -19.00 14.35 -8.60
C ARG B 219 -18.99 12.84 -8.31
N ASP B 220 -20.07 12.31 -7.76
CA ASP B 220 -20.08 10.90 -7.33
C ASP B 220 -20.69 9.99 -8.40
N ASP B 221 -19.99 8.92 -8.76
CA ASP B 221 -20.40 8.02 -9.85
C ASP B 221 -21.18 6.76 -9.45
N SER B 222 -21.49 6.59 -8.16
CA SER B 222 -22.08 5.33 -7.69
C SER B 222 -23.55 5.43 -7.37
N ALA B 223 -24.26 6.38 -7.97
CA ALA B 223 -25.65 6.58 -7.65
C ALA B 223 -26.48 5.29 -7.77
N ALA B 224 -26.23 4.50 -8.80
CA ALA B 224 -27.05 3.29 -9.03
C ALA B 224 -26.78 2.25 -7.97
N GLU B 225 -25.53 2.12 -7.55
CA GLU B 225 -25.20 1.16 -6.49
C GLU B 225 -25.68 1.64 -5.12
N ARG B 226 -25.64 2.96 -4.90
CA ARG B 226 -26.13 3.53 -3.63
C ARG B 226 -27.61 3.28 -3.48
N LEU B 227 -28.34 3.42 -4.58
CA LEU B 227 -29.77 3.13 -4.60
C LEU B 227 -30.10 1.68 -4.32
N ALA B 228 -29.27 0.78 -4.87
CA ALA B 228 -29.54 -0.66 -4.80
C ALA B 228 -29.33 -1.24 -3.40
N ARG B 229 -28.57 -0.54 -2.56
CA ARG B 229 -28.36 -0.96 -1.18
C ARG B 229 -29.64 -0.80 -0.33
N MET B 230 -30.58 0.02 -0.80
CA MET B 230 -31.83 0.26 -0.09
C MET B 230 -33.05 0.15 -1.03
N GLN B 231 -33.06 -0.91 -1.83
CA GLN B 231 -34.12 -1.27 -2.76
C GLN B 231 -35.23 -2.08 -2.11
N ASP B 232 -34.95 -2.71 -0.99
CA ASP B 232 -35.90 -3.65 -0.36
C ASP B 232 -37.12 -2.94 0.21
N GLY B 233 -38.01 -3.72 0.81
CA GLY B 233 -39.22 -3.18 1.42
C GLY B 233 -39.04 -2.34 2.67
N PHE B 234 -37.85 -2.35 3.28
CA PHE B 234 -37.67 -1.72 4.61
C PHE B 234 -36.70 -0.54 4.65
N SER B 235 -35.54 -0.69 4.03
CA SER B 235 -34.45 0.29 4.15
C SER B 235 -34.87 1.76 4.01
N ALA B 236 -35.55 2.10 2.91
CA ALA B 236 -36.07 3.43 2.66
C ALA B 236 -37.59 3.46 2.63
N PHE B 237 -38.20 2.39 2.11
CA PHE B 237 -39.67 2.40 1.89
C PHE B 237 -40.51 2.29 3.15
N LYS B 238 -39.90 2.08 4.32
CA LYS B 238 -40.67 2.14 5.56
C LYS B 238 -40.86 3.55 6.13
N CYS B 239 -40.46 4.55 5.35
CA CYS B 239 -40.90 5.91 5.60
C CYS B 239 -42.38 5.98 5.26
N HIS B 240 -43.19 6.31 6.26
CA HIS B 240 -44.65 6.43 6.15
C HIS B 240 -45.08 7.90 6.22
N THR B 241 -44.20 8.78 5.77
CA THR B 241 -44.46 10.19 5.64
C THR B 241 -45.12 10.77 6.86
N ILE B 242 -44.54 10.43 8.01
CA ILE B 242 -45.03 10.92 9.29
C ILE B 242 -44.62 12.39 9.48
N MET B 243 -43.43 12.76 9.01
CA MET B 243 -42.98 14.17 8.99
C MET B 243 -42.42 14.72 10.31
N ASN B 244 -42.32 13.88 11.36
CA ASN B 244 -41.69 14.31 12.61
C ASN B 244 -40.23 14.72 12.42
N CYS B 245 -39.52 14.01 11.53
CA CYS B 245 -38.13 14.29 11.25
C CYS B 245 -37.90 15.75 10.86
N THR B 246 -38.59 16.21 9.82
CA THR B 246 -38.42 17.58 9.37
C THR B 246 -38.91 18.60 10.41
N LYS B 247 -40.00 18.29 11.08
CA LYS B 247 -40.52 19.10 12.17
C LYS B 247 -39.55 19.34 13.35
N THR B 248 -38.78 18.33 13.74
CA THR B 248 -37.98 18.42 14.97
C THR B 248 -36.53 18.82 14.71
N CYS B 249 -36.07 18.76 13.45
CA CYS B 249 -34.65 18.99 13.15
C CYS B 249 -34.15 20.32 13.67
N PRO B 250 -33.23 20.30 14.65
CA PRO B 250 -32.73 21.57 15.21
C PRO B 250 -31.87 22.40 14.27
N LYS B 251 -31.39 21.81 13.17
CA LYS B 251 -30.67 22.55 12.13
C LYS B 251 -31.57 22.99 10.97
N HIS B 252 -32.88 22.78 11.11
CA HIS B 252 -33.88 23.20 10.11
C HIS B 252 -33.67 22.54 8.74
N LEU B 253 -33.24 21.28 8.77
CA LEU B 253 -33.08 20.50 7.56
C LEU B 253 -34.36 19.71 7.30
N ASN B 254 -34.42 19.02 6.17
CA ASN B 254 -35.65 18.38 5.73
C ASN B 254 -35.39 16.96 5.26
N PRO B 255 -35.19 16.02 6.19
CA PRO B 255 -35.00 14.62 5.78
C PRO B 255 -36.18 14.08 4.99
N ALA B 256 -37.39 14.42 5.40
CA ALA B 256 -38.60 13.97 4.70
C ALA B 256 -38.50 14.21 3.21
N ARG B 257 -38.03 15.40 2.81
CA ARG B 257 -37.93 15.75 1.39
C ARG B 257 -36.94 14.81 0.70
N ALA B 258 -35.81 14.58 1.35
CA ALA B 258 -34.76 13.79 0.76
C ALA B 258 -35.20 12.32 0.58
N ILE B 259 -36.06 11.86 1.47
CA ILE B 259 -36.59 10.50 1.38
C ILE B 259 -37.59 10.40 0.23
N GLY B 260 -38.44 11.41 0.09
CA GLY B 260 -39.32 11.49 -1.06
C GLY B 260 -38.51 11.41 -2.34
N GLU B 261 -37.36 12.06 -2.35
CA GLU B 261 -36.49 12.10 -3.51
C GLU B 261 -35.91 10.71 -3.80
N ILE B 262 -35.54 10.02 -2.73
CA ILE B 262 -35.03 8.66 -2.83
C ILE B 262 -36.11 7.73 -3.36
N LYS B 263 -37.33 7.90 -2.86
CA LYS B 263 -38.48 7.13 -3.34
C LYS B 263 -38.68 7.31 -4.84
N MET B 264 -38.61 8.56 -5.31
CA MET B 264 -38.76 8.87 -6.73
C MET B 264 -37.67 8.18 -7.56
N LEU B 265 -36.42 8.24 -7.11
CA LEU B 265 -35.31 7.58 -7.83
C LEU B 265 -35.46 6.06 -7.83
N LEU B 266 -35.95 5.51 -6.73
CA LEU B 266 -36.11 4.06 -6.55
C LEU B 266 -37.27 3.53 -7.38
N THR B 267 -38.31 4.34 -7.53
CA THR B 267 -39.47 3.96 -8.35
C THR B 267 -39.26 4.34 -9.82
N LYS B 268 -38.09 4.91 -10.14
CA LYS B 268 -37.78 5.39 -11.48
C LYS B 268 -38.73 6.47 -11.99
N MET B 269 -39.36 7.22 -11.10
CA MET B 269 -40.12 8.41 -11.49
C MET B 269 -39.15 9.54 -11.85
N LYS B 270 -37.91 9.45 -11.36
CA LYS B 270 -36.90 10.46 -11.55
C LYS B 270 -35.55 9.78 -11.77
N THR B 271 -34.64 10.51 -12.41
CA THR B 271 -33.25 10.07 -12.54
C THR B 271 -32.31 11.13 -12.00
N LYS B 272 -31.08 10.73 -11.73
CA LYS B 272 -30.02 11.66 -11.40
C LYS B 272 -29.54 12.30 -12.71
N PRO B 273 -29.58 13.64 -12.79
CA PRO B 273 -29.03 14.19 -14.00
C PRO B 273 -27.56 13.81 -14.17
N ALA B 274 -27.09 13.86 -15.40
CA ALA B 274 -25.69 13.63 -15.65
C ALA B 274 -24.91 14.82 -15.11
N PRO B 275 -23.63 14.59 -14.82
CA PRO B 275 -22.80 15.73 -14.45
C PRO B 275 -22.76 16.76 -15.57
N LEU B 276 -22.67 18.04 -15.22
CA LEU B 276 -22.30 19.05 -16.22
C LEU B 276 -20.88 18.76 -16.71
N PRO B 277 -20.63 18.94 -18.02
CA PRO B 277 -19.32 18.61 -18.56
C PRO B 277 -18.27 19.60 -18.07
N THR B 278 -17.09 19.09 -17.79
CA THR B 278 -15.97 19.90 -17.34
C THR B 278 -15.43 20.72 -18.53
N PRO B 279 -15.44 22.07 -18.42
CA PRO B 279 -14.95 22.92 -19.50
C PRO B 279 -13.57 22.53 -20.02
N ALA B 280 -13.34 22.83 -21.31
CA ALA B 280 -12.08 22.51 -21.98
C ALA B 280 -10.88 23.13 -21.27
N ASN B 281 -11.02 24.39 -20.86
CA ASN B 281 -9.90 25.13 -20.23
C ASN B 281 -9.67 24.86 -18.72
N PHE B 282 -10.55 24.06 -18.10
CA PHE B 282 -10.50 23.80 -16.65
C PHE B 282 -9.16 23.22 -16.19
N GLU C 34 -35.19 -12.04 3.37
CA GLU C 34 -33.69 -11.96 3.28
C GLU C 34 -33.21 -10.52 3.51
N LYS C 35 -32.02 -10.39 4.10
CA LYS C 35 -31.59 -9.12 4.67
C LYS C 35 -30.35 -8.55 4.00
N THR C 36 -30.26 -7.22 3.94
CA THR C 36 -28.98 -6.56 3.66
C THR C 36 -28.03 -6.81 4.82
N PRO C 37 -26.71 -6.64 4.60
CA PRO C 37 -25.80 -6.85 5.70
C PRO C 37 -26.07 -5.93 6.92
N ILE C 38 -26.43 -4.67 6.68
CA ILE C 38 -26.71 -3.75 7.78
C ILE C 38 -27.93 -4.20 8.58
N GLN C 39 -28.92 -4.76 7.90
CA GLN C 39 -30.10 -5.34 8.60
C GLN C 39 -29.74 -6.54 9.47
N VAL C 40 -28.84 -7.39 8.96
CA VAL C 40 -28.32 -8.49 9.77
C VAL C 40 -27.55 -7.93 10.97
N TRP C 41 -26.70 -6.93 10.72
CA TRP C 41 -25.91 -6.35 11.79
C TRP C 41 -26.85 -5.79 12.86
N GLY C 42 -27.95 -5.19 12.41
CA GLY C 42 -28.91 -4.53 13.29
C GLY C 42 -29.71 -5.48 14.16
N TRP C 43 -30.04 -6.65 13.62
CA TRP C 43 -30.62 -7.71 14.45
C TRP C 43 -29.67 -8.11 15.57
N ASP C 44 -28.41 -8.39 15.22
CA ASP C 44 -27.42 -8.82 16.24
C ASP C 44 -27.21 -7.74 17.30
N TYR C 45 -27.36 -6.47 16.88
CA TYR C 45 -27.33 -5.32 17.79
C TYR C 45 -28.51 -5.34 18.76
N LEU C 46 -29.72 -5.56 18.24
CA LEU C 46 -30.88 -5.60 19.13
C LEU C 46 -30.69 -6.71 20.18
N MET C 47 -30.22 -7.88 19.77
CA MET C 47 -29.95 -9.01 20.70
C MET C 47 -28.88 -8.70 21.72
N ARG C 48 -27.87 -7.91 21.34
CA ARG C 48 -26.85 -7.50 22.31
C ARG C 48 -27.44 -6.63 23.41
N GLN C 49 -28.36 -5.76 23.02
CA GLN C 49 -28.92 -4.75 23.92
C GLN C 49 -29.93 -5.39 24.84
N ARG C 50 -30.68 -6.37 24.31
CA ARG C 50 -31.51 -7.23 25.14
C ARG C 50 -30.66 -7.96 26.17
N ALA C 51 -29.57 -8.58 25.74
CA ALA C 51 -28.69 -9.31 26.65
C ALA C 51 -28.14 -8.41 27.77
N LEU C 52 -27.91 -7.13 27.44
CA LEU C 52 -27.42 -6.17 28.42
C LEU C 52 -28.52 -5.64 29.37
N LYS C 53 -29.78 -5.98 29.10
CA LYS C 53 -30.93 -5.63 29.96
C LYS C 53 -31.12 -4.12 30.12
N ARG C 54 -30.81 -3.39 29.05
CA ARG C 54 -30.96 -1.94 29.07
C ARG C 54 -32.40 -1.55 28.79
N PRO C 55 -32.90 -0.54 29.50
CA PRO C 55 -34.24 -0.10 29.19
C PRO C 55 -34.31 0.66 27.85
N ILE C 56 -35.51 0.84 27.35
CA ILE C 56 -35.77 1.58 26.15
C ILE C 56 -36.35 2.92 26.55
N ALA C 57 -35.74 4.01 26.07
CA ALA C 57 -36.22 5.33 26.45
C ALA C 57 -37.66 5.49 25.98
N PRO C 58 -38.52 6.09 26.83
CA PRO C 58 -39.92 6.19 26.43
C PRO C 58 -40.12 7.07 25.16
N HIS C 59 -41.30 6.95 24.57
CA HIS C 59 -41.53 7.42 23.20
C HIS C 59 -42.97 7.96 23.07
N LEU C 60 -43.93 7.08 22.85
CA LEU C 60 -45.33 7.47 22.69
C LEU C 60 -45.86 8.19 23.91
N THR C 61 -45.44 7.77 25.10
CA THR C 61 -46.00 8.33 26.33
C THR C 61 -45.42 9.69 26.66
N ILE C 62 -44.37 10.11 25.97
CA ILE C 62 -43.71 11.39 26.30
C ILE C 62 -43.53 12.35 25.13
N TYR C 63 -43.71 11.91 23.89
CA TYR C 63 -43.48 12.78 22.74
C TYR C 63 -44.63 13.75 22.59
N LYS C 64 -44.32 15.01 22.32
CA LYS C 64 -45.36 16.06 22.18
C LYS C 64 -46.30 15.72 21.03
N PRO C 65 -47.61 15.69 21.29
CA PRO C 65 -48.57 15.49 20.22
C PRO C 65 -48.46 16.62 19.23
N GLN C 66 -48.33 16.30 17.94
CA GLN C 66 -48.11 17.32 16.89
C GLN C 66 -48.94 16.98 15.67
N MET C 67 -49.17 17.97 14.82
CA MET C 67 -49.94 17.76 13.61
C MET C 67 -49.24 16.81 12.64
N THR C 68 -47.95 16.58 12.82
CA THR C 68 -47.24 15.60 12.03
C THR C 68 -47.70 14.16 12.36
N TRP C 69 -47.29 13.65 13.51
CA TRP C 69 -47.51 12.24 13.84
C TRP C 69 -48.94 11.89 14.28
N MET C 70 -49.72 12.87 14.70
CA MET C 70 -51.13 12.64 15.02
C MET C 70 -52.00 12.46 13.79
N VAL C 71 -51.77 13.23 12.75
CA VAL C 71 -52.54 13.11 11.52
C VAL C 71 -52.17 11.79 10.85
N SER C 72 -50.87 11.51 10.80
CA SER C 72 -50.38 10.20 10.36
C SER C 72 -51.13 9.09 11.08
N GLY C 73 -51.29 9.24 12.39
CA GLY C 73 -51.95 8.23 13.21
C GLY C 73 -53.41 8.12 12.86
N LEU C 74 -54.04 9.27 12.65
CA LEU C 74 -55.43 9.31 12.25
C LEU C 74 -55.60 8.62 10.88
N HIS C 75 -54.67 8.88 9.97
CA HIS C 75 -54.70 8.23 8.66
C HIS C 75 -54.70 6.73 8.79
N ARG C 76 -53.79 6.21 9.62
CA ARG C 76 -53.74 4.77 9.87
C ARG C 76 -55.00 4.27 10.58
N VAL C 77 -55.49 5.01 11.57
CA VAL C 77 -56.69 4.58 12.33
C VAL C 77 -57.95 4.59 11.46
N THR C 78 -58.10 5.64 10.65
CA THR C 78 -59.27 5.71 9.79
C THR C 78 -59.20 4.61 8.75
N GLY C 79 -58.02 4.41 8.17
CA GLY C 79 -57.83 3.33 7.20
C GLY C 79 -58.25 2.00 7.79
N CYS C 80 -57.72 1.67 8.97
CA CYS C 80 -57.90 0.35 9.57
C CYS C 80 -59.31 0.16 10.13
N ALA C 81 -59.94 1.26 10.54
CA ALA C 81 -61.29 1.17 11.08
C ALA C 81 -62.27 0.86 9.95
N MET C 82 -62.06 1.49 8.80
CA MET C 82 -62.90 1.25 7.64
C MET C 82 -62.72 -0.19 7.18
N ALA C 83 -61.46 -0.66 7.15
CA ALA C 83 -61.16 -2.04 6.81
C ALA C 83 -61.84 -3.00 7.77
N GLY C 84 -61.59 -2.78 9.05
CA GLY C 84 -62.15 -3.66 10.09
C GLY C 84 -63.66 -3.72 10.03
N THR C 85 -64.29 -2.58 9.77
CA THR C 85 -65.74 -2.52 9.67
C THR C 85 -66.24 -3.33 8.47
N LEU C 86 -65.49 -3.28 7.36
CA LEU C 86 -65.85 -4.05 6.18
C LEU C 86 -65.73 -5.54 6.41
N LEU C 87 -64.70 -5.97 7.15
CA LEU C 87 -64.51 -7.38 7.49
C LEU C 87 -65.55 -7.90 8.47
N ILE C 88 -65.70 -7.21 9.60
CA ILE C 88 -66.67 -7.63 10.63
C ILE C 88 -68.08 -7.60 10.05
N GLY C 89 -68.39 -6.58 9.26
CA GLY C 89 -69.70 -6.47 8.60
C GLY C 89 -69.96 -7.59 7.60
N GLY C 90 -69.07 -7.75 6.63
CA GLY C 90 -69.27 -8.72 5.55
C GLY C 90 -69.35 -10.14 6.06
N VAL C 91 -68.41 -10.53 6.91
CA VAL C 91 -68.36 -11.87 7.44
C VAL C 91 -69.41 -12.06 8.56
N GLY C 92 -69.57 -11.05 9.40
CA GLY C 92 -70.52 -11.13 10.51
C GLY C 92 -71.94 -11.41 10.04
N PHE C 93 -72.45 -10.55 9.17
CA PHE C 93 -73.79 -10.75 8.64
C PHE C 93 -73.96 -12.10 7.95
N SER C 94 -72.90 -12.59 7.30
CA SER C 94 -72.95 -13.89 6.65
C SER C 94 -73.06 -15.01 7.68
N VAL C 95 -72.27 -14.94 8.74
CA VAL C 95 -72.25 -15.98 9.77
C VAL C 95 -73.47 -15.91 10.70
N LEU C 96 -74.10 -14.73 10.82
CA LEU C 96 -75.26 -14.56 11.70
C LEU C 96 -76.60 -14.74 10.96
N PRO C 97 -77.68 -15.05 11.70
CA PRO C 97 -79.00 -15.13 11.07
C PRO C 97 -79.51 -13.75 10.68
N LEU C 98 -79.21 -12.77 11.53
CA LEU C 98 -79.46 -11.36 11.29
C LEU C 98 -78.97 -10.89 9.91
N ASP C 99 -79.83 -10.20 9.16
CA ASP C 99 -79.39 -9.52 7.94
C ASP C 99 -79.42 -8.01 8.14
N PHE C 100 -78.93 -7.26 7.16
CA PHE C 100 -78.75 -5.81 7.32
C PHE C 100 -80.08 -5.06 7.39
N THR C 101 -81.10 -5.60 6.73
CA THR C 101 -82.42 -4.95 6.75
C THR C 101 -83.09 -5.01 8.12
N THR C 102 -82.97 -6.15 8.81
CA THR C 102 -83.50 -6.28 10.16
C THR C 102 -82.59 -5.56 11.16
N PHE C 103 -81.30 -5.40 10.83
CA PHE C 103 -80.40 -4.59 11.65
C PHE C 103 -80.80 -3.11 11.60
N VAL C 104 -81.08 -2.59 10.42
CA VAL C 104 -81.47 -1.19 10.30
C VAL C 104 -82.80 -0.94 11.00
N GLU C 105 -83.76 -1.85 10.80
CA GLU C 105 -85.09 -1.71 11.40
C GLU C 105 -84.99 -1.76 12.94
N PHE C 106 -84.09 -2.58 13.46
CA PHE C 106 -83.85 -2.63 14.91
C PHE C 106 -83.47 -1.28 15.51
N ILE C 107 -82.57 -0.53 14.86
CA ILE C 107 -82.07 0.72 15.47
C ILE C 107 -83.08 1.87 15.30
N ARG C 108 -83.82 1.88 14.19
CA ARG C 108 -84.98 2.78 14.07
C ARG C 108 -85.95 2.53 15.20
N GLY C 109 -86.17 1.24 15.52
CA GLY C 109 -87.02 0.83 16.64
C GLY C 109 -86.64 1.45 17.98
N LEU C 110 -85.35 1.71 18.20
CA LEU C 110 -84.87 2.39 19.40
C LEU C 110 -85.24 3.89 19.40
N GLY C 111 -85.63 4.41 18.24
CA GLY C 111 -86.15 5.77 18.11
C GLY C 111 -85.30 6.85 18.77
N ILE C 112 -83.99 6.74 18.62
CA ILE C 112 -83.07 7.68 19.27
C ILE C 112 -83.05 9.02 18.52
N PRO C 113 -82.79 10.14 19.24
CA PRO C 113 -82.91 11.50 18.69
C PRO C 113 -82.14 11.70 17.39
N TRP C 114 -82.68 12.51 16.48
CA TRP C 114 -82.13 12.60 15.14
C TRP C 114 -80.71 13.19 15.10
N VAL C 115 -80.43 14.12 16.01
CA VAL C 115 -79.15 14.83 16.04
C VAL C 115 -78.04 13.82 16.29
N ILE C 116 -78.34 12.83 17.12
CA ILE C 116 -77.42 11.75 17.46
C ILE C 116 -77.29 10.73 16.31
N LEU C 117 -78.40 10.44 15.64
CA LEU C 117 -78.35 9.61 14.43
C LEU C 117 -77.46 10.27 13.37
N ASP C 118 -77.66 11.56 13.14
CA ASP C 118 -76.86 12.29 12.15
C ASP C 118 -75.39 12.47 12.56
N THR C 119 -75.11 12.41 13.86
CA THR C 119 -73.73 12.40 14.34
C THR C 119 -73.06 11.07 13.97
N PHE C 120 -73.78 9.95 14.16
CA PHE C 120 -73.26 8.64 13.74
C PHE C 120 -72.91 8.66 12.27
N LYS C 121 -73.78 9.23 11.45
CA LYS C 121 -73.53 9.38 10.01
C LYS C 121 -72.26 10.19 9.76
N PHE C 122 -72.11 11.31 10.46
CA PHE C 122 -70.91 12.14 10.35
C PHE C 122 -69.66 11.33 10.66
N ILE C 123 -69.73 10.56 11.74
CA ILE C 123 -68.62 9.72 12.17
C ILE C 123 -68.32 8.67 11.12
N ILE C 124 -69.36 8.08 10.54
CA ILE C 124 -69.15 7.14 9.43
C ILE C 124 -68.50 7.83 8.24
N ALA C 125 -68.90 9.08 7.96
CA ALA C 125 -68.43 9.77 6.76
C ALA C 125 -67.02 10.36 6.90
N PHE C 126 -66.69 10.83 8.09
CA PHE C 126 -65.42 11.53 8.29
C PHE C 126 -64.17 10.72 7.90
N PRO C 127 -64.04 9.48 8.39
CA PRO C 127 -62.92 8.61 8.00
C PRO C 127 -62.74 8.47 6.48
N ILE C 128 -63.84 8.37 5.76
CA ILE C 128 -63.78 8.19 4.30
C ILE C 128 -63.23 9.48 3.68
N ALA C 129 -63.82 10.59 4.09
CA ALA C 129 -63.42 11.90 3.62
C ALA C 129 -61.96 12.16 3.94
N PHE C 130 -61.61 12.05 5.21
CA PHE C 130 -60.28 12.42 5.65
C PHE C 130 -59.23 11.53 5.02
N HIS C 131 -59.46 10.22 5.07
CA HIS C 131 -58.45 9.26 4.65
C HIS C 131 -58.18 9.41 3.16
N THR C 132 -59.24 9.67 2.39
CA THR C 132 -59.09 9.91 0.95
C THR C 132 -58.27 11.17 0.70
N LEU C 133 -58.69 12.26 1.33
CA LEU C 133 -58.02 13.55 1.17
C LEU C 133 -56.55 13.47 1.59
N ASN C 134 -56.32 12.98 2.81
CA ASN C 134 -54.96 12.88 3.34
C ASN C 134 -54.11 11.85 2.60
N GLY C 135 -54.77 10.87 1.99
CA GLY C 135 -54.09 9.92 1.12
C GLY C 135 -53.43 10.65 -0.03
N ILE C 136 -54.13 11.65 -0.59
CA ILE C 136 -53.59 12.41 -1.70
C ILE C 136 -52.35 13.19 -1.22
N ARG C 137 -52.47 13.78 -0.03
CA ARG C 137 -51.38 14.49 0.66
C ARG C 137 -50.17 13.59 0.85
N PHE C 138 -50.40 12.38 1.34
CA PHE C 138 -49.29 11.44 1.58
C PHE C 138 -48.61 10.96 0.31
N ILE C 139 -49.36 10.86 -0.79
CA ILE C 139 -48.75 10.53 -2.07
C ILE C 139 -47.87 11.69 -2.50
N GLY C 140 -48.33 12.93 -2.32
CA GLY C 140 -47.45 14.08 -2.57
C GLY C 140 -46.14 14.00 -1.78
N PHE C 141 -46.23 13.73 -0.48
CA PHE C 141 -45.04 13.54 0.37
C PHE C 141 -44.09 12.50 -0.21
N ASP C 142 -44.64 11.39 -0.70
CA ASP C 142 -43.85 10.37 -1.40
C ASP C 142 -43.09 10.91 -2.61
N MET C 143 -43.67 11.89 -3.28
CA MET C 143 -43.03 12.50 -4.44
C MET C 143 -42.27 13.76 -4.06
N ALA C 144 -42.08 13.98 -2.77
CA ALA C 144 -41.27 15.09 -2.24
C ALA C 144 -41.95 16.42 -2.44
N LYS C 145 -43.28 16.44 -2.38
CA LYS C 145 -44.06 17.65 -2.60
C LYS C 145 -44.63 18.20 -1.30
N GLY C 146 -44.35 19.47 -1.03
CA GLY C 146 -44.93 20.18 0.10
C GLY C 146 -44.49 19.64 1.44
N THR C 147 -43.21 19.28 1.54
CA THR C 147 -42.64 18.69 2.75
C THR C 147 -42.04 19.74 3.68
N ASP C 148 -42.03 21.00 3.24
CA ASP C 148 -41.63 22.10 4.10
C ASP C 148 -42.70 22.28 5.18
N ILE C 149 -42.25 22.68 6.37
CA ILE C 149 -43.11 22.74 7.56
C ILE C 149 -44.38 23.58 7.39
N PRO C 150 -44.27 24.78 6.79
CA PRO C 150 -45.51 25.52 6.49
C PRO C 150 -46.52 24.73 5.66
N SER C 151 -46.10 24.17 4.52
CA SER C 151 -46.96 23.31 3.70
C SER C 151 -47.49 22.08 4.45
N ILE C 152 -46.62 21.42 5.22
CA ILE C 152 -47.07 20.30 6.07
C ILE C 152 -48.25 20.71 6.94
N TYR C 153 -48.12 21.84 7.63
CA TYR C 153 -49.21 22.32 8.50
C TYR C 153 -50.45 22.82 7.74
N ARG C 154 -50.27 23.60 6.67
CA ARG C 154 -51.41 24.04 5.87
C ARG C 154 -52.21 22.84 5.33
N GLY C 155 -51.52 21.95 4.61
CA GLY C 155 -52.12 20.71 4.11
C GLY C 155 -52.86 19.90 5.17
N ALA C 156 -52.27 19.76 6.35
CA ALA C 156 -52.93 19.06 7.45
C ALA C 156 -54.26 19.74 7.78
N TYR C 157 -54.20 21.02 8.13
CA TYR C 157 -55.42 21.78 8.45
C TYR C 157 -56.44 21.74 7.32
N LEU C 158 -55.97 21.92 6.10
CA LEU C 158 -56.82 21.89 4.91
C LEU C 158 -57.53 20.55 4.75
N VAL C 159 -56.75 19.47 4.80
CA VAL C 159 -57.28 18.11 4.71
C VAL C 159 -58.28 17.77 5.83
N LEU C 160 -57.97 18.15 7.08
CA LEU C 160 -58.92 17.98 8.20
C LEU C 160 -60.19 18.83 8.01
N GLY C 161 -60.01 20.02 7.44
CA GLY C 161 -61.10 20.96 7.22
C GLY C 161 -62.07 20.51 6.14
N LEU C 162 -61.58 20.25 4.93
CA LEU C 162 -62.43 19.76 3.84
C LEU C 162 -63.14 18.46 4.22
N ALA C 163 -62.41 17.56 4.85
CA ALA C 163 -62.99 16.29 5.28
C ALA C 163 -64.18 16.54 6.19
N ALA C 164 -64.01 17.42 7.18
CA ALA C 164 -65.11 17.77 8.07
C ALA C 164 -66.25 18.45 7.31
N LEU C 165 -65.90 19.34 6.37
CA LEU C 165 -66.88 20.09 5.56
C LEU C 165 -67.72 19.16 4.69
N ILE C 166 -67.05 18.21 4.05
CA ILE C 166 -67.74 17.22 3.22
C ILE C 166 -68.61 16.28 4.05
N SER C 167 -68.09 15.75 5.15
CA SER C 167 -68.88 14.88 6.03
C SER C 167 -70.11 15.62 6.55
N LEU C 168 -69.92 16.90 6.90
CA LEU C 168 -71.03 17.76 7.33
C LEU C 168 -72.12 17.88 6.25
N ALA C 169 -71.71 18.24 5.04
CA ALA C 169 -72.60 18.43 3.91
C ALA C 169 -73.45 17.18 3.67
N VAL C 170 -72.77 16.09 3.35
CA VAL C 170 -73.39 14.78 3.18
C VAL C 170 -74.39 14.35 4.26
N VAL C 171 -74.28 14.90 5.47
CA VAL C 171 -75.24 14.57 6.55
C VAL C 171 -76.35 15.62 6.61
N VAL C 172 -75.96 16.89 6.52
CA VAL C 172 -76.87 18.01 6.73
C VAL C 172 -77.83 18.18 5.55
N TYR C 173 -77.30 18.26 4.33
CA TYR C 173 -78.11 18.48 3.13
C TYR C 173 -79.37 17.59 3.06
N PRO C 174 -79.22 16.24 3.09
CA PRO C 174 -80.41 15.38 3.04
C PRO C 174 -81.36 15.56 4.20
N ARG C 175 -80.83 15.84 5.39
CA ARG C 175 -81.67 16.19 6.54
C ARG C 175 -82.47 17.46 6.26
N TRP C 176 -81.86 18.38 5.52
CA TRP C 176 -82.51 19.63 5.15
C TRP C 176 -83.71 19.32 4.26
N GLU C 177 -83.47 18.55 3.19
CA GLU C 177 -84.54 18.10 2.29
C GLU C 177 -85.68 17.43 3.05
N ARG C 178 -85.34 16.57 3.99
CA ARG C 178 -86.35 15.86 4.80
C ARG C 178 -87.20 16.76 5.70
N HIS C 179 -86.65 17.90 6.14
CA HIS C 179 -87.40 18.87 6.92
C HIS C 179 -88.36 19.64 6.00
N LYS C 180 -87.89 19.96 4.80
CA LYS C 180 -88.73 20.58 3.77
C LYS C 180 -89.90 19.68 3.34
N LYS C 181 -89.64 18.39 3.11
CA LYS C 181 -90.70 17.43 2.78
C LYS C 181 -91.77 17.32 3.87
N ALA C 182 -91.36 17.45 5.13
CA ALA C 182 -92.27 17.28 6.27
C ALA C 182 -93.20 18.48 6.50
N THR C 183 -92.71 19.69 6.25
CA THR C 183 -93.41 20.92 6.65
C THR C 183 -93.72 21.94 5.54
N LEU C 184 -93.42 21.63 4.29
CA LEU C 184 -93.76 22.51 3.15
C LEU C 184 -94.82 21.86 2.26
N PRO C 185 -95.58 22.68 1.50
CA PRO C 185 -96.75 22.19 0.75
C PRO C 185 -96.45 21.31 -0.47
N THR C 186 -97.46 20.50 -0.85
CA THR C 186 -97.38 19.51 -1.95
C THR C 186 -95.96 18.97 -2.18
N THR D 28 -5.05 -5.04 40.16
CA THR D 28 -3.85 -5.25 39.31
C THR D 28 -4.19 -5.36 37.82
N SER D 29 -3.13 -5.41 37.03
CA SER D 29 -3.20 -5.62 35.60
C SER D 29 -2.82 -7.07 35.24
N ALA D 30 -3.40 -8.05 35.93
CA ALA D 30 -3.38 -9.43 35.43
C ALA D 30 -4.65 -9.63 34.55
N ALA D 31 -4.43 -9.48 33.24
CA ALA D 31 -5.44 -9.08 32.26
C ALA D 31 -5.82 -10.14 31.24
N VAL D 32 -6.82 -9.84 30.42
CA VAL D 32 -7.26 -10.76 29.37
C VAL D 32 -7.19 -10.12 27.96
N THR D 33 -7.12 -10.97 26.94
CA THR D 33 -6.94 -10.47 25.57
C THR D 33 -8.30 -10.04 24.98
N GLY D 34 -8.36 -8.80 24.50
CA GLY D 34 -9.60 -8.24 23.99
C GLY D 34 -9.84 -8.63 22.56
N ALA D 35 -11.09 -8.50 22.12
CA ALA D 35 -11.42 -8.52 20.70
C ALA D 35 -11.85 -7.12 20.28
N ALA D 36 -11.91 -6.89 18.97
CA ALA D 36 -12.37 -5.60 18.45
C ALA D 36 -13.84 -5.40 18.84
N PRO D 37 -14.26 -4.13 19.02
CA PRO D 37 -15.68 -3.89 19.26
C PRO D 37 -16.54 -4.28 18.07
N PRO D 38 -17.86 -4.43 18.28
CA PRO D 38 -18.75 -4.61 17.14
C PRO D 38 -18.72 -3.35 16.28
N GLN D 39 -18.49 -3.51 14.98
CA GLN D 39 -18.32 -2.37 14.09
C GLN D 39 -18.72 -2.81 12.69
N PHE D 40 -19.64 -2.09 12.08
CA PHE D 40 -20.09 -2.48 10.75
C PHE D 40 -19.07 -2.06 9.68
N ASP D 41 -18.51 -3.06 9.02
CA ASP D 41 -17.55 -2.86 7.97
C ASP D 41 -18.27 -2.81 6.63
N PRO D 42 -18.43 -1.61 6.07
CA PRO D 42 -19.24 -1.50 4.86
C PRO D 42 -18.63 -2.12 3.60
N ILE D 43 -17.32 -2.33 3.61
CA ILE D 43 -16.63 -2.93 2.48
C ILE D 43 -16.64 -4.45 2.61
N ALA D 44 -16.25 -4.96 3.78
CA ALA D 44 -16.31 -6.40 4.08
C ALA D 44 -17.73 -6.98 3.96
N ALA D 45 -18.73 -6.19 4.36
CA ALA D 45 -20.13 -6.60 4.25
C ALA D 45 -20.59 -6.65 2.78
N GLU D 46 -19.97 -5.82 1.95
CA GLU D 46 -20.28 -5.75 0.51
C GLU D 46 -19.71 -6.94 -0.31
N LYS D 47 -18.80 -7.73 0.25
CA LYS D 47 -18.22 -8.88 -0.46
C LYS D 47 -19.28 -9.98 -0.73
N GLY D 48 -19.59 -10.19 -2.00
CA GLY D 48 -20.56 -11.22 -2.42
C GLY D 48 -22.03 -10.85 -2.23
N PHE D 49 -22.30 -9.60 -1.88
CA PHE D 49 -23.69 -9.12 -1.68
C PHE D 49 -24.41 -8.95 -3.01
N LYS D 50 -25.27 -9.90 -3.34
CA LYS D 50 -26.13 -9.82 -4.53
C LYS D 50 -27.41 -9.05 -4.14
N PRO D 51 -27.63 -7.88 -4.77
CA PRO D 51 -28.77 -7.04 -4.36
C PRO D 51 -30.10 -7.80 -4.27
N LEU D 52 -30.93 -7.42 -3.31
CA LEU D 52 -32.26 -8.02 -3.13
C LEU D 52 -33.20 -7.42 -4.16
N HIS D 53 -34.30 -8.13 -4.45
CA HIS D 53 -35.22 -7.68 -5.51
C HIS D 53 -35.80 -6.32 -5.17
N SER D 54 -36.11 -5.55 -6.20
CA SER D 54 -36.49 -4.15 -6.04
C SER D 54 -37.98 -3.97 -5.75
N HIS D 55 -38.29 -3.41 -4.57
CA HIS D 55 -39.65 -3.14 -4.12
C HIS D 55 -40.24 -1.89 -4.79
N GLY D 56 -39.40 -1.16 -5.51
CA GLY D 56 -39.79 0.08 -6.19
C GLY D 56 -41.01 -0.02 -7.11
N THR D 57 -41.06 -1.05 -7.93
CA THR D 57 -42.17 -1.19 -8.87
C THR D 57 -43.47 -1.49 -8.10
N LEU D 58 -43.41 -2.36 -7.10
CA LEU D 58 -44.59 -2.63 -6.26
C LEU D 58 -45.08 -1.35 -5.56
N PHE D 59 -44.15 -0.58 -5.02
CA PHE D 59 -44.49 0.66 -4.33
C PHE D 59 -45.16 1.63 -5.30
N LYS D 60 -44.59 1.74 -6.51
CA LYS D 60 -45.17 2.57 -7.57
C LYS D 60 -46.64 2.20 -7.82
N ILE D 61 -46.92 0.90 -8.02
CA ILE D 61 -48.30 0.52 -8.39
C ILE D 61 -49.27 0.76 -7.24
N GLU D 62 -48.86 0.41 -6.02
CA GLU D 62 -49.65 0.72 -4.82
C GLU D 62 -50.18 2.16 -4.79
N ARG D 63 -49.32 3.10 -5.18
CA ARG D 63 -49.68 4.53 -5.12
C ARG D 63 -50.51 4.95 -6.32
N TYR D 64 -50.19 4.41 -7.49
CA TYR D 64 -51.05 4.63 -8.66
C TYR D 64 -52.45 4.11 -8.37
N PHE D 65 -52.54 2.93 -7.76
CA PHE D 65 -53.83 2.35 -7.49
C PHE D 65 -54.62 3.24 -6.55
N ALA D 66 -53.96 3.70 -5.49
CA ALA D 66 -54.62 4.59 -4.53
C ALA D 66 -55.09 5.89 -5.22
N ALA D 67 -54.24 6.46 -6.08
CA ALA D 67 -54.66 7.63 -6.89
C ALA D 67 -55.86 7.31 -7.77
N ALA D 68 -55.85 6.14 -8.42
CA ALA D 68 -56.98 5.71 -9.27
C ALA D 68 -58.27 5.61 -8.48
N MET D 69 -58.20 5.20 -7.23
CA MET D 69 -59.38 5.14 -6.39
C MET D 69 -59.93 6.51 -6.00
N VAL D 70 -59.15 7.57 -6.18
CA VAL D 70 -59.64 8.90 -5.80
C VAL D 70 -60.99 9.24 -6.47
N PRO D 71 -61.08 9.11 -7.81
CA PRO D 71 -62.40 9.33 -8.43
C PRO D 71 -63.45 8.31 -8.01
N LEU D 72 -63.02 7.09 -7.70
CA LEU D 72 -63.96 6.03 -7.31
C LEU D 72 -64.85 6.43 -6.14
N ILE D 73 -64.29 7.11 -5.14
CA ILE D 73 -65.04 7.36 -3.90
C ILE D 73 -66.21 8.32 -4.08
N PRO D 74 -65.99 9.46 -4.78
CA PRO D 74 -67.13 10.32 -5.12
C PRO D 74 -68.07 9.67 -6.17
N ALA D 75 -67.50 8.97 -7.15
CA ALA D 75 -68.33 8.20 -8.08
C ALA D 75 -69.32 7.30 -7.33
N ALA D 76 -68.87 6.69 -6.22
CA ALA D 76 -69.76 5.83 -5.42
C ALA D 76 -70.82 6.61 -4.67
N TYR D 77 -70.57 7.88 -4.40
CA TYR D 77 -71.60 8.72 -3.77
C TYR D 77 -72.76 8.95 -4.75
N PHE D 78 -72.42 9.30 -5.99
CA PHE D 78 -73.41 9.63 -7.02
C PHE D 78 -74.03 8.42 -7.73
N ILE D 79 -73.29 7.34 -7.94
CA ILE D 79 -73.85 6.20 -8.68
C ILE D 79 -73.83 4.91 -7.84
N HIS D 80 -75.01 4.32 -7.69
CA HIS D 80 -75.23 3.14 -6.85
C HIS D 80 -75.64 1.93 -7.68
N GLY D 81 -75.80 0.78 -7.01
CA GLY D 81 -76.22 -0.47 -7.64
C GLY D 81 -75.20 -1.59 -7.45
N ARG D 82 -75.45 -2.73 -8.08
CA ARG D 82 -74.68 -3.93 -7.84
C ARG D 82 -73.33 -3.91 -8.55
N GLU D 83 -73.24 -3.19 -9.67
CA GLU D 83 -71.96 -3.12 -10.38
C GLU D 83 -70.97 -2.21 -9.65
N MET D 84 -71.45 -1.11 -9.06
CA MET D 84 -70.61 -0.27 -8.22
C MET D 84 -70.17 -1.03 -6.98
N ASP D 85 -71.13 -1.70 -6.34
CA ASP D 85 -70.85 -2.59 -5.22
C ASP D 85 -69.68 -3.52 -5.53
N LEU D 86 -69.64 -4.05 -6.75
CA LEU D 86 -68.58 -4.96 -7.19
C LEU D 86 -67.23 -4.24 -7.38
N CYS D 87 -67.26 -3.07 -8.03
CA CYS D 87 -66.06 -2.24 -8.18
C CYS D 87 -65.42 -1.89 -6.83
N LEU D 88 -66.24 -1.50 -5.88
CA LEU D 88 -65.79 -1.20 -4.53
C LEU D 88 -65.16 -2.41 -3.84
N ALA D 89 -65.87 -3.53 -3.84
CA ALA D 89 -65.42 -4.76 -3.22
C ALA D 89 -64.04 -5.15 -3.71
N LEU D 90 -63.78 -5.02 -5.01
CA LEU D 90 -62.51 -5.42 -5.59
C LEU D 90 -61.41 -4.42 -5.30
N ALA D 91 -61.72 -3.13 -5.42
CA ALA D 91 -60.72 -2.08 -5.23
C ALA D 91 -60.35 -1.95 -3.75
N LEU D 92 -61.36 -1.90 -2.89
CA LEU D 92 -61.11 -1.89 -1.46
C LEU D 92 -60.28 -3.11 -1.03
N THR D 93 -60.62 -4.28 -1.54
CA THR D 93 -59.91 -5.50 -1.15
C THR D 93 -58.43 -5.45 -1.51
N LEU D 94 -58.12 -4.97 -2.70
CA LEU D 94 -56.74 -4.89 -3.13
C LEU D 94 -55.99 -3.82 -2.31
N HIS D 95 -56.60 -2.66 -2.18
CA HIS D 95 -55.98 -1.56 -1.49
C HIS D 95 -55.74 -1.93 -0.03
N VAL D 96 -56.74 -2.51 0.61
CA VAL D 96 -56.65 -2.98 1.99
C VAL D 96 -55.66 -4.13 2.14
N HIS D 97 -55.53 -4.94 1.10
CA HIS D 97 -54.54 -6.02 1.14
C HIS D 97 -53.16 -5.43 1.37
N TRP D 98 -52.81 -4.45 0.54
CA TRP D 98 -51.50 -3.82 0.61
C TRP D 98 -51.39 -3.03 1.89
N GLY D 99 -52.48 -2.37 2.25
CA GLY D 99 -52.57 -1.63 3.50
C GLY D 99 -52.23 -2.45 4.73
N VAL D 100 -53.03 -3.48 5.04
CA VAL D 100 -52.80 -4.20 6.29
C VAL D 100 -51.47 -4.95 6.24
N TRP D 101 -51.01 -5.30 5.03
CA TRP D 101 -49.70 -5.95 4.91
C TRP D 101 -48.59 -5.04 5.46
N GLY D 102 -48.69 -3.74 5.16
CA GLY D 102 -47.77 -2.74 5.68
C GLY D 102 -47.88 -2.55 7.17
N VAL D 103 -49.10 -2.57 7.69
CA VAL D 103 -49.36 -2.47 9.12
C VAL D 103 -48.78 -3.69 9.86
N VAL D 104 -49.08 -4.88 9.34
CA VAL D 104 -48.53 -6.10 9.89
C VAL D 104 -47.01 -6.06 9.90
N ASN D 105 -46.39 -5.61 8.82
CA ASN D 105 -44.94 -5.50 8.82
C ASN D 105 -44.39 -4.42 9.76
N ASP D 106 -45.17 -3.38 10.07
CA ASP D 106 -44.72 -2.39 11.06
C ASP D 106 -44.71 -2.98 12.47
N TYR D 107 -45.80 -3.63 12.87
CA TYR D 107 -45.99 -4.02 14.27
C TYR D 107 -45.69 -5.50 14.56
N GLY D 108 -45.67 -6.32 13.53
CA GLY D 108 -45.41 -7.77 13.70
C GLY D 108 -43.92 -8.00 13.77
N ARG D 109 -43.28 -7.49 14.81
CA ARG D 109 -41.84 -7.47 14.85
C ARG D 109 -41.28 -8.68 15.58
N PRO D 110 -40.40 -9.45 14.91
CA PRO D 110 -39.72 -10.57 15.53
C PRO D 110 -39.14 -10.22 16.90
N PHE D 111 -38.59 -9.01 17.06
CA PHE D 111 -37.97 -8.61 18.32
C PHE D 111 -38.94 -8.69 19.50
N VAL D 112 -40.21 -8.40 19.27
CA VAL D 112 -41.21 -8.41 20.32
C VAL D 112 -42.12 -9.66 20.29
N LEU D 113 -42.22 -10.36 19.15
CA LEU D 113 -43.12 -11.51 19.03
C LEU D 113 -42.41 -12.86 18.92
N GLY D 114 -41.12 -12.84 18.62
CA GLY D 114 -40.39 -14.04 18.22
C GLY D 114 -40.66 -14.36 16.76
N ASP D 115 -39.82 -15.21 16.18
CA ASP D 115 -39.82 -15.46 14.72
C ASP D 115 -41.09 -16.12 14.21
N THR D 116 -41.64 -17.06 14.99
CA THR D 116 -42.73 -17.90 14.50
C THR D 116 -44.06 -17.16 14.58
N LEU D 117 -44.31 -16.47 15.68
CA LEU D 117 -45.51 -15.64 15.78
C LEU D 117 -45.50 -14.48 14.76
N ALA D 118 -44.31 -13.94 14.46
CA ALA D 118 -44.20 -12.87 13.46
C ALA D 118 -44.61 -13.39 12.09
N ALA D 119 -44.07 -14.56 11.76
CA ALA D 119 -44.44 -15.26 10.54
C ALA D 119 -45.94 -15.51 10.48
N ALA D 120 -46.54 -15.87 11.61
CA ALA D 120 -47.96 -16.21 11.66
C ALA D 120 -48.87 -15.01 11.42
N VAL D 121 -48.48 -13.82 11.90
CA VAL D 121 -49.27 -12.61 11.68
C VAL D 121 -49.11 -12.14 10.21
N ARG D 122 -47.96 -12.44 9.62
CA ARG D 122 -47.77 -12.21 8.18
C ARG D 122 -48.75 -13.05 7.35
N VAL D 123 -48.96 -14.31 7.76
CA VAL D 123 -49.90 -15.20 7.09
C VAL D 123 -51.32 -14.69 7.31
N GLY D 124 -51.63 -14.31 8.55
CA GLY D 124 -52.94 -13.77 8.91
C GLY D 124 -53.36 -12.52 8.14
N ALA D 125 -52.40 -11.79 7.59
CA ALA D 125 -52.71 -10.67 6.70
C ALA D 125 -53.38 -11.16 5.40
N TYR D 126 -52.86 -12.26 4.84
CA TYR D 126 -53.49 -12.90 3.67
C TYR D 126 -54.86 -13.49 4.03
N ILE D 127 -54.98 -14.05 5.24
CA ILE D 127 -56.26 -14.57 5.71
C ILE D 127 -57.24 -13.41 5.84
N PHE D 128 -56.74 -12.25 6.27
CA PHE D 128 -57.56 -11.03 6.37
C PHE D 128 -58.13 -10.64 4.99
N THR D 129 -57.25 -10.59 4.00
CA THR D 129 -57.66 -10.15 2.66
C THR D 129 -58.72 -11.13 2.13
N ALA D 130 -58.37 -12.41 2.09
CA ALA D 130 -59.26 -13.49 1.68
C ALA D 130 -60.63 -13.41 2.32
N CYS D 131 -60.68 -13.28 3.65
CA CYS D 131 -61.94 -13.23 4.35
C CYS D 131 -62.70 -11.95 4.05
N LEU D 132 -61.96 -10.87 3.82
CA LEU D 132 -62.57 -9.57 3.52
C LEU D 132 -63.39 -9.66 2.24
N LEU D 133 -62.76 -10.17 1.19
CA LEU D 133 -63.40 -10.30 -0.11
C LEU D 133 -64.59 -11.24 -0.05
N ALA D 134 -64.41 -12.39 0.62
CA ALA D 134 -65.46 -13.41 0.68
C ALA D 134 -66.68 -12.85 1.36
N GLY D 135 -66.46 -12.15 2.47
CA GLY D 135 -67.55 -11.54 3.21
C GLY D 135 -68.21 -10.41 2.44
N LEU D 136 -67.43 -9.69 1.64
CA LEU D 136 -67.99 -8.64 0.78
C LEU D 136 -68.82 -9.23 -0.34
N LEU D 137 -68.27 -10.22 -1.03
CA LEU D 137 -69.01 -10.91 -2.07
C LEU D 137 -70.32 -11.45 -1.50
N TYR D 138 -70.25 -12.09 -0.33
CA TYR D 138 -71.46 -12.53 0.34
C TYR D 138 -72.41 -11.36 0.49
N PHE D 139 -71.96 -10.32 1.18
CA PHE D 139 -72.81 -9.19 1.47
C PHE D 139 -73.46 -8.61 0.20
N ASN D 140 -72.68 -8.50 -0.88
CA ASN D 140 -73.16 -7.97 -2.16
C ASN D 140 -74.14 -8.92 -2.86
N GLU D 141 -74.00 -10.22 -2.61
CA GLU D 141 -74.79 -11.24 -3.33
C GLU D 141 -76.04 -11.74 -2.59
N HIS D 142 -76.04 -11.69 -1.25
CA HIS D 142 -77.16 -12.21 -0.46
C HIS D 142 -77.76 -11.22 0.53
N ASP D 143 -77.13 -10.05 0.64
CA ASP D 143 -77.71 -8.98 1.41
C ASP D 143 -77.89 -7.82 0.45
N VAL D 144 -78.08 -6.62 1.01
CA VAL D 144 -78.46 -5.45 0.22
C VAL D 144 -77.33 -4.88 -0.65
N GLY D 145 -76.08 -5.20 -0.34
CA GLY D 145 -74.96 -4.60 -1.06
C GLY D 145 -74.52 -3.29 -0.42
N LEU D 146 -73.29 -2.89 -0.72
CA LEU D 146 -72.63 -1.76 -0.03
C LEU D 146 -73.36 -0.44 -0.21
N THR D 147 -73.63 -0.08 -1.46
CA THR D 147 -74.23 1.22 -1.77
C THR D 147 -75.62 1.38 -1.15
N ARG D 148 -76.48 0.38 -1.29
CA ARG D 148 -77.81 0.39 -0.66
C ARG D 148 -77.71 0.39 0.88
N ALA D 149 -76.70 -0.28 1.42
CA ALA D 149 -76.48 -0.32 2.89
C ALA D 149 -76.32 1.09 3.42
N PHE D 150 -75.51 1.88 2.72
CA PHE D 150 -75.33 3.27 3.05
C PHE D 150 -76.63 4.06 2.94
N GLU D 151 -77.42 3.84 1.88
CA GLU D 151 -78.71 4.52 1.75
C GLU D 151 -79.57 4.27 2.98
N MET D 152 -79.67 3.00 3.36
CA MET D 152 -80.54 2.61 4.46
C MET D 152 -80.14 3.22 5.80
N VAL D 153 -78.85 3.38 6.07
CA VAL D 153 -78.42 4.08 7.30
C VAL D 153 -78.66 5.59 7.19
N TRP D 154 -78.37 6.18 6.04
CA TRP D 154 -78.60 7.61 5.82
C TRP D 154 -80.09 8.01 5.91
N GLU D 155 -81.00 7.11 5.55
CA GLU D 155 -82.44 7.40 5.60
C GLU D 155 -82.96 7.52 7.03
N LEU D 156 -82.32 6.82 7.96
CA LEU D 156 -82.70 6.83 9.38
C LEU D 156 -83.04 8.22 9.91
N SER E 30 5.15 -40.96 5.27
CA SER E 30 5.87 -40.97 6.58
C SER E 30 5.94 -42.38 7.16
N ASN E 31 6.28 -43.35 6.32
CA ASN E 31 6.42 -44.75 6.73
C ASN E 31 7.88 -45.13 6.96
N ILE E 32 8.69 -45.09 5.89
CA ILE E 32 10.06 -45.63 5.91
C ILE E 32 11.12 -44.55 6.29
N ALA E 33 10.67 -43.37 6.75
CA ALA E 33 11.60 -42.35 7.27
C ALA E 33 10.94 -41.32 8.22
N GLN E 34 11.80 -40.58 8.94
CA GLN E 34 11.38 -39.47 9.82
C GLN E 34 11.74 -38.12 9.17
N TYR E 35 10.84 -37.14 9.24
CA TYR E 35 11.04 -35.85 8.54
C TYR E 35 10.93 -34.65 9.48
N LYS E 36 11.96 -33.82 9.50
CA LYS E 36 11.95 -32.56 10.23
C LYS E 36 11.00 -31.58 9.53
N VAL E 37 10.01 -31.08 10.26
CA VAL E 37 9.04 -30.15 9.73
C VAL E 37 9.19 -28.79 10.40
N ILE E 38 9.17 -27.73 9.59
CA ILE E 38 9.45 -26.36 10.08
C ILE E 38 8.38 -25.41 9.57
N ASP E 39 7.74 -24.68 10.48
CA ASP E 39 6.57 -23.88 10.15
C ASP E 39 6.93 -22.40 10.05
N HIS E 40 6.28 -21.68 9.13
CA HIS E 40 6.48 -20.24 8.95
C HIS E 40 5.14 -19.55 8.85
N ALA E 41 5.14 -18.23 9.06
CA ALA E 41 3.90 -17.45 8.92
C ALA E 41 4.15 -16.21 8.07
N TYR E 42 3.49 -16.13 6.93
CA TYR E 42 3.61 -14.96 6.05
C TYR E 42 2.24 -14.45 5.73
N ASP E 43 2.18 -13.18 5.32
CA ASP E 43 0.97 -12.61 4.72
C ASP E 43 0.73 -13.20 3.34
N VAL E 44 1.77 -13.29 2.52
CA VAL E 44 1.60 -13.99 1.23
C VAL E 44 2.81 -14.83 0.84
N VAL E 45 2.53 -15.96 0.21
CA VAL E 45 3.57 -16.81 -0.31
C VAL E 45 3.44 -16.86 -1.81
N ILE E 46 4.56 -16.60 -2.49
CA ILE E 46 4.60 -16.62 -3.95
C ILE E 46 5.40 -17.82 -4.34
N ILE E 47 4.84 -18.68 -5.17
CA ILE E 47 5.57 -19.85 -5.64
C ILE E 47 6.09 -19.53 -7.01
N GLY E 48 7.37 -19.19 -7.07
CA GLY E 48 7.99 -18.78 -8.31
C GLY E 48 8.70 -17.45 -8.20
N ALA E 49 9.90 -17.41 -8.78
CA ALA E 49 10.72 -16.21 -8.81
C ALA E 49 11.18 -15.88 -10.24
N GLY E 50 10.32 -16.13 -11.21
CA GLY E 50 10.51 -15.63 -12.56
C GLY E 50 9.91 -14.23 -12.65
N GLY E 51 9.64 -13.79 -13.88
CA GLY E 51 9.15 -12.44 -14.12
C GLY E 51 7.90 -12.09 -13.35
N ALA E 52 6.91 -12.97 -13.42
CA ALA E 52 5.63 -12.77 -12.74
C ALA E 52 5.74 -12.79 -11.21
N GLY E 53 6.43 -13.80 -10.67
CA GLY E 53 6.57 -13.90 -9.23
C GLY E 53 7.35 -12.74 -8.62
N LEU E 54 8.39 -12.29 -9.30
CA LEU E 54 9.19 -11.21 -8.76
C LEU E 54 8.43 -9.89 -8.88
N ARG E 55 7.74 -9.66 -9.99
CA ARG E 55 6.97 -8.43 -10.09
C ARG E 55 5.91 -8.37 -9.00
N ALA E 56 5.25 -9.49 -8.74
CA ALA E 56 4.26 -9.56 -7.67
C ALA E 56 4.89 -9.25 -6.32
N ALA E 57 6.08 -9.79 -6.09
CA ALA E 57 6.75 -9.65 -4.82
C ALA E 57 7.12 -8.20 -4.55
N MET E 58 7.64 -7.53 -5.58
CA MET E 58 7.98 -6.10 -5.50
C MET E 58 6.75 -5.28 -5.08
N GLY E 59 5.63 -5.52 -5.74
CA GLY E 59 4.39 -4.80 -5.40
C GLY E 59 3.88 -5.07 -4.01
N LEU E 60 4.05 -6.31 -3.53
CA LEU E 60 3.52 -6.70 -2.24
C LEU E 60 4.39 -6.20 -1.09
N GLY E 61 5.70 -6.16 -1.31
CA GLY E 61 6.61 -5.56 -0.34
C GLY E 61 6.35 -4.07 -0.14
N GLU E 62 6.29 -3.34 -1.24
CA GLU E 62 5.96 -1.91 -1.21
C GLU E 62 4.62 -1.64 -0.48
N ALA E 63 3.68 -2.57 -0.56
CA ALA E 63 2.39 -2.42 0.12
C ALA E 63 2.41 -2.91 1.58
N GLY E 64 3.61 -3.16 2.12
CA GLY E 64 3.79 -3.52 3.53
C GLY E 64 3.58 -4.99 3.91
N PHE E 65 3.35 -5.86 2.94
CA PHE E 65 3.07 -7.24 3.30
C PHE E 65 4.36 -8.06 3.57
N LYS E 66 4.26 -8.96 4.54
CA LYS E 66 5.34 -9.91 4.83
C LYS E 66 5.21 -11.03 3.79
N THR E 67 6.19 -11.09 2.90
CA THR E 67 6.08 -11.87 1.69
C THR E 67 7.22 -12.86 1.56
N ALA E 68 6.86 -14.11 1.28
CA ALA E 68 7.87 -15.17 1.08
C ALA E 68 7.89 -15.57 -0.38
N VAL E 69 9.08 -15.60 -0.99
CA VAL E 69 9.23 -16.04 -2.37
C VAL E 69 9.86 -17.42 -2.33
N VAL E 70 9.09 -18.45 -2.71
CA VAL E 70 9.54 -19.85 -2.66
C VAL E 70 9.83 -20.33 -4.08
N THR E 71 11.07 -20.71 -4.35
CA THR E 71 11.49 -21.02 -5.72
C THR E 71 12.48 -22.19 -5.77
N LYS E 72 12.28 -23.08 -6.73
CA LYS E 72 13.09 -24.30 -6.80
C LYS E 72 14.47 -24.10 -7.40
N MET E 73 14.76 -22.88 -7.82
CA MET E 73 16.10 -22.48 -8.26
C MET E 73 16.34 -21.00 -7.92
N PHE E 74 17.58 -20.56 -7.98
CA PHE E 74 17.88 -19.15 -7.75
C PHE E 74 17.07 -18.34 -8.78
N PRO E 75 16.38 -17.27 -8.36
CA PRO E 75 15.40 -16.55 -9.20
C PRO E 75 15.82 -16.31 -10.67
N THR E 76 17.08 -15.96 -10.80
CA THR E 76 17.66 -15.45 -12.03
C THR E 76 18.00 -16.60 -13.03
N ARG E 77 17.82 -17.86 -12.62
CA ARG E 77 17.94 -19.01 -13.56
C ARG E 77 16.60 -19.34 -14.20
N SER E 78 15.55 -18.67 -13.75
CA SER E 78 14.20 -18.92 -14.18
C SER E 78 14.12 -18.75 -15.67
N HIS E 79 13.15 -19.42 -16.26
CA HIS E 79 13.06 -19.47 -17.67
C HIS E 79 12.87 -18.13 -18.37
N THR E 80 12.26 -17.17 -17.67
CA THR E 80 12.18 -15.78 -18.11
C THR E 80 13.53 -15.27 -18.59
N THR E 81 14.61 -15.69 -17.93
CA THR E 81 15.94 -15.21 -18.29
C THR E 81 16.38 -15.61 -19.69
N ALA E 82 15.76 -16.66 -20.24
CA ALA E 82 16.07 -17.18 -21.57
C ALA E 82 15.30 -16.43 -22.67
N ALA E 83 14.35 -15.60 -22.28
CA ALA E 83 13.53 -14.89 -23.27
C ALA E 83 14.37 -13.90 -24.08
N GLN E 84 13.98 -13.67 -25.33
CA GLN E 84 14.85 -12.99 -26.28
C GLN E 84 14.22 -11.75 -26.94
N GLY E 85 13.16 -11.97 -27.68
CA GLY E 85 12.70 -11.02 -28.69
C GLY E 85 12.15 -9.69 -28.21
N GLY E 86 11.39 -9.71 -27.13
CA GLY E 86 10.96 -8.47 -26.55
C GLY E 86 9.67 -8.53 -25.79
N ILE E 87 9.15 -7.34 -25.49
CA ILE E 87 7.93 -7.16 -24.71
C ILE E 87 7.09 -6.06 -25.35
N ASN E 88 5.83 -6.39 -25.69
CA ASN E 88 4.95 -5.47 -26.42
C ASN E 88 4.41 -4.35 -25.54
N ALA E 89 4.43 -3.15 -26.11
CA ALA E 89 3.73 -1.98 -25.59
C ALA E 89 3.72 -0.89 -26.65
N ALA E 90 2.56 -0.28 -26.88
CA ALA E 90 2.40 0.78 -27.85
C ALA E 90 2.99 2.11 -27.35
N LEU E 91 4.30 2.18 -27.20
CA LEU E 91 4.99 3.38 -26.72
C LEU E 91 5.16 4.43 -27.84
N GLY E 92 5.00 4.00 -29.07
CA GLY E 92 5.14 4.88 -30.21
C GLY E 92 6.54 5.44 -30.43
N SER E 93 7.58 4.66 -30.12
CA SER E 93 8.97 5.12 -30.33
C SER E 93 9.37 5.16 -31.80
N MET E 94 8.75 4.31 -32.62
CA MET E 94 9.15 4.18 -34.02
C MET E 94 8.11 4.78 -34.96
N ASN E 95 6.87 4.86 -34.49
CA ASN E 95 5.73 5.28 -35.29
C ASN E 95 4.57 5.51 -34.34
N PRO E 96 3.57 6.30 -34.76
CA PRO E 96 2.45 6.45 -33.86
C PRO E 96 1.76 5.12 -33.59
N ASP E 97 1.21 4.98 -32.38
CA ASP E 97 0.58 3.73 -32.03
C ASP E 97 -0.57 3.94 -31.07
N ASP E 98 -1.33 2.89 -30.83
CA ASP E 98 -2.47 2.94 -29.92
C ASP E 98 -2.59 1.57 -29.23
N TRP E 99 -2.76 1.57 -27.91
CA TRP E 99 -2.90 0.29 -27.19
C TRP E 99 -4.11 -0.51 -27.69
N LYS E 100 -5.13 0.18 -28.18
CA LYS E 100 -6.30 -0.47 -28.74
C LYS E 100 -5.97 -1.30 -29.98
N TRP E 101 -4.90 -0.95 -30.68
CA TRP E 101 -4.48 -1.72 -31.84
C TRP E 101 -3.80 -3.00 -31.35
N HIS E 102 -3.16 -2.88 -30.20
CA HIS E 102 -2.46 -3.98 -29.56
C HIS E 102 -3.52 -4.94 -29.01
N PHE E 103 -4.57 -4.38 -28.41
CA PHE E 103 -5.77 -5.13 -28.01
C PHE E 103 -6.34 -5.96 -29.15
N TYR E 104 -6.59 -5.29 -30.27
CA TYR E 104 -7.13 -5.95 -31.45
C TYR E 104 -6.29 -7.15 -31.84
N ASP E 105 -4.99 -6.92 -31.98
CA ASP E 105 -4.07 -7.96 -32.40
C ASP E 105 -4.09 -9.14 -31.42
N THR E 106 -4.22 -8.85 -30.13
CA THR E 106 -4.20 -9.87 -29.12
C THR E 106 -5.45 -10.73 -29.24
N VAL E 107 -6.61 -10.08 -29.36
CA VAL E 107 -7.87 -10.80 -29.51
C VAL E 107 -7.86 -11.66 -30.77
N LYS E 108 -7.57 -11.05 -31.92
CA LYS E 108 -7.50 -11.85 -33.14
C LYS E 108 -6.48 -12.96 -32.98
N GLY E 109 -5.34 -12.62 -32.42
CA GLY E 109 -4.29 -13.59 -32.17
C GLY E 109 -4.84 -14.80 -31.44
N SER E 110 -5.67 -14.54 -30.43
CA SER E 110 -6.22 -15.59 -29.56
C SER E 110 -7.25 -16.48 -30.24
N ASP E 111 -7.65 -16.12 -31.46
CA ASP E 111 -8.64 -16.86 -32.26
C ASP E 111 -9.99 -16.91 -31.54
N TRP E 112 -10.29 -15.80 -30.85
CA TRP E 112 -11.51 -15.63 -30.08
C TRP E 112 -11.82 -16.72 -29.05
N LEU E 113 -10.76 -17.32 -28.49
CA LEU E 113 -10.87 -18.12 -27.26
C LEU E 113 -10.37 -17.34 -26.06
N GLY E 114 -9.69 -16.20 -26.33
CA GLY E 114 -9.20 -15.38 -25.26
C GLY E 114 -10.35 -14.67 -24.60
N ASP E 115 -10.21 -14.40 -23.30
CA ASP E 115 -11.20 -13.62 -22.58
C ASP E 115 -10.88 -12.12 -22.76
N GLN E 116 -11.81 -11.39 -23.37
CA GLN E 116 -11.52 -10.03 -23.78
C GLN E 116 -11.40 -9.06 -22.62
N ASN E 117 -12.07 -9.32 -21.51
CA ASN E 117 -11.82 -8.54 -20.30
C ASN E 117 -10.34 -8.59 -19.87
N ALA E 118 -9.75 -9.78 -19.85
CA ALA E 118 -8.35 -9.95 -19.47
C ALA E 118 -7.40 -9.37 -20.53
N MET E 119 -7.70 -9.63 -21.81
CA MET E 119 -6.87 -9.04 -22.88
C MET E 119 -6.93 -7.50 -22.89
N HIS E 120 -8.07 -6.97 -22.47
CA HIS E 120 -8.23 -5.53 -22.31
C HIS E 120 -7.28 -5.05 -21.23
N TYR E 121 -7.29 -5.73 -20.08
CA TYR E 121 -6.47 -5.36 -18.96
C TYR E 121 -4.99 -5.41 -19.36
N LEU E 122 -4.62 -6.47 -20.08
CA LEU E 122 -3.23 -6.64 -20.52
C LEU E 122 -2.73 -5.46 -21.33
N THR E 123 -3.45 -5.15 -22.41
CA THR E 123 -2.97 -4.16 -23.36
C THR E 123 -3.12 -2.72 -22.86
N ARG E 124 -4.16 -2.44 -22.10
CA ARG E 124 -4.35 -1.10 -21.49
C ARG E 124 -3.22 -0.72 -20.53
N ASN E 125 -2.63 -1.71 -19.87
CA ASN E 125 -1.61 -1.43 -18.86
C ASN E 125 -0.19 -1.59 -19.38
N ALA E 126 -0.08 -1.96 -20.66
CA ALA E 126 1.22 -2.36 -21.23
C ALA E 126 2.29 -1.28 -21.22
N VAL E 127 1.93 -0.10 -21.70
CA VAL E 127 2.81 1.07 -21.74
C VAL E 127 3.33 1.39 -20.34
N GLU E 128 2.43 1.52 -19.39
CA GLU E 128 2.81 1.76 -18.01
C GLU E 128 3.74 0.65 -17.47
N ALA E 129 3.41 -0.62 -17.73
CA ALA E 129 4.25 -1.72 -17.24
C ALA E 129 5.66 -1.69 -17.79
N VAL E 130 5.77 -1.42 -19.09
CA VAL E 130 7.09 -1.40 -19.72
C VAL E 130 7.84 -0.16 -19.27
N THR E 131 7.10 0.92 -19.01
CA THR E 131 7.73 2.18 -18.63
C THR E 131 8.27 2.02 -17.22
N GLU E 132 7.51 1.34 -16.36
CA GLU E 132 8.03 0.92 -15.05
C GLU E 132 9.33 0.13 -15.14
N LEU E 133 9.40 -0.86 -16.02
CA LEU E 133 10.63 -1.65 -16.18
C LEU E 133 11.81 -0.74 -16.52
N GLU E 134 11.63 0.16 -17.49
CA GLU E 134 12.69 1.12 -17.81
C GLU E 134 13.04 1.94 -16.57
N ASN E 135 12.04 2.40 -15.82
CA ASN E 135 12.27 3.16 -14.58
C ASN E 135 12.92 2.33 -13.45
N PHE E 136 12.77 1.01 -13.50
CA PHE E 136 13.51 0.13 -12.58
C PHE E 136 14.99 -0.03 -12.95
N GLY E 137 15.37 0.37 -14.16
CA GLY E 137 16.75 0.28 -14.64
C GLY E 137 16.97 -0.63 -15.84
N MET E 138 15.92 -1.21 -16.39
CA MET E 138 16.11 -2.12 -17.50
C MET E 138 16.73 -1.35 -18.65
N PRO E 139 17.89 -1.80 -19.11
CA PRO E 139 18.65 -1.03 -20.11
C PRO E 139 18.18 -1.30 -21.55
N PHE E 140 16.92 -1.01 -21.83
CA PHE E 140 16.40 -1.12 -23.20
C PHE E 140 17.33 -0.49 -24.22
N SER E 141 17.46 -1.12 -25.37
CA SER E 141 18.11 -0.50 -26.53
C SER E 141 17.39 0.81 -26.80
N ARG E 142 18.09 1.77 -27.40
CA ARG E 142 17.55 3.12 -27.58
C ARG E 142 17.51 3.58 -29.03
N THR E 143 16.58 4.48 -29.31
CA THR E 143 16.47 5.15 -30.62
C THR E 143 17.34 6.42 -30.64
N PRO E 144 17.53 7.03 -31.82
CA PRO E 144 18.27 8.32 -31.83
C PRO E 144 17.63 9.42 -30.96
N GLU E 145 16.32 9.34 -30.72
CA GLU E 145 15.62 10.31 -29.88
C GLU E 145 15.76 9.97 -28.41
N GLY E 146 16.35 8.81 -28.09
CA GLY E 146 16.61 8.39 -26.72
C GLY E 146 15.48 7.62 -26.08
N LYS E 147 14.52 7.20 -26.89
CA LYS E 147 13.39 6.41 -26.42
C LYS E 147 13.66 4.93 -26.61
N ILE E 148 12.83 4.10 -26.00
CA ILE E 148 13.01 2.65 -26.05
C ILE E 148 12.79 2.14 -27.47
N TYR E 149 13.80 1.44 -28.00
CA TYR E 149 13.75 0.87 -29.36
C TYR E 149 12.75 -0.27 -29.42
N GLN E 150 12.00 -0.31 -30.51
CA GLN E 150 11.00 -1.35 -30.71
C GLN E 150 11.20 -2.00 -32.07
N ARG E 151 10.95 -3.31 -32.12
CA ARG E 151 11.03 -4.08 -33.35
C ARG E 151 9.66 -4.63 -33.71
N SER E 152 9.57 -5.14 -34.93
CA SER E 152 8.40 -5.85 -35.39
C SER E 152 8.51 -7.32 -34.99
N PHE E 153 7.37 -8.00 -35.01
CA PHE E 153 7.26 -9.35 -34.50
C PHE E 153 6.11 -10.05 -35.23
N GLY E 154 5.70 -11.21 -34.76
CA GLY E 154 4.68 -12.00 -35.43
C GLY E 154 3.27 -11.61 -35.06
N GLY E 155 2.48 -11.24 -36.05
CA GLY E 155 1.03 -11.13 -35.89
C GLY E 155 0.49 -9.83 -35.33
N GLN E 156 1.20 -8.73 -35.59
CA GLN E 156 0.76 -7.44 -35.11
C GLN E 156 0.65 -6.40 -36.20
N SER E 157 -0.30 -5.49 -36.02
CA SER E 157 -0.67 -4.54 -37.02
C SER E 157 -0.95 -3.17 -36.42
N ASN E 158 -0.95 -2.15 -37.25
CA ASN E 158 -1.52 -0.87 -36.86
C ASN E 158 -2.95 -0.79 -37.40
N ASN E 159 -3.78 0.06 -36.78
CA ASN E 159 -5.12 0.39 -37.26
C ASN E 159 -6.03 -0.85 -37.42
N TYR E 160 -6.11 -1.67 -36.37
CA TYR E 160 -7.07 -2.77 -36.30
C TYR E 160 -6.93 -3.69 -37.51
N GLY E 161 -5.69 -4.04 -37.85
CA GLY E 161 -5.41 -4.88 -39.02
C GLY E 161 -5.38 -4.18 -40.36
N LYS E 162 -5.74 -2.91 -40.44
CA LYS E 162 -5.83 -2.25 -41.75
C LYS E 162 -4.59 -1.43 -42.15
N GLY E 163 -3.78 -1.07 -41.16
CA GLY E 163 -2.52 -0.37 -41.41
C GLY E 163 -1.44 -1.40 -41.64
N GLY E 164 -0.19 -0.97 -41.65
CA GLY E 164 0.88 -1.94 -41.86
C GLY E 164 1.20 -2.83 -40.65
N VAL E 165 2.41 -3.35 -40.71
CA VAL E 165 2.99 -4.19 -39.67
C VAL E 165 3.31 -3.28 -38.49
N ALA E 166 3.01 -3.73 -37.28
CA ALA E 166 3.30 -2.96 -36.09
C ALA E 166 4.79 -3.01 -35.74
N LYS E 167 5.17 -2.10 -34.87
CA LYS E 167 6.52 -2.03 -34.37
C LYS E 167 6.45 -1.62 -32.90
N ARG E 168 6.00 -2.57 -32.08
CA ARG E 168 5.67 -2.37 -30.66
C ARG E 168 6.47 -3.26 -29.71
N THR E 169 7.38 -4.03 -30.27
CA THR E 169 8.12 -5.01 -29.46
C THR E 169 9.40 -4.37 -28.93
N CYS E 170 9.29 -3.90 -27.68
CA CYS E 170 10.39 -3.28 -26.96
C CYS E 170 11.42 -4.32 -26.58
N CYS E 171 12.71 -4.02 -26.75
CA CYS E 171 13.73 -5.03 -26.49
C CYS E 171 15.03 -4.48 -25.94
N VAL E 172 15.79 -5.40 -25.33
CA VAL E 172 17.18 -5.19 -24.96
C VAL E 172 17.92 -6.09 -25.94
N ALA E 173 18.13 -5.53 -27.15
CA ALA E 173 18.60 -6.30 -28.27
C ALA E 173 17.86 -7.65 -28.37
N ASP E 174 18.56 -8.71 -28.03
CA ASP E 174 18.16 -10.07 -28.26
C ASP E 174 18.07 -10.86 -26.94
N ARG E 175 18.12 -10.11 -25.83
CA ARG E 175 18.30 -10.69 -24.50
C ARG E 175 17.30 -10.09 -23.54
N THR E 176 16.09 -9.82 -24.02
CA THR E 176 15.12 -9.00 -23.29
C THR E 176 14.69 -9.65 -21.99
N GLY E 177 14.55 -10.96 -22.01
CA GLY E 177 14.14 -11.70 -20.83
C GLY E 177 15.19 -11.69 -19.76
N HIS E 178 16.41 -12.02 -20.18
CA HIS E 178 17.57 -11.93 -19.34
C HIS E 178 17.60 -10.59 -18.59
N SER E 179 17.55 -9.52 -19.37
CA SER E 179 17.65 -8.20 -18.81
C SER E 179 16.47 -7.89 -17.90
N MET E 180 15.26 -8.26 -18.30
CA MET E 180 14.10 -7.97 -17.46
C MET E 180 14.15 -8.74 -16.15
N LEU E 181 14.50 -10.02 -16.22
CA LEU E 181 14.53 -10.82 -15.00
C LEU E 181 15.61 -10.30 -14.07
N HIS E 182 16.77 -9.96 -14.63
CA HIS E 182 17.86 -9.47 -13.79
C HIS E 182 17.51 -8.14 -13.14
N THR E 183 16.83 -7.26 -13.87
CA THR E 183 16.35 -5.98 -13.35
C THR E 183 15.31 -6.19 -12.23
N LEU E 184 14.32 -7.05 -12.47
CA LEU E 184 13.28 -7.32 -11.48
C LEU E 184 13.84 -8.00 -10.23
N TYR E 185 14.76 -8.92 -10.40
CA TYR E 185 15.34 -9.54 -9.23
C TYR E 185 16.13 -8.51 -8.40
N GLY E 186 16.94 -7.70 -9.07
CA GLY E 186 17.69 -6.68 -8.35
C GLY E 186 16.75 -5.74 -7.60
N ASN E 187 15.67 -5.35 -8.24
CA ASN E 187 14.72 -4.46 -7.58
C ASN E 187 13.99 -5.11 -6.42
N SER E 188 13.72 -6.40 -6.54
CA SER E 188 13.09 -7.16 -5.47
C SER E 188 13.96 -7.22 -4.20
N LEU E 189 15.24 -6.93 -4.31
CA LEU E 189 16.10 -6.86 -3.13
C LEU E 189 15.80 -5.63 -2.27
N ARG E 190 15.03 -4.71 -2.83
CA ARG E 190 14.60 -3.50 -2.17
C ARG E 190 13.25 -3.66 -1.39
N CYS E 191 12.49 -4.75 -1.61
CA CYS E 191 11.11 -4.92 -1.07
C CYS E 191 10.97 -5.66 0.26
N HIS E 192 12.04 -5.91 1.00
CA HIS E 192 11.93 -6.71 2.24
C HIS E 192 11.27 -8.10 2.05
N CYS E 193 11.25 -8.62 0.83
CA CYS E 193 10.70 -9.95 0.60
C CYS E 193 11.70 -10.97 1.14
N THR E 194 11.25 -12.11 1.65
CA THR E 194 12.22 -13.09 2.14
C THR E 194 12.26 -14.30 1.20
N PHE E 195 13.46 -14.64 0.76
CA PHE E 195 13.63 -15.62 -0.30
C PHE E 195 13.91 -17.01 0.23
N PHE E 196 13.11 -17.99 -0.19
CA PHE E 196 13.41 -19.39 0.08
C PHE E 196 13.87 -20.07 -1.22
N ILE E 197 15.19 -20.05 -1.41
CA ILE E 197 15.82 -20.44 -2.65
C ILE E 197 16.19 -21.93 -2.67
N GLU E 198 15.84 -22.60 -3.76
CA GLU E 198 16.00 -24.03 -3.89
C GLU E 198 15.18 -24.72 -2.84
N TYR E 199 13.92 -24.29 -2.79
CA TYR E 199 12.88 -24.96 -2.07
C TYR E 199 11.93 -25.48 -3.14
N PHE E 200 11.59 -26.76 -3.04
CA PHE E 200 10.77 -27.42 -4.03
C PHE E 200 9.37 -27.58 -3.47
N ALA E 201 8.41 -26.89 -4.08
CA ALA E 201 7.03 -26.91 -3.62
C ALA E 201 6.36 -28.26 -3.93
N LEU E 202 5.70 -28.83 -2.92
CA LEU E 202 5.09 -30.16 -3.04
C LEU E 202 3.60 -30.08 -3.22
N ASP E 203 2.94 -29.25 -2.41
CA ASP E 203 1.48 -29.04 -2.50
C ASP E 203 1.04 -27.70 -1.93
N LEU E 204 -0.13 -27.28 -2.40
CA LEU E 204 -0.89 -26.26 -1.70
C LEU E 204 -1.43 -26.86 -0.39
N LEU E 205 -1.44 -26.04 0.64
CA LEU E 205 -2.06 -26.37 1.91
C LEU E 205 -3.49 -25.86 1.86
N MET E 206 -4.44 -26.80 1.80
CA MET E 206 -5.87 -26.52 1.64
C MET E 206 -6.67 -26.83 2.92
N ASP E 207 -7.65 -25.98 3.19
CA ASP E 207 -8.58 -26.17 4.32
C ASP E 207 -9.98 -25.76 3.87
N LYS E 208 -10.79 -26.75 3.51
CA LYS E 208 -12.17 -26.56 3.06
C LYS E 208 -12.32 -25.55 1.92
N GLY E 209 -11.63 -25.82 0.82
CA GLY E 209 -11.72 -25.01 -0.38
C GLY E 209 -10.97 -23.69 -0.34
N ARG E 210 -10.23 -23.42 0.74
CA ARG E 210 -9.44 -22.21 0.89
C ARG E 210 -7.97 -22.60 0.97
N CYS E 211 -7.11 -21.79 0.36
CA CYS E 211 -5.67 -22.05 0.39
C CYS E 211 -5.04 -21.24 1.50
N VAL E 212 -4.33 -21.94 2.37
CA VAL E 212 -3.76 -21.36 3.57
C VAL E 212 -2.25 -21.47 3.55
N GLY E 213 -1.68 -21.73 2.36
CA GLY E 213 -0.24 -21.74 2.22
C GLY E 213 0.30 -22.88 1.37
N VAL E 214 1.56 -23.20 1.62
CA VAL E 214 2.32 -24.07 0.75
C VAL E 214 3.24 -24.92 1.60
N ILE E 215 3.47 -26.16 1.17
CA ILE E 215 4.50 -27.00 1.77
C ILE E 215 5.59 -27.37 0.77
N ALA E 216 6.84 -27.34 1.22
CA ALA E 216 7.97 -27.54 0.34
C ALA E 216 9.15 -28.27 0.98
N LEU E 217 9.99 -28.84 0.11
CA LEU E 217 11.23 -29.49 0.51
C LEU E 217 12.38 -28.52 0.34
N CYS E 218 13.15 -28.31 1.41
CA CYS E 218 14.39 -27.55 1.35
C CYS E 218 15.53 -28.46 0.89
N LEU E 219 16.05 -28.19 -0.31
CA LEU E 219 17.09 -29.03 -0.92
C LEU E 219 18.39 -29.02 -0.14
N GLU E 220 18.70 -27.88 0.45
CA GLU E 220 19.99 -27.71 1.08
C GLU E 220 20.19 -28.66 2.28
N ASP E 221 19.16 -28.86 3.10
CA ASP E 221 19.30 -29.60 4.36
C ASP E 221 18.27 -30.71 4.58
N GLY E 222 17.47 -30.99 3.57
CA GLY E 222 16.52 -32.08 3.62
C GLY E 222 15.21 -31.83 4.36
N THR E 223 15.07 -30.66 4.99
CA THR E 223 13.89 -30.40 5.83
C THR E 223 12.65 -30.05 5.02
N ILE E 224 11.50 -30.23 5.66
CA ILE E 224 10.19 -29.94 5.09
C ILE E 224 9.61 -28.69 5.75
N HIS E 225 9.18 -27.74 4.92
CA HIS E 225 8.72 -26.44 5.38
C HIS E 225 7.26 -26.20 5.03
N ARG E 226 6.47 -25.83 6.02
CA ARG E 226 5.09 -25.43 5.80
C ARG E 226 4.98 -23.93 6.00
N PHE E 227 4.48 -23.26 4.97
CA PHE E 227 4.30 -21.81 4.98
C PHE E 227 2.84 -21.53 5.14
N ARG E 228 2.46 -20.94 6.27
CA ARG E 228 1.10 -20.44 6.51
C ARG E 228 1.01 -19.06 5.89
N SER E 229 -0.05 -18.78 5.15
CA SER E 229 -0.17 -17.46 4.52
C SER E 229 -1.60 -17.09 4.26
N LYS E 230 -1.86 -15.79 4.30
CA LYS E 230 -3.20 -15.29 4.01
C LYS E 230 -3.54 -15.43 2.54
N ARG E 231 -2.55 -15.25 1.67
CA ARG E 231 -2.72 -15.49 0.25
C ARG E 231 -1.55 -16.31 -0.31
N THR E 232 -1.82 -16.97 -1.43
CA THR E 232 -0.79 -17.70 -2.11
C THR E 232 -0.89 -17.37 -3.58
N ILE E 233 0.27 -17.10 -4.20
CA ILE E 233 0.34 -16.83 -5.64
C ILE E 233 1.19 -17.90 -6.32
N VAL E 234 0.58 -18.62 -7.26
CA VAL E 234 1.29 -19.64 -8.01
C VAL E 234 1.83 -18.98 -9.28
N ALA E 235 3.16 -18.94 -9.43
CA ALA E 235 3.82 -18.34 -10.59
C ALA E 235 4.96 -19.24 -11.07
N THR E 236 4.60 -20.42 -11.54
CA THR E 236 5.54 -21.52 -11.67
C THR E 236 6.05 -21.77 -13.11
N GLY E 237 5.49 -21.07 -14.09
CA GLY E 237 5.93 -21.21 -15.47
C GLY E 237 5.11 -22.29 -16.17
N GLY E 238 5.71 -22.92 -17.19
CA GLY E 238 4.99 -23.87 -18.04
C GLY E 238 5.47 -25.31 -17.93
N TYR E 239 4.99 -26.16 -18.83
CA TYR E 239 5.28 -27.59 -18.84
C TYR E 239 5.77 -28.08 -20.21
N GLY E 240 6.67 -27.33 -20.83
CA GLY E 240 7.26 -27.69 -22.10
C GLY E 240 7.98 -29.03 -22.10
N ARG E 241 8.51 -29.44 -20.94
CA ARG E 241 9.21 -30.71 -20.80
C ARG E 241 8.27 -31.90 -20.83
N ALA E 242 6.97 -31.66 -21.06
CA ALA E 242 6.08 -32.76 -21.38
C ALA E 242 6.43 -33.41 -22.72
N TYR E 243 7.13 -32.68 -23.58
CA TYR E 243 7.41 -33.10 -24.94
C TYR E 243 8.87 -33.49 -25.06
N PHE E 244 9.19 -34.20 -26.14
CA PHE E 244 10.55 -34.63 -26.38
C PHE E 244 11.43 -33.48 -26.86
N SER E 245 10.88 -32.64 -27.74
CA SER E 245 11.64 -31.54 -28.28
C SER E 245 10.93 -30.26 -27.86
N CYS E 246 11.60 -29.43 -27.07
CA CYS E 246 11.04 -28.16 -26.60
C CYS E 246 12.13 -27.12 -26.47
N THR E 247 11.77 -25.85 -26.37
CA THR E 247 12.75 -24.78 -26.22
C THR E 247 13.01 -24.43 -24.75
N THR E 248 12.27 -25.10 -23.86
CA THR E 248 12.13 -24.65 -22.48
C THR E 248 13.17 -25.26 -21.54
N ALA E 249 13.36 -24.65 -20.37
CA ALA E 249 14.30 -25.19 -19.39
C ALA E 249 13.92 -26.58 -18.85
N HIS E 250 14.92 -27.32 -18.35
CA HIS E 250 14.68 -28.59 -17.65
C HIS E 250 13.69 -28.42 -16.50
N MET E 251 13.55 -27.19 -16.02
CA MET E 251 12.73 -26.89 -14.85
C MET E 251 11.26 -26.65 -15.20
N ASN E 252 10.94 -26.55 -16.48
CA ASN E 252 9.55 -26.37 -16.90
C ASN E 252 8.78 -27.68 -16.85
N THR E 253 8.43 -28.09 -15.63
CA THR E 253 7.84 -29.40 -15.39
C THR E 253 6.37 -29.31 -14.96
N GLY E 254 5.79 -28.12 -14.99
CA GLY E 254 4.35 -27.95 -14.78
C GLY E 254 3.95 -28.16 -13.35
N ASP E 255 4.86 -27.89 -12.42
CA ASP E 255 4.58 -28.13 -11.01
C ASP E 255 3.39 -27.31 -10.51
N GLY E 256 3.25 -26.06 -10.95
CA GLY E 256 2.16 -25.22 -10.45
C GLY E 256 0.80 -25.80 -10.78
N THR E 257 0.65 -26.19 -12.04
CA THR E 257 -0.61 -26.77 -12.50
C THR E 257 -0.86 -28.14 -11.88
N ALA E 258 0.20 -28.85 -11.54
CA ALA E 258 0.08 -30.10 -10.76
C ALA E 258 -0.35 -29.79 -9.33
N LEU E 259 0.18 -28.70 -8.78
CA LEU E 259 -0.23 -28.27 -7.45
C LEU E 259 -1.72 -28.01 -7.48
N ALA E 260 -2.16 -27.31 -8.52
CA ALA E 260 -3.55 -26.95 -8.62
C ALA E 260 -4.44 -28.18 -8.74
N THR E 261 -4.07 -29.08 -9.63
CA THR E 261 -4.81 -30.35 -9.80
C THR E 261 -4.97 -31.10 -8.47
N ARG E 262 -3.87 -31.27 -7.74
CA ARG E 262 -3.91 -32.00 -6.47
C ARG E 262 -4.73 -31.27 -5.40
N ALA E 263 -4.99 -29.99 -5.61
CA ALA E 263 -5.80 -29.22 -4.69
C ALA E 263 -7.28 -29.23 -5.09
N GLY E 264 -7.68 -30.12 -6.00
CA GLY E 264 -9.07 -30.20 -6.47
C GLY E 264 -9.49 -29.19 -7.55
N ILE E 265 -8.53 -28.55 -8.20
CA ILE E 265 -8.85 -27.51 -9.18
C ILE E 265 -8.70 -28.05 -10.59
N ALA E 266 -9.67 -27.75 -11.44
CA ALA E 266 -9.63 -28.14 -12.83
C ALA E 266 -8.73 -27.17 -13.62
N LEU E 267 -8.05 -27.69 -14.63
CA LEU E 267 -7.13 -26.90 -15.45
C LEU E 267 -7.82 -26.49 -16.74
N GLU E 268 -7.32 -25.43 -17.38
CA GLU E 268 -8.01 -24.85 -18.54
C GLU E 268 -7.15 -24.82 -19.79
N ASP E 269 -7.73 -25.20 -20.92
CA ASP E 269 -7.14 -24.99 -22.24
C ASP E 269 -5.76 -25.61 -22.43
N LEU E 270 -5.50 -26.70 -21.71
CA LEU E 270 -4.22 -27.38 -21.80
C LEU E 270 -3.89 -27.90 -23.19
N GLU E 271 -4.89 -28.18 -24.02
CA GLU E 271 -4.61 -28.64 -25.39
C GLU E 271 -3.91 -27.56 -26.25
N PHE E 272 -3.92 -26.31 -25.78
CA PHE E 272 -3.30 -25.25 -26.57
C PHE E 272 -1.83 -25.07 -26.26
N ILE E 273 -1.01 -25.74 -27.07
CA ILE E 273 0.43 -25.76 -26.90
C ILE E 273 1.02 -24.99 -28.06
N GLN E 274 1.81 -23.96 -27.77
CA GLN E 274 2.42 -23.16 -28.83
C GLN E 274 3.69 -23.81 -29.33
N PHE E 275 3.74 -24.04 -30.64
CA PHE E 275 4.94 -24.49 -31.29
C PHE E 275 5.53 -23.23 -31.87
N HIS E 276 6.67 -22.82 -31.35
CA HIS E 276 7.39 -21.67 -31.92
C HIS E 276 7.96 -22.12 -33.25
N PRO E 277 7.90 -21.25 -34.28
CA PRO E 277 8.34 -21.63 -35.60
C PRO E 277 9.79 -22.04 -35.73
N THR E 278 10.65 -21.46 -34.90
CA THR E 278 12.12 -21.54 -35.09
C THR E 278 12.93 -21.87 -33.83
N GLY E 279 12.90 -23.16 -33.46
CA GLY E 279 13.90 -23.74 -32.56
C GLY E 279 14.95 -24.33 -33.46
N ILE E 280 16.20 -24.36 -33.01
CA ILE E 280 17.30 -24.94 -33.81
C ILE E 280 17.10 -26.43 -34.00
N TYR E 281 17.29 -26.93 -35.23
CA TYR E 281 16.88 -28.29 -35.62
C TYR E 281 17.35 -29.44 -34.71
N GLY E 282 18.61 -29.51 -34.35
CA GLY E 282 19.04 -30.62 -33.48
C GLY E 282 18.64 -30.47 -32.01
N VAL E 283 18.98 -29.33 -31.41
CA VAL E 283 18.98 -29.19 -29.95
C VAL E 283 17.75 -28.53 -29.37
N GLY E 284 16.95 -27.84 -30.18
CA GLY E 284 15.77 -27.12 -29.70
C GLY E 284 15.93 -25.66 -29.24
N CYS E 285 17.17 -25.16 -29.13
CA CYS E 285 17.39 -23.76 -28.71
C CYS E 285 16.58 -22.74 -29.51
N LEU E 286 15.81 -21.90 -28.80
CA LEU E 286 15.04 -20.87 -29.47
C LEU E 286 15.92 -19.89 -30.24
N ILE E 287 15.50 -19.59 -31.47
CA ILE E 287 15.98 -18.47 -32.22
C ILE E 287 14.80 -17.49 -32.34
N THR E 288 15.00 -16.27 -31.83
CA THR E 288 13.90 -15.32 -31.70
C THR E 288 13.18 -15.01 -32.99
N GLU E 289 11.88 -14.83 -32.84
CA GLU E 289 11.01 -14.30 -33.87
C GLU E 289 11.48 -12.90 -34.29
N GLY E 290 12.21 -12.24 -33.40
CA GLY E 290 12.89 -10.99 -33.69
C GLY E 290 13.78 -11.00 -34.92
N SER E 291 14.30 -12.18 -35.29
CA SER E 291 15.18 -12.23 -36.45
C SER E 291 14.37 -12.10 -37.73
N ARG E 292 13.14 -12.59 -37.70
CA ARG E 292 12.19 -12.35 -38.77
C ARG E 292 11.67 -10.91 -38.69
N GLY E 293 11.44 -10.42 -37.48
CA GLY E 293 11.06 -9.03 -37.26
C GLY E 293 12.08 -8.02 -37.77
N GLU E 294 13.36 -8.39 -37.76
CA GLU E 294 14.41 -7.50 -38.22
C GLU E 294 14.64 -7.63 -39.74
N GLY E 295 13.98 -8.58 -40.40
CA GLY E 295 14.12 -8.75 -41.85
C GLY E 295 14.48 -10.14 -42.35
N GLY E 296 14.72 -11.08 -41.43
CA GLY E 296 14.98 -12.46 -41.78
C GLY E 296 13.73 -13.14 -42.32
N PHE E 297 13.92 -14.25 -43.04
CA PHE E 297 12.82 -15.03 -43.55
C PHE E 297 13.16 -16.52 -43.69
N LEU E 298 12.11 -17.30 -43.89
CA LEU E 298 12.15 -18.75 -43.92
C LEU E 298 12.31 -19.26 -45.38
N VAL E 299 13.08 -20.33 -45.56
CA VAL E 299 13.40 -20.83 -46.91
C VAL E 299 13.29 -22.35 -46.96
N ASN E 300 12.69 -22.87 -48.03
CA ASN E 300 12.57 -24.32 -48.23
C ASN E 300 13.67 -24.83 -49.16
N SER E 301 13.61 -26.12 -49.49
CA SER E 301 14.65 -26.76 -50.30
C SER E 301 14.73 -26.27 -51.75
N GLU E 302 13.67 -25.62 -52.23
CA GLU E 302 13.64 -25.04 -53.59
C GLU E 302 14.14 -23.60 -53.61
N GLY E 303 14.56 -23.07 -52.46
CA GLY E 303 14.96 -21.67 -52.36
C GLY E 303 13.81 -20.69 -52.32
N GLU E 304 12.59 -21.17 -52.08
CA GLU E 304 11.41 -20.30 -52.01
C GLU E 304 11.21 -19.71 -50.61
N ARG E 305 10.99 -18.40 -50.56
CA ARG E 305 10.43 -17.74 -49.39
C ARG E 305 8.93 -18.06 -49.35
N PHE E 306 8.61 -19.28 -48.91
CA PHE E 306 7.25 -19.83 -49.01
C PHE E 306 6.14 -19.14 -48.22
N MET E 307 6.49 -18.33 -47.22
CA MET E 307 5.44 -17.68 -46.43
C MET E 307 4.68 -16.63 -47.24
N GLU E 308 5.31 -16.15 -48.31
CA GLU E 308 4.64 -15.31 -49.31
C GLU E 308 3.40 -16.01 -49.88
N ARG E 309 3.45 -17.35 -49.95
CA ARG E 309 2.31 -18.19 -50.39
C ARG E 309 1.28 -18.46 -49.30
N TYR E 310 1.73 -18.87 -48.12
CA TYR E 310 0.81 -19.24 -47.04
C TYR E 310 0.16 -18.03 -46.40
N ALA E 311 0.84 -16.88 -46.44
CA ALA E 311 0.25 -15.64 -45.92
C ALA E 311 0.74 -14.45 -46.73
N PRO E 312 0.11 -14.18 -47.88
CA PRO E 312 0.65 -13.15 -48.81
C PRO E 312 0.81 -11.78 -48.17
N LYS E 313 0.00 -11.46 -47.17
CA LYS E 313 0.09 -10.19 -46.45
C LYS E 313 1.18 -10.15 -45.36
N ALA E 314 1.03 -10.95 -44.31
CA ALA E 314 1.96 -10.89 -43.17
C ALA E 314 3.28 -11.62 -43.44
N LYS E 315 3.24 -12.57 -44.38
CA LYS E 315 4.41 -13.36 -44.77
C LYS E 315 5.05 -14.02 -43.53
N ASP E 316 6.35 -13.81 -43.32
CA ASP E 316 7.04 -14.48 -42.22
C ASP E 316 6.68 -13.92 -40.84
N LEU E 317 5.90 -12.85 -40.80
CA LEU E 317 5.42 -12.24 -39.55
C LEU E 317 3.93 -12.52 -39.30
N ALA E 318 3.42 -13.59 -39.88
CA ALA E 318 2.13 -14.14 -39.46
C ALA E 318 2.23 -14.70 -38.03
N SER E 319 1.09 -15.04 -37.45
CA SER E 319 1.02 -15.65 -36.12
C SER E 319 1.77 -16.97 -36.12
N ARG E 320 2.18 -17.36 -34.93
CA ARG E 320 3.01 -18.54 -34.73
C ARG E 320 2.32 -19.84 -35.12
N ASP E 321 1.04 -19.97 -34.80
CA ASP E 321 0.32 -21.20 -35.15
C ASP E 321 0.35 -21.42 -36.66
N VAL E 322 0.14 -20.34 -37.41
CA VAL E 322 0.09 -20.37 -38.87
C VAL E 322 1.46 -20.65 -39.48
N VAL E 323 2.51 -20.06 -38.92
CA VAL E 323 3.85 -20.20 -39.51
C VAL E 323 4.38 -21.61 -39.23
N SER E 324 4.12 -22.13 -38.04
CA SER E 324 4.52 -23.49 -37.69
C SER E 324 3.81 -24.57 -38.53
N ARG E 325 2.53 -24.39 -38.82
CA ARG E 325 1.80 -25.27 -39.76
C ARG E 325 2.39 -25.21 -41.17
N ALA E 326 2.59 -23.98 -41.66
CA ALA E 326 3.21 -23.77 -42.96
C ALA E 326 4.53 -24.53 -43.09
N GLU E 327 5.40 -24.38 -42.09
CA GLU E 327 6.68 -25.09 -42.13
C GLU E 327 6.49 -26.60 -42.14
N THR E 328 5.55 -27.09 -41.34
CA THR E 328 5.30 -28.53 -41.19
C THR E 328 4.74 -29.14 -42.49
N ILE E 329 3.87 -28.39 -43.16
CA ILE E 329 3.35 -28.79 -44.46
C ILE E 329 4.48 -28.90 -45.50
N GLU E 330 5.34 -27.89 -45.55
CA GLU E 330 6.50 -27.90 -46.45
C GLU E 330 7.40 -29.12 -46.26
N ILE E 331 7.63 -29.54 -45.02
CA ILE E 331 8.39 -30.76 -44.75
C ILE E 331 7.63 -31.96 -45.36
N MET E 332 6.34 -32.05 -45.04
CA MET E 332 5.47 -33.14 -45.48
C MET E 332 5.43 -33.35 -47.00
N GLU E 333 5.39 -32.25 -47.75
CA GLU E 333 5.27 -32.30 -49.21
C GLU E 333 6.65 -32.24 -49.90
N GLY E 334 7.69 -32.66 -49.18
CA GLY E 334 9.00 -32.91 -49.79
C GLY E 334 9.96 -31.74 -49.90
N ARG E 335 9.58 -30.57 -49.40
CA ARG E 335 10.42 -29.38 -49.55
C ARG E 335 11.21 -28.99 -48.28
N GLY E 336 11.33 -29.95 -47.38
CA GLY E 336 12.16 -29.77 -46.21
C GLY E 336 13.62 -29.86 -46.57
N VAL E 337 14.47 -29.36 -45.69
CA VAL E 337 15.86 -29.14 -45.99
C VAL E 337 16.75 -29.99 -45.06
N GLY E 338 18.04 -30.04 -45.35
CA GLY E 338 19.00 -30.89 -44.62
C GLY E 338 19.04 -32.33 -45.10
N PRO E 339 19.99 -33.13 -44.59
CA PRO E 339 20.18 -34.53 -44.99
C PRO E 339 18.86 -35.32 -45.10
N GLU E 340 18.01 -35.21 -44.07
CA GLU E 340 16.77 -35.97 -43.99
C GLU E 340 15.56 -35.19 -44.48
N LYS E 341 15.79 -34.01 -45.05
CA LYS E 341 14.72 -33.15 -45.56
C LYS E 341 13.60 -33.00 -44.52
N ASP E 342 14.00 -32.73 -43.28
CA ASP E 342 13.06 -32.75 -42.14
C ASP E 342 12.94 -31.43 -41.38
N HIS E 343 13.59 -30.38 -41.88
CA HIS E 343 13.44 -29.04 -41.30
C HIS E 343 13.45 -27.96 -42.38
N ILE E 344 13.61 -26.69 -42.01
CA ILE E 344 13.75 -25.61 -43.00
C ILE E 344 14.84 -24.60 -42.59
N TYR E 345 15.07 -23.60 -43.43
CA TYR E 345 16.14 -22.65 -43.19
C TYR E 345 15.61 -21.30 -42.71
N LEU E 346 16.22 -20.74 -41.67
CA LEU E 346 16.00 -19.34 -41.29
C LEU E 346 17.13 -18.51 -41.86
N GLN E 347 16.83 -17.63 -42.81
CA GLN E 347 17.89 -16.87 -43.50
C GLN E 347 18.04 -15.46 -42.94
N LEU E 348 19.23 -15.14 -42.45
CA LEU E 348 19.53 -13.80 -41.97
C LEU E 348 20.66 -13.12 -42.77
N HIS E 349 21.36 -13.86 -43.61
CA HIS E 349 22.63 -13.37 -44.18
C HIS E 349 22.49 -12.20 -45.14
N HIS E 350 21.28 -11.93 -45.61
CA HIS E 350 21.03 -10.74 -46.44
C HIS E 350 20.99 -9.44 -45.62
N LEU E 351 20.89 -9.54 -44.30
CA LEU E 351 20.90 -8.35 -43.44
C LEU E 351 22.35 -7.86 -43.22
N PRO E 352 22.55 -6.53 -43.19
CA PRO E 352 23.88 -6.04 -42.84
C PRO E 352 24.42 -6.60 -41.49
N ALA E 353 25.70 -6.96 -41.50
CA ALA E 353 26.42 -7.45 -40.33
C ALA E 353 26.24 -6.56 -39.08
N GLU E 354 26.19 -5.25 -39.28
CA GLU E 354 26.01 -4.31 -38.16
C GLU E 354 24.66 -4.49 -37.46
N GLN E 355 23.61 -4.66 -38.25
CA GLN E 355 22.27 -4.88 -37.69
C GLN E 355 22.25 -6.22 -36.93
N LEU E 356 22.80 -7.27 -37.54
CA LEU E 356 22.87 -8.57 -36.89
C LEU E 356 23.56 -8.50 -35.51
N HIS E 357 24.64 -7.72 -35.44
CA HIS E 357 25.40 -7.60 -34.20
C HIS E 357 24.71 -6.71 -33.16
N GLN E 358 24.09 -5.61 -33.59
CA GLN E 358 23.41 -4.70 -32.68
C GLN E 358 22.08 -5.30 -32.17
N ARG E 359 21.40 -6.01 -33.06
CA ARG E 359 20.02 -6.44 -32.83
C ARG E 359 19.89 -7.94 -32.44
N LEU E 360 20.80 -8.78 -32.92
CA LEU E 360 20.68 -10.21 -32.73
C LEU E 360 22.00 -10.84 -32.28
N PRO E 361 22.71 -10.20 -31.35
CA PRO E 361 24.00 -10.76 -30.94
C PRO E 361 23.88 -12.11 -30.24
N GLY E 362 22.81 -12.30 -29.48
CA GLY E 362 22.63 -13.54 -28.73
C GLY E 362 22.43 -14.75 -29.61
N ILE E 363 21.43 -14.67 -30.49
CA ILE E 363 21.17 -15.80 -31.40
C ILE E 363 22.34 -16.03 -32.37
N SER E 364 23.09 -14.98 -32.71
CA SER E 364 24.28 -15.16 -33.55
C SER E 364 25.29 -16.10 -32.88
N GLU E 365 25.48 -15.95 -31.56
CA GLU E 365 26.41 -16.78 -30.81
C GLU E 365 25.84 -18.19 -30.61
N THR E 366 24.58 -18.28 -30.22
CA THR E 366 23.92 -19.58 -30.08
C THR E 366 23.92 -20.36 -31.40
N ALA E 367 23.65 -19.68 -32.52
CA ALA E 367 23.68 -20.33 -33.83
C ALA E 367 25.08 -20.92 -34.09
N LYS E 368 26.10 -20.14 -33.74
CA LYS E 368 27.51 -20.51 -33.91
C LYS E 368 27.87 -21.72 -33.05
N ILE E 369 27.57 -21.65 -31.75
CA ILE E 369 27.88 -22.73 -30.81
C ILE E 369 27.12 -24.04 -31.10
N PHE E 370 25.83 -23.95 -31.40
CA PHE E 370 24.99 -25.16 -31.45
C PHE E 370 24.70 -25.68 -32.85
N ALA E 371 24.89 -24.84 -33.88
CA ALA E 371 24.71 -25.27 -35.27
C ALA E 371 25.95 -25.09 -36.15
N GLY E 372 27.03 -24.55 -35.59
CA GLY E 372 28.22 -24.20 -36.39
C GLY E 372 27.93 -23.21 -37.51
N VAL E 373 26.94 -22.33 -37.31
CA VAL E 373 26.50 -21.37 -38.31
C VAL E 373 27.00 -19.96 -38.02
N ASP E 374 27.62 -19.35 -39.03
CA ASP E 374 27.88 -17.91 -39.06
C ASP E 374 26.67 -17.26 -39.75
N VAL E 375 25.80 -16.64 -38.97
CA VAL E 375 24.56 -16.06 -39.48
C VAL E 375 24.74 -14.96 -40.53
N THR E 376 25.94 -14.37 -40.62
CA THR E 376 26.26 -13.43 -41.69
C THR E 376 26.46 -14.14 -43.05
N LYS E 377 26.65 -15.46 -43.06
CA LYS E 377 26.95 -16.23 -44.29
C LYS E 377 25.97 -17.36 -44.62
N GLU E 378 25.45 -18.04 -43.60
CA GLU E 378 24.71 -19.30 -43.76
C GLU E 378 23.38 -19.22 -42.98
N PRO E 379 22.32 -19.90 -43.48
CA PRO E 379 21.06 -19.91 -42.75
C PRO E 379 21.10 -20.83 -41.54
N ILE E 380 20.16 -20.63 -40.62
CA ILE E 380 20.09 -21.43 -39.39
C ILE E 380 19.13 -22.57 -39.65
N PRO E 381 19.55 -23.80 -39.37
CA PRO E 381 18.57 -24.88 -39.53
C PRO E 381 17.58 -24.84 -38.35
N VAL E 382 16.29 -24.80 -38.66
CA VAL E 382 15.26 -24.53 -37.66
C VAL E 382 14.05 -25.44 -37.88
N ILE E 383 13.29 -25.66 -36.82
CA ILE E 383 12.07 -26.46 -36.90
C ILE E 383 11.07 -25.97 -35.84
N PRO E 384 9.76 -26.08 -36.14
CA PRO E 384 8.77 -25.80 -35.10
C PRO E 384 9.03 -26.63 -33.85
N THR E 385 9.02 -25.99 -32.69
CA THR E 385 9.40 -26.61 -31.43
C THR E 385 8.48 -26.14 -30.31
N VAL E 386 8.09 -27.07 -29.43
CA VAL E 386 7.22 -26.75 -28.32
C VAL E 386 7.87 -25.68 -27.48
N HIS E 387 7.09 -24.68 -27.06
CA HIS E 387 7.66 -23.44 -26.57
C HIS E 387 6.92 -22.78 -25.42
N TYR E 388 5.60 -22.70 -25.53
CA TYR E 388 4.81 -21.92 -24.59
C TYR E 388 3.43 -22.55 -24.41
N ASN E 389 2.95 -22.49 -23.17
CA ASN E 389 1.65 -23.03 -22.79
C ASN E 389 0.58 -21.97 -22.56
N MET E 390 -0.34 -21.84 -23.50
CA MET E 390 -1.48 -20.95 -23.34
C MET E 390 -2.34 -21.37 -22.15
N GLY E 391 -2.45 -22.69 -21.94
CA GLY E 391 -3.23 -23.21 -20.85
C GLY E 391 -2.59 -23.10 -19.48
N GLY E 392 -3.38 -23.36 -18.46
CA GLY E 392 -2.87 -23.40 -17.09
C GLY E 392 -4.00 -23.28 -16.09
N ILE E 393 -3.70 -22.71 -14.93
CA ILE E 393 -4.67 -22.60 -13.86
C ILE E 393 -5.64 -21.46 -14.22
N PRO E 394 -6.94 -21.75 -14.24
CA PRO E 394 -7.93 -20.75 -14.63
C PRO E 394 -8.12 -19.68 -13.58
N THR E 395 -8.18 -18.43 -14.04
CA THR E 395 -8.47 -17.31 -13.15
C THR E 395 -9.50 -16.37 -13.76
N ASN E 396 -9.96 -15.43 -12.95
CA ASN E 396 -10.68 -14.25 -13.43
C ASN E 396 -9.67 -13.16 -13.81
N TYR E 397 -10.14 -12.01 -14.27
CA TYR E 397 -9.26 -10.95 -14.76
C TYR E 397 -8.38 -10.35 -13.63
N LYS E 398 -8.76 -10.60 -12.38
CA LYS E 398 -7.97 -10.15 -11.23
C LYS E 398 -6.93 -11.19 -10.80
N ALA E 399 -6.83 -12.27 -11.58
CA ALA E 399 -5.83 -13.31 -11.39
C ALA E 399 -6.11 -14.16 -10.17
N GLN E 400 -7.37 -14.22 -9.76
CA GLN E 400 -7.81 -15.07 -8.67
C GLN E 400 -8.26 -16.39 -9.28
N VAL E 401 -7.75 -17.50 -8.74
CA VAL E 401 -8.08 -18.82 -9.27
C VAL E 401 -9.57 -19.12 -9.08
N ILE E 402 -10.17 -19.71 -10.10
CA ILE E 402 -11.58 -20.03 -10.08
C ILE E 402 -11.83 -21.51 -10.33
N LYS E 403 -12.93 -22.00 -9.76
CA LYS E 403 -13.55 -23.25 -10.16
C LYS E 403 -14.82 -22.88 -10.88
N TYR E 404 -15.29 -23.76 -11.76
CA TYR E 404 -16.48 -23.48 -12.53
C TYR E 404 -17.44 -24.66 -12.51
N THR E 405 -18.74 -24.33 -12.42
CA THR E 405 -19.84 -25.25 -12.74
C THR E 405 -20.88 -24.51 -13.59
N LYS E 406 -21.54 -25.22 -14.49
CA LYS E 406 -22.66 -24.67 -15.26
C LYS E 406 -23.68 -23.99 -14.36
N GLU E 407 -23.97 -24.59 -13.21
CA GLU E 407 -25.06 -24.12 -12.34
C GLU E 407 -24.68 -22.86 -11.54
N GLY E 408 -23.47 -22.81 -11.01
CA GLY E 408 -23.02 -21.69 -10.17
C GLY E 408 -22.09 -20.70 -10.83
N GLY E 409 -21.64 -20.98 -12.05
CA GLY E 409 -20.66 -20.14 -12.73
C GLY E 409 -19.28 -20.18 -12.07
N ASP E 410 -18.52 -19.10 -12.21
CA ASP E 410 -17.19 -18.98 -11.60
C ASP E 410 -17.26 -18.75 -10.09
N LYS E 411 -16.48 -19.52 -9.34
CA LYS E 411 -16.30 -19.33 -7.89
C LYS E 411 -14.80 -19.25 -7.57
N ILE E 412 -14.35 -18.15 -6.97
CA ILE E 412 -12.93 -18.02 -6.67
C ILE E 412 -12.54 -19.05 -5.60
N VAL E 413 -11.31 -19.53 -5.67
CA VAL E 413 -10.75 -20.33 -4.59
C VAL E 413 -10.21 -19.33 -3.59
N PRO E 414 -10.82 -19.26 -2.39
CA PRO E 414 -10.34 -18.26 -1.44
C PRO E 414 -8.86 -18.44 -1.14
N GLY E 415 -8.10 -17.35 -1.24
CA GLY E 415 -6.70 -17.30 -0.83
C GLY E 415 -5.70 -17.48 -1.96
N LEU E 416 -6.17 -17.97 -3.10
CA LEU E 416 -5.30 -18.43 -4.17
C LEU E 416 -5.34 -17.55 -5.42
N TYR E 417 -4.15 -17.09 -5.83
CA TYR E 417 -3.96 -16.39 -7.09
C TYR E 417 -2.94 -17.15 -7.95
N ALA E 418 -2.98 -16.91 -9.25
CA ALA E 418 -1.99 -17.45 -10.17
C ALA E 418 -1.72 -16.41 -11.25
N CYS E 419 -0.47 -16.36 -11.71
CA CYS E 419 -0.09 -15.49 -12.80
C CYS E 419 1.12 -16.06 -13.52
N GLY E 420 1.43 -15.45 -14.67
CA GLY E 420 2.53 -15.89 -15.51
C GLY E 420 2.07 -17.01 -16.41
N GLU E 421 3.02 -17.76 -16.95
CA GLU E 421 2.69 -18.87 -17.87
C GLU E 421 1.88 -20.01 -17.25
N CYS E 422 1.89 -20.16 -15.92
CA CYS E 422 1.16 -21.26 -15.25
C CYS E 422 -0.33 -20.97 -15.20
N ALA E 423 -0.71 -19.74 -15.53
CA ALA E 423 -2.09 -19.32 -15.41
C ALA E 423 -2.77 -19.34 -16.76
N CYS E 424 -4.10 -19.25 -16.72
CA CYS E 424 -4.94 -19.09 -17.91
C CYS E 424 -6.00 -18.04 -17.57
N HIS E 425 -5.70 -16.79 -17.90
CA HIS E 425 -6.58 -15.65 -17.55
C HIS E 425 -7.92 -15.49 -18.34
N SER E 426 -8.01 -15.80 -19.63
CA SER E 426 -6.95 -16.18 -20.53
C SER E 426 -6.61 -15.00 -21.44
N VAL E 427 -5.40 -14.49 -21.36
CA VAL E 427 -5.01 -13.41 -22.28
C VAL E 427 -4.58 -13.92 -23.66
N HIS E 428 -4.35 -15.23 -23.79
CA HIS E 428 -3.82 -15.79 -25.03
C HIS E 428 -4.79 -16.68 -25.80
N GLY E 429 -5.86 -17.14 -25.17
CA GLY E 429 -6.80 -18.04 -25.81
C GLY E 429 -6.09 -19.19 -26.51
N ALA E 430 -6.31 -19.31 -27.82
CA ALA E 430 -5.82 -20.46 -28.60
C ALA E 430 -4.44 -20.27 -29.22
N ASN E 431 -3.90 -19.05 -29.11
CA ASN E 431 -2.61 -18.75 -29.69
C ASN E 431 -2.02 -17.50 -29.07
N ARG E 432 -0.94 -17.67 -28.31
CA ARG E 432 -0.23 -16.54 -27.74
C ARG E 432 0.57 -15.77 -28.79
N LEU E 433 0.42 -14.46 -28.77
CA LEU E 433 1.14 -13.55 -29.65
C LEU E 433 2.56 -13.37 -29.11
N GLY E 434 3.54 -13.40 -30.01
CA GLY E 434 4.92 -13.10 -29.65
C GLY E 434 5.03 -11.79 -28.88
N ALA E 435 5.86 -11.81 -27.85
CA ALA E 435 6.13 -10.71 -26.95
C ALA E 435 5.00 -10.33 -25.98
N ASN E 436 3.88 -11.05 -25.98
CA ASN E 436 2.82 -10.78 -25.00
C ASN E 436 2.98 -11.51 -23.67
N SER E 437 3.96 -12.40 -23.54
CA SER E 437 4.05 -13.22 -22.33
C SER E 437 4.90 -12.60 -21.25
N LEU E 438 6.05 -12.04 -21.63
CA LEU E 438 6.82 -11.22 -20.69
C LEU E 438 5.91 -10.10 -20.16
N LEU E 439 5.14 -9.49 -21.07
CA LEU E 439 4.13 -8.49 -20.72
C LEU E 439 3.17 -9.03 -19.67
N ASP E 440 2.60 -10.18 -20.00
CA ASP E 440 1.60 -10.87 -19.21
C ASP E 440 2.13 -11.13 -17.80
N ALA E 441 3.33 -11.66 -17.72
CA ALA E 441 3.94 -11.93 -16.43
C ALA E 441 3.98 -10.66 -15.58
N VAL E 442 4.41 -9.57 -16.19
CA VAL E 442 4.62 -8.35 -15.44
C VAL E 442 3.28 -7.68 -15.11
N VAL E 443 2.41 -7.59 -16.10
CA VAL E 443 1.11 -6.96 -15.90
C VAL E 443 0.30 -7.69 -14.82
N PHE E 444 0.21 -9.02 -14.90
CA PHE E 444 -0.64 -9.75 -13.97
C PHE E 444 0.07 -10.08 -12.68
N GLY E 445 1.40 -10.17 -12.73
CA GLY E 445 2.21 -10.18 -11.52
C GLY E 445 1.94 -8.91 -10.71
N ARG E 446 1.95 -7.75 -11.39
CA ARG E 446 1.61 -6.49 -10.74
C ARG E 446 0.17 -6.49 -10.25
N ALA E 447 -0.74 -6.97 -11.10
CA ALA E 447 -2.15 -7.03 -10.74
C ALA E 447 -2.40 -7.81 -9.44
N CYS E 448 -1.66 -8.91 -9.22
CA CYS E 448 -1.82 -9.69 -7.99
C CYS E 448 -1.53 -8.82 -6.77
N SER E 449 -0.45 -8.05 -6.82
CA SER E 449 -0.10 -7.12 -5.74
C SER E 449 -1.14 -6.02 -5.55
N ILE E 450 -1.62 -5.44 -6.65
CA ILE E 450 -2.68 -4.44 -6.58
C ILE E 450 -3.95 -5.02 -5.96
N ASN E 451 -4.41 -6.15 -6.50
CA ASN E 451 -5.66 -6.74 -6.07
C ASN E 451 -5.60 -7.24 -4.62
N ILE E 452 -4.46 -7.80 -4.22
CA ILE E 452 -4.31 -8.23 -2.82
C ILE E 452 -4.26 -7.01 -1.89
N LYS E 453 -3.46 -6.01 -2.25
CA LYS E 453 -3.50 -4.71 -1.54
C LYS E 453 -4.94 -4.23 -1.33
N GLU E 454 -5.78 -4.29 -2.36
CA GLU E 454 -7.15 -3.76 -2.26
C GLU E 454 -8.14 -4.65 -1.52
N GLU E 455 -7.94 -5.96 -1.47
CA GLU E 455 -8.92 -6.85 -0.80
C GLU E 455 -8.43 -7.52 0.50
N LEU E 456 -7.13 -7.69 0.67
CA LEU E 456 -6.61 -8.29 1.90
C LEU E 456 -6.63 -7.26 3.02
N LYS E 457 -7.26 -7.62 4.14
CA LYS E 457 -7.37 -6.69 5.26
C LYS E 457 -6.43 -7.09 6.38
N PRO E 458 -5.92 -6.10 7.12
CA PRO E 458 -4.94 -6.41 8.17
C PRO E 458 -5.53 -7.23 9.33
N ASP E 459 -6.85 -7.17 9.52
CA ASP E 459 -7.53 -7.92 10.59
C ASP E 459 -7.78 -9.39 10.25
N GLU E 460 -7.80 -9.72 8.96
CA GLU E 460 -7.79 -11.14 8.55
C GLU E 460 -6.50 -11.74 9.08
N LYS E 461 -6.60 -12.71 9.98
CA LYS E 461 -5.39 -13.27 10.61
C LYS E 461 -4.74 -14.37 9.75
N ILE E 462 -3.43 -14.53 9.92
CA ILE E 462 -2.71 -15.61 9.26
C ILE E 462 -3.32 -16.91 9.77
N PRO E 463 -3.87 -17.73 8.86
CA PRO E 463 -4.63 -18.88 9.32
C PRO E 463 -3.79 -19.93 10.04
N GLU E 464 -4.39 -20.63 10.99
CA GLU E 464 -3.76 -21.77 11.63
C GLU E 464 -3.92 -22.95 10.67
N LEU E 465 -2.91 -23.82 10.58
CA LEU E 465 -3.02 -25.00 9.72
C LEU E 465 -3.90 -26.07 10.35
N PRO E 466 -4.68 -26.79 9.53
CA PRO E 466 -5.41 -27.96 10.01
C PRO E 466 -4.45 -29.04 10.51
N GLU E 467 -4.97 -29.95 11.33
CA GLU E 467 -4.13 -31.03 11.84
C GLU E 467 -3.75 -31.98 10.70
N GLY E 468 -2.48 -32.38 10.68
CA GLY E 468 -1.97 -33.25 9.63
C GLY E 468 -1.89 -32.61 8.24
N ALA E 469 -1.90 -31.28 8.18
CA ALA E 469 -1.82 -30.58 6.90
C ALA E 469 -0.43 -30.81 6.30
N GLY E 470 -0.41 -31.24 5.04
CA GLY E 470 0.81 -31.60 4.36
C GLY E 470 1.30 -33.00 4.62
N GLU E 471 0.52 -33.81 5.31
CA GLU E 471 0.95 -35.18 5.62
C GLU E 471 0.90 -36.08 4.38
N GLU E 472 -0.06 -35.84 3.49
CA GLU E 472 -0.13 -36.59 2.22
C GLU E 472 1.05 -36.25 1.29
N SER E 473 1.52 -35.00 1.35
CA SER E 473 2.69 -34.55 0.59
C SER E 473 3.94 -35.24 1.06
N ILE E 474 4.11 -35.28 2.38
CA ILE E 474 5.27 -35.95 2.97
C ILE E 474 5.26 -37.45 2.64
N ALA E 475 4.08 -38.05 2.60
CA ALA E 475 3.96 -39.49 2.31
C ALA E 475 4.34 -39.80 0.87
N ASN E 476 3.87 -38.98 -0.08
CA ASN E 476 4.25 -39.15 -1.48
C ASN E 476 5.75 -39.00 -1.69
N LEU E 477 6.32 -37.99 -1.06
CA LEU E 477 7.74 -37.73 -1.13
C LEU E 477 8.55 -38.91 -0.59
N ASP E 478 8.09 -39.47 0.52
CA ASP E 478 8.71 -40.65 1.11
C ASP E 478 8.63 -41.84 0.14
N ALA E 479 7.44 -42.09 -0.40
CA ALA E 479 7.23 -43.19 -1.34
C ALA E 479 8.06 -43.09 -2.62
N VAL E 480 8.29 -41.86 -3.08
CA VAL E 480 9.07 -41.62 -4.29
C VAL E 480 10.56 -41.77 -3.99
N ARG E 481 10.97 -41.18 -2.88
CA ARG E 481 12.35 -41.27 -2.40
C ARG E 481 12.85 -42.71 -2.22
N TYR E 482 11.97 -43.58 -1.72
CA TYR E 482 12.32 -45.01 -1.49
C TYR E 482 11.74 -45.91 -2.57
N ALA E 483 11.38 -45.36 -3.72
CA ALA E 483 10.74 -46.15 -4.75
C ALA E 483 11.71 -47.21 -5.22
N ASN E 484 11.25 -48.46 -5.21
CA ASN E 484 12.09 -49.58 -5.66
C ASN E 484 11.39 -50.49 -6.67
N GLY E 485 10.63 -49.88 -7.57
CA GLY E 485 10.01 -50.61 -8.68
C GLY E 485 11.04 -51.00 -9.73
N ASP E 486 10.57 -51.21 -10.96
CA ASP E 486 11.44 -51.59 -12.08
C ASP E 486 11.39 -50.64 -13.29
N VAL E 487 10.64 -49.54 -13.19
CA VAL E 487 10.69 -48.51 -14.23
C VAL E 487 11.32 -47.22 -13.67
N PRO E 488 12.61 -46.98 -13.98
CA PRO E 488 13.28 -45.78 -13.48
C PRO E 488 12.76 -44.47 -14.11
N THR E 489 12.68 -43.42 -13.30
CA THR E 489 12.10 -42.13 -13.73
C THR E 489 12.58 -41.63 -15.09
N ALA E 490 13.86 -41.75 -15.41
CA ALA E 490 14.38 -41.27 -16.70
C ALA E 490 13.79 -41.99 -17.92
N GLU E 491 13.53 -43.29 -17.80
CA GLU E 491 12.90 -44.06 -18.88
C GLU E 491 11.44 -43.67 -19.06
N LEU E 492 10.74 -43.52 -17.95
CA LEU E 492 9.33 -43.14 -17.96
C LEU E 492 9.11 -41.73 -18.53
N ARG E 493 9.96 -40.79 -18.13
CA ARG E 493 9.97 -39.44 -18.69
C ARG E 493 10.17 -39.47 -20.19
N LEU E 494 11.19 -40.21 -20.64
CA LEU E 494 11.49 -40.27 -22.07
C LEU E 494 10.32 -40.80 -22.91
N THR E 495 9.68 -41.88 -22.47
CA THR E 495 8.56 -42.43 -23.25
C THR E 495 7.33 -41.50 -23.20
N MET E 496 7.08 -40.85 -22.05
CA MET E 496 6.03 -39.81 -21.95
C MET E 496 6.24 -38.73 -23.01
N GLN E 497 7.44 -38.18 -23.03
CA GLN E 497 7.85 -37.15 -23.97
C GLN E 497 7.67 -37.58 -25.41
N LYS E 498 8.17 -38.77 -25.74
CA LYS E 498 8.06 -39.26 -27.12
C LYS E 498 6.61 -39.48 -27.54
N THR E 499 5.77 -39.88 -26.60
CA THR E 499 4.35 -40.11 -26.84
C THR E 499 3.58 -38.82 -27.10
N MET E 500 3.90 -37.78 -26.34
CA MET E 500 3.24 -36.49 -26.59
C MET E 500 3.72 -35.94 -27.92
N GLN E 501 5.00 -36.11 -28.22
CA GLN E 501 5.56 -35.61 -29.49
C GLN E 501 4.84 -36.21 -30.70
N LYS E 502 4.67 -37.52 -30.68
CA LYS E 502 4.03 -38.22 -31.77
C LYS E 502 2.52 -37.97 -31.81
N HIS E 503 1.84 -37.99 -30.66
CA HIS E 503 0.36 -38.00 -30.68
C HIS E 503 -0.33 -36.65 -30.48
N ALA E 504 0.42 -35.63 -30.06
CA ALA E 504 -0.14 -34.30 -29.78
C ALA E 504 0.68 -33.19 -30.44
N GLY E 505 1.03 -33.41 -31.71
CA GLY E 505 1.94 -32.55 -32.44
C GLY E 505 1.25 -31.39 -33.09
N VAL E 506 1.92 -30.78 -34.06
CA VAL E 506 1.40 -29.62 -34.80
C VAL E 506 0.08 -29.93 -35.44
N PHE E 507 0.01 -31.09 -36.09
CA PHE E 507 -1.22 -31.58 -36.68
C PHE E 507 -1.67 -32.80 -35.92
N ARG E 508 -2.97 -32.85 -35.64
CA ARG E 508 -3.54 -33.87 -34.79
C ARG E 508 -4.70 -34.52 -35.52
N ARG E 509 -5.05 -35.73 -35.10
CA ARG E 509 -6.11 -36.50 -35.73
C ARG E 509 -6.71 -37.46 -34.71
N GLY E 510 -8.02 -37.71 -34.84
CA GLY E 510 -8.80 -38.44 -33.85
C GLY E 510 -8.30 -39.84 -33.50
N ASP E 511 -7.81 -40.56 -34.51
CA ASP E 511 -7.30 -41.92 -34.28
C ASP E 511 -5.95 -41.86 -33.56
N ILE E 512 -5.04 -40.99 -34.04
CA ILE E 512 -3.74 -40.77 -33.40
C ILE E 512 -3.92 -40.23 -31.98
N LEU E 513 -4.83 -39.30 -31.80
CA LEU E 513 -5.11 -38.77 -30.46
C LEU E 513 -5.66 -39.84 -29.51
N ALA E 514 -6.59 -40.65 -29.99
CA ALA E 514 -7.20 -41.72 -29.17
C ALA E 514 -6.16 -42.75 -28.73
N GLU E 515 -5.30 -43.13 -29.66
CA GLU E 515 -4.18 -44.02 -29.37
C GLU E 515 -3.24 -43.36 -28.37
N GLY E 516 -2.93 -42.08 -28.59
CA GLY E 516 -2.13 -41.32 -27.63
C GLY E 516 -2.67 -41.35 -26.21
N VAL E 517 -3.98 -41.18 -26.05
CA VAL E 517 -4.62 -41.17 -24.73
C VAL E 517 -4.40 -42.51 -24.03
N LYS E 518 -4.68 -43.56 -24.78
CA LYS E 518 -4.51 -44.94 -24.33
C LYS E 518 -3.08 -45.14 -23.84
N LYS E 519 -2.10 -44.77 -24.66
CA LYS E 519 -0.69 -44.96 -24.25
C LYS E 519 -0.35 -44.11 -23.03
N MET E 520 -0.85 -42.87 -22.99
CA MET E 520 -0.60 -41.94 -21.84
C MET E 520 -1.26 -42.39 -20.53
N MET E 521 -2.49 -42.91 -20.59
CA MET E 521 -3.12 -43.45 -19.38
C MET E 521 -2.43 -44.72 -18.91
N ASP E 522 -1.85 -45.48 -19.84
CA ASP E 522 -1.02 -46.64 -19.47
C ASP E 522 0.25 -46.20 -18.78
N LEU E 523 0.90 -45.19 -19.36
CA LEU E 523 2.11 -44.62 -18.77
C LEU E 523 1.88 -44.15 -17.36
N PHE E 524 0.71 -43.55 -17.13
CA PHE E 524 0.34 -43.08 -15.82
C PHE E 524 0.36 -44.24 -14.82
N LYS E 525 -0.20 -45.37 -15.22
CA LYS E 525 -0.21 -46.56 -14.35
C LYS E 525 1.21 -47.05 -14.04
N GLU E 526 2.14 -46.89 -14.97
CA GLU E 526 3.56 -47.28 -14.72
C GLU E 526 4.26 -46.45 -13.65
N LEU E 527 3.67 -45.33 -13.24
CA LEU E 527 4.18 -44.55 -12.09
C LEU E 527 4.23 -45.39 -10.81
N LYS E 528 3.27 -46.30 -10.65
CA LYS E 528 3.25 -47.17 -9.47
C LYS E 528 4.51 -48.06 -9.44
N ARG E 529 5.07 -48.34 -10.61
CA ARG E 529 6.27 -49.17 -10.76
C ARG E 529 7.57 -48.36 -10.82
N LEU E 530 7.50 -47.09 -10.47
CA LEU E 530 8.66 -46.19 -10.51
C LEU E 530 9.86 -46.75 -9.71
N LYS E 531 11.07 -46.51 -10.21
CA LYS E 531 12.29 -46.81 -9.48
C LYS E 531 13.14 -45.55 -9.30
N THR E 532 13.62 -45.31 -8.09
CA THR E 532 14.62 -44.28 -7.84
C THR E 532 15.81 -44.89 -7.12
N THR E 533 16.95 -44.20 -7.14
CA THR E 533 18.18 -44.73 -6.58
C THR E 533 18.64 -43.90 -5.40
N ASP E 534 18.69 -42.58 -5.56
CA ASP E 534 19.25 -41.72 -4.51
C ASP E 534 18.27 -41.69 -3.35
N ARG E 535 18.77 -42.13 -2.19
CA ARG E 535 17.97 -42.23 -0.97
C ARG E 535 18.17 -41.02 -0.06
N SER E 536 19.13 -40.14 -0.37
CA SER E 536 19.39 -39.00 0.49
C SER E 536 18.22 -38.02 0.53
N LEU E 537 18.25 -37.14 1.53
CA LEU E 537 17.36 -35.98 1.59
C LEU E 537 18.07 -34.70 1.14
N ILE E 538 19.39 -34.66 1.28
CA ILE E 538 20.14 -33.47 0.93
C ILE E 538 20.41 -33.41 -0.58
N TRP E 539 19.91 -32.33 -1.18
CA TRP E 539 20.06 -32.03 -2.60
C TRP E 539 19.97 -33.29 -3.45
N ASN E 540 18.78 -33.87 -3.44
CA ASN E 540 18.49 -35.10 -4.14
C ASN E 540 17.71 -34.80 -5.41
N SER E 541 18.42 -34.65 -6.54
CA SER E 541 17.75 -34.33 -7.81
C SER E 541 17.10 -35.55 -8.46
N ASP E 542 17.53 -36.74 -8.04
CA ASP E 542 16.83 -37.94 -8.46
C ASP E 542 15.41 -37.82 -7.91
N LEU E 543 15.30 -37.51 -6.62
CA LEU E 543 14.00 -37.33 -5.99
C LEU E 543 13.23 -36.17 -6.63
N THR E 544 13.84 -35.00 -6.75
CA THR E 544 13.09 -33.85 -7.27
C THR E 544 12.65 -34.11 -8.70
N GLU E 545 13.54 -34.68 -9.52
CA GLU E 545 13.16 -34.96 -10.91
C GLU E 545 12.02 -35.97 -11.00
N SER E 546 11.91 -36.86 -10.01
CA SER E 546 10.83 -37.85 -9.99
C SER E 546 9.53 -37.18 -9.63
N LEU E 547 9.60 -36.31 -8.62
CA LEU E 547 8.46 -35.46 -8.28
C LEU E 547 8.03 -34.70 -9.53
N GLU E 548 9.00 -34.09 -10.20
CA GLU E 548 8.74 -33.36 -11.42
C GLU E 548 8.04 -34.24 -12.47
N LEU E 549 8.39 -35.52 -12.54
CA LEU E 549 7.75 -36.42 -13.50
C LEU E 549 6.30 -36.67 -13.16
N GLN E 550 5.99 -36.94 -11.89
CA GLN E 550 4.59 -37.02 -11.47
C GLN E 550 3.83 -35.79 -11.93
N ASN E 551 4.42 -34.61 -11.68
CA ASN E 551 3.80 -33.34 -12.06
C ASN E 551 3.61 -33.26 -13.58
N LEU E 552 4.62 -33.62 -14.34
CA LEU E 552 4.50 -33.66 -15.81
C LEU E 552 3.39 -34.58 -16.35
N MET E 553 3.23 -35.73 -15.69
CA MET E 553 2.25 -36.73 -16.15
C MET E 553 0.82 -36.20 -15.99
N LEU E 554 0.57 -35.47 -14.91
CA LEU E 554 -0.75 -34.85 -14.73
C LEU E 554 -1.01 -33.85 -15.86
N ASN E 555 -0.03 -33.02 -16.16
CA ASN E 555 -0.19 -32.02 -17.22
C ASN E 555 -0.37 -32.70 -18.54
N ALA E 556 0.50 -33.66 -18.82
CA ALA E 556 0.55 -34.28 -20.14
C ALA E 556 -0.71 -35.08 -20.41
N THR E 557 -1.19 -35.83 -19.42
CA THR E 557 -2.41 -36.63 -19.61
C THR E 557 -3.65 -35.74 -19.81
N GLN E 558 -3.79 -34.71 -18.98
CA GLN E 558 -4.86 -33.74 -19.17
C GLN E 558 -4.75 -33.06 -20.53
N THR E 559 -3.52 -32.80 -20.98
CA THR E 559 -3.33 -32.12 -22.25
C THR E 559 -3.92 -32.96 -23.40
N ILE E 560 -3.56 -34.24 -23.44
CA ILE E 560 -3.95 -35.07 -24.59
C ILE E 560 -5.44 -35.46 -24.62
N VAL E 561 -6.08 -35.62 -23.47
CA VAL E 561 -7.54 -35.87 -23.47
C VAL E 561 -8.32 -34.58 -23.74
N ALA E 562 -7.78 -33.44 -23.34
CA ALA E 562 -8.37 -32.17 -23.77
C ALA E 562 -8.35 -32.10 -25.30
N ALA E 563 -7.19 -32.39 -25.89
CA ALA E 563 -6.99 -32.31 -27.35
C ALA E 563 -7.78 -33.37 -28.10
N GLU E 564 -7.92 -34.54 -27.49
CA GLU E 564 -8.66 -35.65 -28.09
C GLU E 564 -10.11 -35.23 -28.24
N ASN E 565 -10.67 -34.58 -27.21
CA ASN E 565 -12.09 -34.26 -27.28
C ASN E 565 -12.47 -33.06 -28.15
N ARG E 566 -11.56 -32.11 -28.36
CA ARG E 566 -11.89 -30.87 -29.09
C ARG E 566 -11.92 -31.10 -30.60
N LYS E 567 -13.12 -31.16 -31.16
CA LYS E 567 -13.32 -31.51 -32.57
C LYS E 567 -13.45 -30.28 -33.48
N GLU E 568 -12.36 -29.50 -33.53
CA GLU E 568 -12.26 -28.30 -34.36
C GLU E 568 -10.79 -27.90 -34.52
N SER E 569 -10.53 -26.93 -35.40
CA SER E 569 -9.22 -26.32 -35.52
C SER E 569 -9.31 -24.86 -35.08
N ARG E 570 -8.61 -24.54 -34.01
CA ARG E 570 -8.58 -23.19 -33.47
C ARG E 570 -7.18 -22.87 -33.02
N GLY E 571 -6.62 -21.79 -33.54
CA GLY E 571 -5.27 -21.37 -33.12
C GLY E 571 -4.25 -22.49 -33.21
N ALA E 572 -3.61 -22.81 -32.08
CA ALA E 572 -2.51 -23.79 -32.08
C ALA E 572 -2.99 -25.23 -32.20
N HIS E 573 -4.29 -25.45 -31.98
CA HIS E 573 -4.92 -26.76 -32.04
C HIS E 573 -5.48 -27.00 -33.44
N ALA E 574 -4.84 -27.91 -34.18
CA ALA E 574 -5.24 -28.19 -35.57
C ALA E 574 -5.60 -29.66 -35.71
N ARG E 575 -6.84 -29.91 -36.16
CA ARG E 575 -7.34 -31.25 -36.39
C ARG E 575 -7.54 -31.44 -37.87
N ASP E 576 -6.81 -32.38 -38.47
CA ASP E 576 -7.00 -32.74 -39.88
C ASP E 576 -8.40 -33.28 -40.18
N ASP E 577 -9.05 -33.88 -39.17
CA ASP E 577 -10.43 -34.40 -39.29
C ASP E 577 -11.53 -33.36 -38.99
N PHE E 578 -11.16 -32.25 -38.37
CA PHE E 578 -12.09 -31.16 -38.13
C PHE E 578 -11.34 -29.87 -38.43
N PRO E 579 -11.02 -29.65 -39.73
CA PRO E 579 -10.16 -28.53 -40.16
C PRO E 579 -10.68 -27.09 -39.97
N LYS E 580 -11.97 -26.92 -39.65
CA LYS E 580 -12.51 -25.56 -39.50
C LYS E 580 -12.75 -25.18 -38.05
N ARG E 581 -12.71 -23.87 -37.79
CA ARG E 581 -13.01 -23.34 -36.45
C ARG E 581 -14.53 -23.43 -36.23
N GLU E 582 -14.96 -23.91 -35.06
CA GLU E 582 -16.38 -24.19 -34.80
C GLU E 582 -17.01 -23.25 -33.77
N ASP E 583 -17.63 -22.17 -34.26
CA ASP E 583 -18.16 -21.11 -33.41
C ASP E 583 -19.70 -21.20 -33.24
N GLU E 584 -20.26 -20.26 -32.46
CA GLU E 584 -21.73 -20.15 -32.28
C GLU E 584 -22.41 -19.88 -33.60
N TYR E 585 -21.77 -19.05 -34.44
CA TYR E 585 -22.23 -18.76 -35.80
C TYR E 585 -21.21 -19.28 -36.78
N ASP E 586 -21.57 -19.32 -38.06
CA ASP E 586 -20.62 -19.51 -39.15
C ASP E 586 -20.21 -18.11 -39.58
N TYR E 587 -19.05 -17.67 -39.09
CA TYR E 587 -18.60 -16.32 -39.30
C TYR E 587 -18.05 -16.07 -40.72
N SER E 588 -17.96 -17.12 -41.54
CA SER E 588 -17.64 -16.96 -42.96
C SER E 588 -18.81 -16.45 -43.77
N LYS E 589 -20.02 -16.53 -43.22
CA LYS E 589 -21.25 -16.03 -43.85
C LYS E 589 -21.84 -14.90 -43.02
N PRO E 590 -22.74 -14.08 -43.62
CA PRO E 590 -23.38 -12.99 -42.86
C PRO E 590 -24.18 -13.46 -41.63
N ILE E 591 -24.17 -12.66 -40.57
CA ILE E 591 -24.68 -13.11 -39.28
C ILE E 591 -26.20 -12.99 -39.12
N GLU E 592 -26.80 -11.90 -39.58
CA GLU E 592 -28.27 -11.74 -39.45
C GLU E 592 -29.04 -12.91 -40.10
N GLY E 593 -30.02 -13.43 -39.38
CA GLY E 593 -30.82 -14.56 -39.85
C GLY E 593 -30.16 -15.91 -39.61
N GLN E 594 -29.12 -15.92 -38.78
CA GLN E 594 -28.53 -17.18 -38.35
C GLN E 594 -29.05 -17.44 -36.95
N THR E 595 -29.33 -18.70 -36.66
CA THR E 595 -29.66 -19.10 -35.30
C THR E 595 -28.35 -19.44 -34.61
N LYS E 596 -28.17 -18.89 -33.41
CA LYS E 596 -27.01 -19.16 -32.59
C LYS E 596 -27.00 -20.66 -32.26
N ARG E 597 -25.86 -21.31 -32.45
CA ARG E 597 -25.71 -22.70 -32.03
C ARG E 597 -25.65 -22.76 -30.52
N PRO E 598 -26.28 -23.78 -29.94
CA PRO E 598 -26.23 -23.92 -28.50
C PRO E 598 -24.81 -24.24 -28.02
N PHE E 599 -24.50 -23.79 -26.81
CA PHE E 599 -23.19 -23.92 -26.20
C PHE E 599 -22.64 -25.34 -26.38
N GLU E 600 -23.50 -26.34 -26.20
CA GLU E 600 -23.09 -27.75 -26.25
C GLU E 600 -22.66 -28.20 -27.64
N LYS E 601 -23.05 -27.45 -28.66
CA LYS E 601 -22.83 -27.87 -30.06
C LYS E 601 -21.61 -27.24 -30.72
N HIS E 602 -21.12 -26.11 -30.20
CA HIS E 602 -19.97 -25.43 -30.78
C HIS E 602 -18.79 -25.46 -29.84
N TRP E 603 -17.64 -24.99 -30.35
CA TRP E 603 -16.37 -25.12 -29.66
C TRP E 603 -15.68 -23.81 -29.20
N ARG E 604 -16.32 -22.65 -29.39
CA ARG E 604 -15.87 -21.39 -28.78
C ARG E 604 -16.14 -21.40 -27.28
N LYS E 605 -15.36 -22.18 -26.57
CA LYS E 605 -15.46 -22.29 -25.14
C LYS E 605 -14.16 -22.87 -24.64
N HIS E 606 -13.83 -22.58 -23.39
CA HIS E 606 -12.60 -23.08 -22.81
C HIS E 606 -12.79 -24.52 -22.41
N THR E 607 -11.76 -25.35 -22.63
CA THR E 607 -11.71 -26.72 -22.06
C THR E 607 -11.32 -26.68 -20.58
N LEU E 608 -12.07 -27.40 -19.75
CA LEU E 608 -11.69 -27.62 -18.35
C LEU E 608 -11.43 -29.10 -18.12
N THR E 609 -10.20 -29.47 -17.73
CA THR E 609 -9.89 -30.85 -17.35
C THR E 609 -9.74 -30.96 -15.86
N LYS E 610 -10.43 -31.95 -15.27
CA LYS E 610 -10.44 -32.20 -13.81
C LYS E 610 -9.96 -33.63 -13.59
N GLN E 611 -8.90 -33.79 -12.81
CA GLN E 611 -8.23 -35.06 -12.73
C GLN E 611 -8.11 -35.54 -11.29
N ASP E 612 -8.37 -36.84 -11.09
CA ASP E 612 -8.11 -37.52 -9.82
C ASP E 612 -6.62 -37.88 -9.83
N PRO E 613 -5.82 -37.29 -8.91
CA PRO E 613 -4.37 -37.52 -8.99
C PRO E 613 -3.92 -38.95 -8.66
N ARG E 614 -4.78 -39.74 -8.00
CA ARG E 614 -4.43 -41.12 -7.62
C ARG E 614 -4.73 -42.13 -8.74
N THR E 615 -5.93 -42.08 -9.32
CA THR E 615 -6.31 -42.97 -10.42
C THR E 615 -5.91 -42.43 -11.78
N GLY E 616 -5.76 -41.10 -11.84
CA GLY E 616 -5.45 -40.43 -13.10
C GLY E 616 -6.67 -40.17 -13.95
N HIS E 617 -7.85 -40.46 -13.42
CA HIS E 617 -9.05 -40.30 -14.21
C HIS E 617 -9.38 -38.81 -14.43
N ILE E 618 -9.77 -38.50 -15.66
CA ILE E 618 -10.00 -37.13 -16.11
C ILE E 618 -11.42 -36.97 -16.64
N THR E 619 -12.19 -36.07 -16.04
CA THR E 619 -13.50 -35.66 -16.60
C THR E 619 -13.36 -34.29 -17.28
N LEU E 620 -14.25 -34.02 -18.22
CA LEU E 620 -14.20 -32.80 -19.02
C LEU E 620 -15.45 -31.95 -18.77
N ASP E 621 -15.25 -30.64 -18.71
CA ASP E 621 -16.33 -29.67 -18.70
C ASP E 621 -15.91 -28.50 -19.59
N TYR E 622 -16.84 -27.61 -19.91
CA TYR E 622 -16.55 -26.45 -20.76
C TYR E 622 -17.14 -25.17 -20.20
N ARG E 623 -16.33 -24.11 -20.30
CA ARG E 623 -16.63 -22.83 -19.67
C ARG E 623 -16.69 -21.76 -20.76
N PRO E 624 -17.67 -20.84 -20.66
CA PRO E 624 -17.79 -19.83 -21.73
C PRO E 624 -16.60 -18.87 -21.82
N VAL E 625 -16.33 -18.41 -23.02
CA VAL E 625 -15.40 -17.31 -23.21
C VAL E 625 -16.05 -16.02 -22.74
N ILE E 626 -15.27 -15.14 -22.14
CA ILE E 626 -15.76 -13.83 -21.82
C ILE E 626 -15.52 -12.93 -23.04
N ASP E 627 -16.61 -12.40 -23.59
CA ASP E 627 -16.54 -11.54 -24.78
C ASP E 627 -16.57 -10.06 -24.43
N LYS E 628 -17.11 -9.71 -23.27
CA LYS E 628 -17.18 -8.31 -22.87
C LYS E 628 -15.80 -7.81 -22.43
N THR E 629 -15.52 -6.54 -22.70
CA THR E 629 -14.31 -5.91 -22.20
C THR E 629 -14.59 -5.47 -20.74
N LEU E 630 -13.61 -4.89 -20.08
CA LEU E 630 -13.82 -4.30 -18.74
C LEU E 630 -14.77 -3.09 -18.75
N ASP E 631 -14.86 -2.38 -19.86
CA ASP E 631 -15.68 -1.18 -19.93
C ASP E 631 -15.95 -0.84 -21.41
N PRO E 632 -17.19 -1.02 -21.88
CA PRO E 632 -17.47 -0.66 -23.29
C PRO E 632 -17.23 0.83 -23.58
N ALA E 633 -17.22 1.68 -22.55
CA ALA E 633 -16.90 3.11 -22.73
C ALA E 633 -15.46 3.35 -23.20
N GLU E 634 -14.53 2.51 -22.73
CA GLU E 634 -13.10 2.65 -23.08
C GLU E 634 -12.72 1.85 -24.34
N VAL E 635 -13.27 0.65 -24.48
CA VAL E 635 -13.03 -0.12 -25.73
C VAL E 635 -14.15 -1.11 -26.05
N ASP E 636 -14.50 -1.18 -27.33
CA ASP E 636 -15.53 -2.12 -27.78
C ASP E 636 -14.94 -3.52 -27.83
N TRP E 637 -15.79 -4.50 -27.64
CA TRP E 637 -15.39 -5.86 -27.85
C TRP E 637 -15.17 -6.09 -29.35
N ILE E 638 -14.43 -7.14 -29.67
CA ILE E 638 -14.10 -7.45 -31.06
C ILE E 638 -14.75 -8.76 -31.46
N PRO E 639 -15.82 -8.69 -32.29
CA PRO E 639 -16.52 -9.87 -32.72
C PRO E 639 -15.62 -10.81 -33.51
N PRO E 640 -15.88 -12.12 -33.41
CA PRO E 640 -15.12 -13.07 -34.22
C PRO E 640 -15.20 -12.77 -35.72
N ILE E 641 -14.09 -12.97 -36.43
CA ILE E 641 -14.11 -13.04 -37.88
C ILE E 641 -13.28 -14.23 -38.28
N ILE E 642 -13.34 -14.60 -39.55
CA ILE E 642 -12.46 -15.62 -40.07
C ILE E 642 -11.05 -15.06 -39.95
N ARG E 643 -10.14 -15.89 -39.44
CA ARG E 643 -8.78 -15.47 -39.06
C ARG E 643 -7.76 -15.81 -40.14
N SER E 644 -7.27 -14.78 -40.83
CA SER E 644 -6.22 -14.89 -41.86
C SER E 644 -5.14 -13.83 -41.61
N TYR E 645 -3.91 -14.14 -42.00
CA TYR E 645 -2.78 -13.21 -41.95
C TYR E 645 -2.21 -12.99 -43.36
N THR F 31 35.82 -52.62 -26.53
CA THR F 31 37.18 -52.46 -27.10
C THR F 31 37.17 -51.64 -28.40
N GLY F 32 36.03 -51.52 -29.07
CA GLY F 32 35.96 -50.87 -30.40
C GLY F 32 34.86 -49.80 -30.55
N LYS F 33 34.73 -48.93 -29.54
CA LYS F 33 33.70 -47.88 -29.51
C LYS F 33 34.34 -46.58 -29.01
N ARG F 34 33.67 -45.44 -29.20
CA ARG F 34 34.22 -44.13 -28.77
C ARG F 34 33.88 -43.84 -27.31
N ILE F 35 34.65 -44.41 -26.39
CA ILE F 35 34.36 -44.35 -24.97
C ILE F 35 35.21 -43.25 -24.32
N LYS F 36 34.54 -42.21 -23.81
CA LYS F 36 35.24 -41.11 -23.15
C LYS F 36 35.12 -41.35 -21.66
N THR F 37 36.22 -41.22 -20.92
CA THR F 37 36.11 -41.33 -19.46
C THR F 37 36.15 -39.93 -18.86
N PHE F 38 35.21 -39.67 -17.97
CA PHE F 38 35.16 -38.47 -17.14
C PHE F 38 35.49 -38.86 -15.72
N GLU F 39 36.32 -38.05 -15.04
CA GLU F 39 36.59 -38.18 -13.58
C GLU F 39 35.91 -37.05 -12.84
N ILE F 40 35.01 -37.40 -11.94
CA ILE F 40 34.06 -36.44 -11.42
C ILE F 40 34.14 -36.43 -9.91
N TYR F 41 34.20 -35.23 -9.37
CA TYR F 41 34.26 -35.01 -7.94
C TYR F 41 32.95 -35.45 -7.33
N ARG F 42 33.05 -36.22 -6.25
CA ARG F 42 31.87 -36.67 -5.50
C ARG F 42 32.00 -36.29 -4.05
N PHE F 43 30.90 -35.87 -3.46
CA PHE F 43 30.85 -35.69 -2.04
C PHE F 43 29.41 -35.91 -1.59
N ASN F 44 29.23 -36.86 -0.68
CA ASN F 44 27.94 -37.15 -0.06
C ASN F 44 27.99 -36.67 1.39
N PRO F 45 27.14 -35.68 1.74
CA PRO F 45 27.14 -35.16 3.11
C PRO F 45 26.34 -36.02 4.08
N GLU F 46 25.49 -36.90 3.56
CA GLU F 46 24.64 -37.75 4.37
C GLU F 46 25.48 -38.86 4.99
N GLU F 47 26.45 -39.33 4.22
CA GLU F 47 27.31 -40.46 4.59
C GLU F 47 28.21 -40.11 5.80
N PRO F 48 28.27 -41.02 6.79
CA PRO F 48 29.00 -40.73 8.03
C PRO F 48 30.51 -40.66 7.84
N GLY F 49 31.11 -39.53 8.25
CA GLY F 49 32.55 -39.30 8.10
C GLY F 49 33.05 -39.30 6.65
N ALA F 50 32.19 -38.84 5.74
CA ALA F 50 32.49 -38.93 4.31
C ALA F 50 33.60 -37.98 3.89
N LYS F 51 34.27 -38.33 2.79
CA LYS F 51 35.34 -37.50 2.25
C LYS F 51 35.17 -37.32 0.77
N PRO F 52 35.70 -36.21 0.23
CA PRO F 52 35.67 -36.08 -1.21
C PRO F 52 36.48 -37.17 -1.90
N LYS F 53 36.13 -37.46 -3.16
CA LYS F 53 36.83 -38.44 -3.97
C LYS F 53 36.56 -38.17 -5.46
N LEU F 54 37.35 -38.78 -6.32
CA LEU F 54 37.11 -38.77 -7.77
C LEU F 54 36.51 -40.08 -8.18
N GLN F 55 35.49 -40.04 -9.03
CA GLN F 55 34.90 -41.25 -9.60
C GLN F 55 34.91 -41.22 -11.13
N LYS F 56 35.22 -42.38 -11.71
CA LYS F 56 35.36 -42.51 -13.16
C LYS F 56 34.05 -42.97 -13.78
N PHE F 57 33.66 -42.32 -14.86
CA PHE F 57 32.48 -42.70 -15.61
C PHE F 57 32.85 -42.78 -17.08
N ASP F 58 32.39 -43.84 -17.74
CA ASP F 58 32.67 -44.08 -19.16
C ASP F 58 31.41 -43.78 -19.96
N VAL F 59 31.56 -43.13 -21.09
CA VAL F 59 30.40 -42.69 -21.84
C VAL F 59 30.64 -42.86 -23.32
N ASP F 60 29.70 -43.50 -24.00
CA ASP F 60 29.77 -43.70 -25.44
C ASP F 60 29.39 -42.41 -26.16
N LEU F 61 30.38 -41.70 -26.68
CA LEU F 61 30.16 -40.41 -27.36
C LEU F 61 29.20 -40.48 -28.53
N ASP F 62 29.02 -41.65 -29.15
CA ASP F 62 28.03 -41.82 -30.21
C ASP F 62 26.59 -42.01 -29.68
N LYS F 63 26.45 -42.21 -28.38
CA LYS F 63 25.13 -42.30 -27.74
C LYS F 63 24.97 -41.13 -26.74
N CYS F 64 25.61 -40.00 -27.06
CA CYS F 64 25.62 -38.84 -26.19
C CYS F 64 25.66 -37.57 -27.02
N GLY F 65 24.96 -36.54 -26.54
CA GLY F 65 25.07 -35.23 -27.14
C GLY F 65 26.49 -34.68 -27.03
N THR F 66 26.66 -33.49 -27.58
CA THR F 66 27.97 -32.92 -27.82
C THR F 66 28.61 -32.14 -26.64
N MET F 67 27.79 -31.69 -25.67
CA MET F 67 28.29 -30.82 -24.60
C MET F 67 28.50 -31.58 -23.28
N VAL F 68 29.37 -31.08 -22.42
CA VAL F 68 29.68 -31.81 -21.19
C VAL F 68 28.42 -32.02 -20.35
N LEU F 69 27.49 -31.06 -20.38
CA LEU F 69 26.24 -31.26 -19.64
C LEU F 69 25.50 -32.49 -20.19
N ASP F 70 25.53 -32.71 -21.50
CA ASP F 70 24.86 -33.90 -22.05
C ASP F 70 25.47 -35.16 -21.43
N ALA F 71 26.78 -35.18 -21.24
CA ALA F 71 27.43 -36.31 -20.59
C ALA F 71 26.94 -36.47 -19.13
N LEU F 72 26.87 -35.37 -18.38
CA LEU F 72 26.46 -35.44 -16.99
C LEU F 72 25.05 -36.00 -16.86
N ILE F 73 24.15 -35.47 -17.69
CA ILE F 73 22.75 -35.89 -17.72
C ILE F 73 22.60 -37.37 -18.09
N LYS F 74 23.34 -37.79 -19.13
CA LYS F 74 23.36 -39.17 -19.57
C LYS F 74 23.84 -40.08 -18.43
N ILE F 75 24.91 -39.69 -17.74
CA ILE F 75 25.43 -40.47 -16.60
C ILE F 75 24.41 -40.62 -15.48
N LYS F 76 23.73 -39.53 -15.16
CA LYS F 76 22.72 -39.55 -14.12
C LYS F 76 21.51 -40.39 -14.53
N ASN F 77 21.12 -40.28 -15.80
CA ASN F 77 19.91 -40.94 -16.28
C ASN F 77 20.08 -42.45 -16.54
N GLU F 78 21.32 -42.89 -16.74
CA GLU F 78 21.59 -44.25 -17.26
C GLU F 78 22.56 -45.07 -16.43
N VAL F 79 23.42 -44.40 -15.65
CA VAL F 79 24.43 -45.10 -14.86
C VAL F 79 24.33 -44.86 -13.34
N ASP F 80 24.24 -43.59 -12.91
CA ASP F 80 24.24 -43.26 -11.49
C ASP F 80 23.34 -42.04 -11.17
N PRO F 81 22.07 -42.29 -10.88
CA PRO F 81 21.14 -41.22 -10.56
C PRO F 81 21.50 -40.40 -9.32
N THR F 82 22.53 -40.80 -8.56
CA THR F 82 22.97 -40.01 -7.40
C THR F 82 23.91 -38.86 -7.78
N LEU F 83 24.36 -38.85 -9.04
CA LEU F 83 25.24 -37.79 -9.52
C LEU F 83 24.48 -36.48 -9.51
N THR F 84 24.94 -35.53 -8.70
CA THR F 84 24.18 -34.30 -8.45
C THR F 84 24.89 -33.02 -8.94
N PHE F 85 24.20 -32.27 -9.80
CA PHE F 85 24.69 -30.99 -10.33
C PHE F 85 23.48 -30.08 -10.64
N ARG F 86 23.75 -28.80 -10.85
CA ARG F 86 22.70 -27.85 -11.24
C ARG F 86 22.67 -27.64 -12.77
N ARG F 87 21.48 -27.43 -13.30
CA ARG F 87 21.32 -27.09 -14.70
C ARG F 87 19.89 -26.67 -14.90
N SER F 88 19.64 -25.85 -15.92
CA SER F 88 18.28 -25.50 -16.28
C SER F 88 18.11 -25.26 -17.79
N CYS F 89 18.70 -24.20 -18.27
CA CYS F 89 18.63 -23.81 -19.70
C CYS F 89 19.52 -24.68 -20.56
N ARG F 90 19.26 -24.72 -21.86
CA ARG F 90 20.18 -25.60 -22.62
C ARG F 90 21.27 -24.83 -23.35
N GLU F 91 21.26 -23.50 -23.23
CA GLU F 91 21.98 -22.64 -24.15
C GLU F 91 22.94 -21.61 -23.52
N GLY F 92 23.37 -21.86 -22.30
CA GLY F 92 24.33 -21.00 -21.61
C GLY F 92 23.85 -19.59 -21.28
N ILE F 93 22.58 -19.47 -20.93
CA ILE F 93 22.01 -18.19 -20.59
C ILE F 93 21.65 -18.09 -19.09
N CYS F 94 21.31 -19.27 -18.44
CA CYS F 94 20.93 -19.30 -17.01
C CYS F 94 22.04 -19.08 -15.96
N GLY F 95 23.12 -19.62 -16.22
CA GLY F 95 24.25 -19.61 -15.30
C GLY F 95 24.32 -20.76 -14.30
N SER F 96 23.28 -21.60 -14.27
CA SER F 96 23.17 -22.70 -13.29
C SER F 96 24.36 -23.65 -13.27
N CYS F 97 24.91 -24.00 -14.44
CA CYS F 97 25.75 -25.19 -14.57
C CYS F 97 27.25 -24.90 -14.53
N ALA F 98 27.64 -23.77 -13.94
CA ALA F 98 29.04 -23.41 -13.84
C ALA F 98 29.81 -24.42 -13.01
N MET F 99 31.00 -24.78 -13.49
CA MET F 99 31.82 -25.78 -12.82
C MET F 99 33.20 -25.72 -13.43
N ASN F 100 34.15 -26.47 -12.87
CA ASN F 100 35.50 -26.53 -13.42
C ASN F 100 35.67 -27.81 -14.26
N ILE F 101 35.87 -27.60 -15.57
CA ILE F 101 36.04 -28.67 -16.54
C ILE F 101 37.40 -28.54 -17.22
N ALA F 102 38.18 -29.63 -17.17
CA ALA F 102 39.51 -29.64 -17.75
C ALA F 102 40.31 -28.46 -17.22
N GLY F 103 40.17 -28.20 -15.92
CA GLY F 103 40.98 -27.18 -15.25
C GLY F 103 40.43 -25.77 -15.28
N GLU F 104 39.39 -25.50 -16.07
CA GLU F 104 38.88 -24.14 -16.26
C GLU F 104 37.41 -24.02 -15.88
N ASN F 105 37.04 -22.85 -15.33
CA ASN F 105 35.65 -22.56 -15.03
C ASN F 105 34.88 -22.21 -16.30
N THR F 106 33.80 -22.94 -16.55
CA THR F 106 32.98 -22.71 -17.73
C THR F 106 31.59 -23.24 -17.48
N LEU F 107 30.73 -23.13 -18.49
CA LEU F 107 29.37 -23.64 -18.40
C LEU F 107 29.29 -24.99 -19.07
N ALA F 108 28.92 -26.01 -18.31
CA ALA F 108 28.85 -27.36 -18.85
C ALA F 108 28.07 -27.43 -20.15
N CYS F 109 26.97 -26.69 -20.23
CA CYS F 109 26.02 -26.76 -21.33
C CYS F 109 26.55 -26.24 -22.67
N ILE F 110 27.60 -25.42 -22.64
CA ILE F 110 28.22 -24.92 -23.86
C ILE F 110 29.70 -25.30 -23.96
N CYS F 111 30.13 -26.22 -23.13
CA CYS F 111 31.47 -26.74 -23.21
C CYS F 111 31.45 -28.04 -24.01
N ASN F 112 32.02 -28.01 -25.21
CA ASN F 112 32.15 -29.21 -26.03
C ASN F 112 32.96 -30.26 -25.31
N ILE F 113 32.44 -31.47 -25.30
CA ILE F 113 33.20 -32.64 -24.90
C ILE F 113 34.42 -32.73 -25.82
N ASP F 114 35.59 -32.85 -25.20
CA ASP F 114 36.83 -33.17 -25.89
C ASP F 114 36.74 -34.62 -26.38
N GLN F 115 36.68 -34.81 -27.69
CA GLN F 115 36.42 -36.13 -28.29
C GLN F 115 37.67 -37.03 -28.42
N ASN F 116 38.82 -36.51 -28.00
CA ASN F 116 40.04 -37.30 -27.83
C ASN F 116 39.87 -38.26 -26.64
N THR F 117 39.52 -39.52 -26.93
CA THR F 117 39.24 -40.52 -25.89
C THR F 117 40.48 -41.12 -25.21
N SER F 118 41.67 -40.71 -25.61
CA SER F 118 42.89 -41.07 -24.91
C SER F 118 43.19 -40.09 -23.77
N LYS F 119 42.39 -39.03 -23.63
CA LYS F 119 42.46 -38.12 -22.49
C LYS F 119 41.23 -38.32 -21.61
N THR F 120 41.41 -38.23 -20.30
CA THR F 120 40.27 -38.20 -19.38
C THR F 120 39.92 -36.73 -19.09
N THR F 121 38.64 -36.43 -19.02
CA THR F 121 38.22 -35.08 -18.64
C THR F 121 37.86 -35.04 -17.15
N LYS F 122 38.48 -34.10 -16.44
CA LYS F 122 38.21 -33.91 -15.01
C LYS F 122 37.21 -32.78 -14.78
N ILE F 123 36.20 -33.09 -13.97
CA ILE F 123 35.13 -32.20 -13.64
C ILE F 123 35.07 -32.03 -12.12
N TYR F 124 35.29 -30.78 -11.68
CA TYR F 124 35.20 -30.37 -10.28
C TYR F 124 34.15 -29.26 -10.07
N PRO F 125 33.76 -29.03 -8.81
CA PRO F 125 32.89 -27.88 -8.52
C PRO F 125 33.66 -26.57 -8.69
N LEU F 126 32.95 -25.46 -8.73
CA LEU F 126 33.61 -24.15 -8.72
C LEU F 126 34.65 -24.10 -7.61
N PRO F 127 35.87 -23.68 -7.95
CA PRO F 127 36.95 -23.69 -6.97
C PRO F 127 36.71 -22.88 -5.70
N HIS F 128 37.19 -23.44 -4.58
CA HIS F 128 37.22 -22.82 -3.26
C HIS F 128 35.88 -22.38 -2.76
N MET F 129 34.82 -23.01 -3.23
CA MET F 129 33.50 -22.80 -2.64
C MET F 129 33.20 -24.00 -1.75
N PHE F 130 32.41 -23.76 -0.71
CA PHE F 130 31.96 -24.84 0.15
C PHE F 130 30.99 -25.71 -0.62
N VAL F 131 31.17 -27.02 -0.57
CA VAL F 131 30.30 -27.89 -1.34
C VAL F 131 29.16 -28.47 -0.49
N ILE F 132 27.96 -28.47 -1.08
CA ILE F 132 26.79 -29.05 -0.48
C ILE F 132 26.80 -30.54 -0.82
N LYS F 133 26.89 -30.84 -2.12
CA LYS F 133 26.88 -32.20 -2.64
C LYS F 133 27.44 -32.23 -4.05
N ASP F 134 28.28 -33.22 -4.31
CA ASP F 134 28.91 -33.42 -5.61
C ASP F 134 29.38 -32.08 -6.20
N LEU F 135 28.76 -31.66 -7.30
CA LEU F 135 29.22 -30.50 -8.07
C LEU F 135 28.40 -29.24 -7.72
N VAL F 136 27.65 -29.31 -6.63
CA VAL F 136 26.78 -28.22 -6.20
C VAL F 136 27.40 -27.48 -5.01
N PRO F 137 27.96 -26.28 -5.26
CA PRO F 137 28.52 -25.45 -4.20
C PRO F 137 27.49 -24.56 -3.55
N ASP F 138 27.82 -24.06 -2.35
CA ASP F 138 26.96 -23.10 -1.68
C ASP F 138 27.23 -21.73 -2.24
N MET F 139 26.19 -21.12 -2.76
CA MET F 139 26.31 -19.91 -3.55
C MET F 139 25.85 -18.66 -2.78
N ASN F 140 25.54 -18.81 -1.51
CA ASN F 140 24.82 -17.75 -0.82
C ASN F 140 25.67 -16.51 -0.47
N LEU F 141 26.97 -16.68 -0.25
CA LEU F 141 27.84 -15.52 -0.12
C LEU F 141 27.87 -14.72 -1.41
N PHE F 142 28.12 -15.40 -2.52
CA PHE F 142 28.09 -14.79 -3.83
C PHE F 142 26.85 -13.89 -4.00
N TYR F 143 25.68 -14.46 -3.71
CA TYR F 143 24.42 -13.75 -3.86
C TYR F 143 24.29 -12.56 -2.88
N ALA F 144 24.77 -12.74 -1.65
CA ALA F 144 24.70 -11.69 -0.64
C ALA F 144 25.55 -10.50 -1.03
N GLN F 145 26.75 -10.76 -1.55
CA GLN F 145 27.61 -9.68 -2.05
C GLN F 145 26.96 -8.90 -3.22
N TYR F 146 26.26 -9.62 -4.09
CA TYR F 146 25.50 -8.99 -5.17
C TYR F 146 24.44 -8.03 -4.63
N ALA F 147 23.68 -8.47 -3.62
CA ALA F 147 22.65 -7.62 -3.03
C ALA F 147 23.29 -6.36 -2.48
N SER F 148 24.52 -6.48 -1.99
CA SER F 148 25.25 -5.36 -1.36
C SER F 148 25.55 -4.18 -2.28
N ILE F 149 25.65 -4.39 -3.59
CA ILE F 149 25.88 -3.27 -4.51
C ILE F 149 24.62 -2.43 -4.75
N GLN F 150 23.47 -2.94 -4.32
CA GLN F 150 22.16 -2.32 -4.55
C GLN F 150 21.87 -2.26 -6.05
N PRO F 151 21.63 -3.44 -6.66
CA PRO F 151 21.41 -3.56 -8.12
C PRO F 151 20.01 -3.13 -8.56
N TRP F 152 19.73 -1.85 -8.40
CA TRP F 152 18.48 -1.24 -8.84
C TRP F 152 18.68 0.25 -9.09
N LEU F 153 17.85 0.79 -9.96
CA LEU F 153 18.04 2.15 -10.40
C LEU F 153 17.65 3.12 -9.30
N GLN F 154 18.54 4.08 -9.04
CA GLN F 154 18.36 5.02 -7.95
C GLN F 154 18.35 6.43 -8.52
N LYS F 155 17.37 7.22 -8.10
CA LYS F 155 17.19 8.62 -8.53
C LYS F 155 17.26 9.56 -7.32
N LYS F 156 17.85 10.74 -7.45
CA LYS F 156 17.87 11.66 -6.30
C LYS F 156 16.55 12.43 -6.15
N THR F 157 15.91 12.71 -7.27
CA THR F 157 14.57 13.30 -7.27
C THR F 157 13.55 12.20 -7.54
N LYS F 158 12.77 11.84 -6.53
CA LYS F 158 11.74 10.82 -6.66
C LYS F 158 10.98 11.05 -7.96
N ILE F 159 10.89 9.99 -8.78
CA ILE F 159 10.21 10.06 -10.06
C ILE F 159 8.83 9.39 -9.92
N ASN F 160 7.85 9.85 -10.68
CA ASN F 160 6.53 9.22 -10.65
C ASN F 160 6.56 7.95 -11.52
N LEU F 161 6.59 6.81 -10.83
CA LEU F 161 6.84 5.50 -11.43
C LEU F 161 5.85 5.14 -12.51
N GLY F 162 6.35 4.69 -13.66
CA GLY F 162 5.50 4.31 -14.78
C GLY F 162 5.01 5.46 -15.66
N GLU F 163 5.19 6.70 -15.22
CA GLU F 163 4.60 7.84 -15.94
C GLU F 163 5.31 8.12 -17.26
N LYS F 164 6.64 8.13 -17.26
CA LYS F 164 7.38 8.41 -18.47
C LYS F 164 8.77 7.75 -18.48
N GLN F 165 9.29 7.56 -19.69
CA GLN F 165 10.59 6.97 -19.88
C GLN F 165 11.64 7.96 -19.46
N GLN F 166 12.73 7.48 -18.88
CA GLN F 166 13.91 8.30 -18.65
C GLN F 166 14.69 8.40 -19.92
N TYR F 167 15.25 9.59 -20.19
CA TYR F 167 16.05 9.77 -21.40
C TYR F 167 17.39 9.08 -21.25
N GLN F 168 17.85 8.44 -22.32
CA GLN F 168 19.20 7.91 -22.37
C GLN F 168 19.55 7.78 -23.84
N SER F 169 20.69 8.34 -24.23
CA SER F 169 21.14 8.28 -25.60
C SER F 169 21.65 6.89 -25.93
N ILE F 170 21.69 6.59 -27.23
CA ILE F 170 22.29 5.35 -27.73
C ILE F 170 23.69 5.16 -27.13
N LYS F 171 24.51 6.20 -27.19
CA LYS F 171 25.90 6.13 -26.74
C LYS F 171 26.00 5.85 -25.22
N GLU F 172 25.08 6.38 -24.43
CA GLU F 172 25.12 6.16 -22.99
C GLU F 172 24.69 4.72 -22.66
N GLN F 173 23.65 4.20 -23.31
CA GLN F 173 23.24 2.83 -23.01
C GLN F 173 24.22 1.82 -23.55
N GLU F 174 25.02 2.21 -24.56
CA GLU F 174 26.07 1.33 -25.11
C GLU F 174 27.24 1.14 -24.15
N LYS F 175 27.34 1.97 -23.14
CA LYS F 175 28.32 1.72 -22.09
C LYS F 175 27.94 0.47 -21.30
N LEU F 176 26.67 0.11 -21.31
CA LEU F 176 26.19 -1.04 -20.57
C LEU F 176 26.47 -2.38 -21.30
N ASP F 177 26.77 -2.31 -22.60
CA ASP F 177 27.21 -3.49 -23.34
C ASP F 177 28.53 -3.98 -22.75
N GLY F 178 28.65 -5.30 -22.58
CA GLY F 178 29.79 -5.92 -21.88
C GLY F 178 29.52 -6.08 -20.39
N LEU F 179 28.45 -5.45 -19.89
CA LEU F 179 28.15 -5.39 -18.47
C LEU F 179 26.84 -6.06 -18.12
N TYR F 180 25.77 -5.69 -18.83
CA TYR F 180 24.43 -6.21 -18.51
C TYR F 180 24.27 -7.71 -18.82
N GLU F 181 25.10 -8.26 -19.72
CA GLU F 181 24.98 -9.65 -20.14
C GLU F 181 25.41 -10.67 -19.07
N CYS F 182 26.07 -10.24 -18.02
CA CYS F 182 26.53 -11.16 -16.98
C CYS F 182 25.36 -11.97 -16.48
N ILE F 183 25.55 -13.28 -16.41
CA ILE F 183 24.50 -14.22 -16.01
C ILE F 183 24.66 -14.72 -14.56
N LEU F 184 25.58 -14.13 -13.81
CA LEU F 184 25.72 -14.44 -12.37
C LEU F 184 26.04 -15.93 -12.13
N CYS F 185 27.02 -16.44 -12.88
CA CYS F 185 27.40 -17.85 -12.88
C CYS F 185 28.57 -18.14 -11.92
N ALA F 186 29.37 -17.11 -11.69
CA ALA F 186 30.49 -17.13 -10.71
C ALA F 186 31.75 -17.83 -11.24
N CYS F 187 31.77 -18.17 -12.52
CA CYS F 187 32.98 -18.71 -13.12
C CYS F 187 34.16 -17.80 -12.85
N CYS F 188 33.96 -16.48 -12.98
CA CYS F 188 35.08 -15.55 -12.80
C CYS F 188 35.55 -15.46 -11.34
N SER F 189 34.62 -15.30 -10.41
CA SER F 189 34.99 -15.19 -8.98
C SER F 189 35.60 -16.48 -8.45
N ALA F 190 35.07 -17.63 -8.85
CA ALA F 190 35.66 -18.91 -8.49
C ALA F 190 36.96 -19.22 -9.24
N SER F 191 37.41 -18.31 -10.13
CA SER F 191 38.71 -18.48 -10.78
C SER F 191 39.73 -17.54 -10.19
N CYS F 192 39.29 -16.61 -9.35
CA CYS F 192 40.16 -15.52 -8.88
C CYS F 192 40.80 -15.87 -7.53
N PRO F 193 42.13 -16.05 -7.49
CA PRO F 193 42.80 -16.45 -6.27
C PRO F 193 42.59 -15.53 -5.07
N SER F 194 42.47 -14.24 -5.31
CA SER F 194 42.21 -13.27 -4.24
C SER F 194 40.87 -13.54 -3.60
N TYR F 195 39.89 -13.90 -4.42
CA TYR F 195 38.58 -14.31 -3.95
C TYR F 195 38.65 -15.66 -3.22
N TRP F 196 39.50 -16.56 -3.71
CA TRP F 196 39.74 -17.84 -3.03
C TRP F 196 40.11 -17.60 -1.58
N TRP F 197 41.09 -16.71 -1.36
CA TRP F 197 41.67 -16.47 -0.04
C TRP F 197 40.79 -15.59 0.84
N ASN F 198 40.13 -14.58 0.28
CA ASN F 198 39.43 -13.57 1.06
C ASN F 198 38.06 -13.17 0.58
N ALA F 199 37.29 -14.19 0.16
CA ALA F 199 35.92 -13.99 -0.32
C ALA F 199 35.06 -13.21 0.66
N ASP F 200 35.31 -13.39 1.95
CA ASP F 200 34.53 -12.68 2.95
C ASP F 200 34.67 -11.14 2.94
N LYS F 201 35.80 -10.63 2.45
CA LYS F 201 36.03 -9.18 2.42
C LYS F 201 36.21 -8.56 1.02
N TYR F 202 36.73 -9.35 0.08
CA TYR F 202 36.87 -8.95 -1.33
C TYR F 202 35.61 -9.31 -2.11
N LEU F 203 34.98 -8.32 -2.74
CA LEU F 203 33.71 -8.56 -3.46
C LEU F 203 33.82 -9.48 -4.69
N GLY F 204 34.98 -9.54 -5.32
CA GLY F 204 35.18 -10.43 -6.49
C GLY F 204 34.70 -9.87 -7.82
N PRO F 205 35.24 -10.39 -8.94
CA PRO F 205 35.00 -9.80 -10.26
C PRO F 205 33.51 -9.71 -10.65
N ALA F 206 32.76 -10.77 -10.45
CA ALA F 206 31.36 -10.75 -10.86
C ALA F 206 30.63 -9.58 -10.24
N VAL F 207 30.75 -9.44 -8.92
CA VAL F 207 30.02 -8.38 -8.19
C VAL F 207 30.53 -6.99 -8.50
N LEU F 208 31.84 -6.86 -8.66
CA LEU F 208 32.44 -5.57 -8.99
C LEU F 208 32.05 -5.11 -10.40
N MET F 209 31.92 -6.03 -11.35
CA MET F 209 31.50 -5.63 -12.68
C MET F 209 30.05 -5.15 -12.65
N GLN F 210 29.20 -5.78 -11.82
CA GLN F 210 27.83 -5.30 -11.69
C GLN F 210 27.74 -3.98 -10.91
N ALA F 211 28.66 -3.77 -9.98
CA ALA F 211 28.72 -2.50 -9.27
C ALA F 211 29.01 -1.40 -10.29
N TYR F 212 29.94 -1.69 -11.19
CA TYR F 212 30.27 -0.76 -12.26
C TYR F 212 29.10 -0.59 -13.21
N ARG F 213 28.37 -1.66 -13.52
CA ARG F 213 27.18 -1.57 -14.39
C ARG F 213 26.26 -0.45 -13.90
N TRP F 214 26.04 -0.42 -12.60
CA TRP F 214 25.15 0.59 -12.01
C TRP F 214 25.84 1.96 -11.89
N ILE F 215 27.15 1.97 -11.66
CA ILE F 215 27.89 3.23 -11.59
C ILE F 215 27.93 4.01 -12.92
N ILE F 216 28.16 3.35 -14.06
CA ILE F 216 28.22 4.10 -15.35
C ILE F 216 26.88 4.25 -16.05
N ASP F 217 25.80 3.76 -15.45
CA ASP F 217 24.48 3.96 -16.01
C ASP F 217 24.11 5.44 -15.83
N SER F 218 23.99 6.14 -16.94
CA SER F 218 23.74 7.58 -16.95
C SER F 218 22.42 8.00 -16.32
N ARG F 219 21.48 7.06 -16.21
CA ARG F 219 20.19 7.30 -15.54
C ARG F 219 20.26 7.21 -14.02
N ASP F 220 21.35 6.64 -13.49
CA ASP F 220 21.50 6.43 -12.05
C ASP F 220 22.22 7.63 -11.39
N ASP F 221 21.64 8.15 -10.32
CA ASP F 221 22.12 9.37 -9.64
C ASP F 221 23.00 9.09 -8.45
N SER F 222 23.28 7.83 -8.16
CA SER F 222 23.98 7.44 -6.92
C SER F 222 25.43 7.03 -7.10
N ALA F 223 26.10 7.47 -8.16
CA ALA F 223 27.49 7.04 -8.38
C ALA F 223 28.38 7.23 -7.14
N ALA F 224 28.25 8.36 -6.46
CA ALA F 224 29.13 8.68 -5.32
C ALA F 224 28.90 7.74 -4.16
N GLU F 225 27.65 7.48 -3.82
CA GLU F 225 27.34 6.53 -2.74
C GLU F 225 27.82 5.12 -3.11
N ARG F 226 27.63 4.74 -4.38
CA ARG F 226 28.00 3.41 -4.85
C ARG F 226 29.50 3.18 -4.69
N LEU F 227 30.29 4.19 -5.07
CA LEU F 227 31.74 4.13 -4.88
C LEU F 227 32.16 4.10 -3.41
N ALA F 228 31.42 4.78 -2.54
CA ALA F 228 31.81 4.90 -1.11
C ALA F 228 31.69 3.57 -0.38
N ARG F 229 30.87 2.68 -0.91
CA ARG F 229 30.78 1.32 -0.38
C ARG F 229 32.01 0.47 -0.69
N MET F 230 32.90 0.97 -1.56
CA MET F 230 34.09 0.22 -1.98
C MET F 230 35.38 0.99 -1.79
N GLN F 231 35.42 1.90 -0.81
CA GLN F 231 36.57 2.74 -0.58
C GLN F 231 37.54 2.16 0.47
N ASP F 232 37.22 1.00 1.03
CA ASP F 232 38.12 0.37 1.99
C ASP F 232 39.26 -0.34 1.26
N GLY F 233 40.15 -0.99 1.99
CA GLY F 233 41.31 -1.66 1.40
C GLY F 233 41.03 -2.99 0.70
N PHE F 234 39.85 -3.54 0.93
CA PHE F 234 39.51 -4.88 0.47
C PHE F 234 38.46 -4.97 -0.65
N SER F 235 37.29 -4.36 -0.44
CA SER F 235 36.12 -4.54 -1.30
C SER F 235 36.45 -4.62 -2.81
N ALA F 236 37.06 -3.57 -3.35
CA ALA F 236 37.54 -3.55 -4.74
C ALA F 236 39.05 -3.66 -4.80
N PHE F 237 39.74 -3.08 -3.82
CA PHE F 237 41.21 -2.97 -3.92
C PHE F 237 42.04 -4.22 -3.70
N LYS F 238 41.39 -5.34 -3.38
CA LYS F 238 42.08 -6.63 -3.41
C LYS F 238 42.09 -7.33 -4.78
N CYS F 239 41.67 -6.62 -5.84
CA CYS F 239 41.99 -7.07 -7.20
C CYS F 239 43.48 -6.84 -7.46
N HIS F 240 44.25 -7.91 -7.60
CA HIS F 240 45.67 -7.82 -7.92
C HIS F 240 45.93 -8.08 -9.40
N THR F 241 44.97 -7.70 -10.24
CA THR F 241 45.07 -7.79 -11.70
C THR F 241 45.62 -9.15 -12.17
N ILE F 242 45.03 -10.21 -11.64
CA ILE F 242 45.43 -11.56 -11.99
C ILE F 242 44.95 -11.98 -13.39
N MET F 243 43.77 -11.49 -13.78
CA MET F 243 43.22 -11.64 -15.15
C MET F 243 42.59 -13.01 -15.47
N ASN F 244 42.44 -13.86 -14.47
CA ASN F 244 41.77 -15.16 -14.64
C ASN F 244 40.29 -14.96 -14.94
N CYS F 245 39.70 -13.91 -14.37
CA CYS F 245 38.27 -13.66 -14.50
C CYS F 245 37.91 -13.48 -15.98
N THR F 246 38.58 -12.57 -16.64
CA THR F 246 38.33 -12.30 -18.05
C THR F 246 38.74 -13.51 -18.91
N LYS F 247 39.83 -14.16 -18.54
CA LYS F 247 40.22 -15.35 -19.28
C LYS F 247 39.12 -16.42 -19.28
N THR F 248 38.45 -16.61 -18.14
CA THR F 248 37.54 -17.75 -17.98
C THR F 248 36.07 -17.45 -18.31
N CYS F 249 35.69 -16.17 -18.39
CA CYS F 249 34.27 -15.84 -18.56
C CYS F 249 33.68 -16.51 -19.80
N PRO F 250 32.73 -17.43 -19.58
CA PRO F 250 32.13 -18.13 -20.70
C PRO F 250 31.25 -17.27 -21.61
N LYS F 251 30.93 -16.05 -21.18
CA LYS F 251 30.17 -15.10 -21.99
C LYS F 251 31.05 -14.02 -22.62
N HIS F 252 32.37 -14.21 -22.56
CA HIS F 252 33.35 -13.31 -23.20
C HIS F 252 33.27 -11.86 -22.71
N LEU F 253 32.91 -11.69 -21.44
CA LEU F 253 32.92 -10.36 -20.86
C LEU F 253 34.26 -10.08 -20.17
N ASN F 254 34.45 -8.85 -19.70
CA ASN F 254 35.73 -8.41 -19.18
C ASN F 254 35.63 -7.70 -17.81
N PRO F 255 35.45 -8.48 -16.75
CA PRO F 255 35.37 -7.91 -15.40
C PRO F 255 36.64 -7.18 -14.97
N ALA F 256 37.79 -7.68 -15.41
CA ALA F 256 39.05 -7.01 -15.10
C ALA F 256 39.03 -5.57 -15.58
N ARG F 257 38.51 -5.33 -16.80
CA ARG F 257 38.41 -3.97 -17.35
C ARG F 257 37.52 -3.10 -16.48
N ALA F 258 36.41 -3.68 -16.01
CA ALA F 258 35.45 -2.93 -15.18
C ALA F 258 36.04 -2.59 -13.81
N ILE F 259 36.86 -3.49 -13.29
CA ILE F 259 37.47 -3.26 -12.00
C ILE F 259 38.53 -2.17 -12.09
N GLY F 260 39.30 -2.18 -13.18
CA GLY F 260 40.23 -1.11 -13.45
C GLY F 260 39.51 0.23 -13.50
N GLU F 261 38.39 0.24 -14.20
CA GLU F 261 37.52 1.41 -14.34
C GLU F 261 37.03 1.87 -12.94
N ILE F 262 36.68 0.91 -12.10
CA ILE F 262 36.33 1.25 -10.70
C ILE F 262 37.51 1.89 -9.94
N LYS F 263 38.69 1.30 -10.08
CA LYS F 263 39.90 1.84 -9.44
C LYS F 263 40.13 3.30 -9.87
N MET F 264 39.99 3.58 -11.17
CA MET F 264 40.17 4.94 -11.69
C MET F 264 39.17 5.91 -11.12
N LEU F 265 37.94 5.46 -10.90
CA LEU F 265 36.94 6.30 -10.24
C LEU F 265 37.21 6.46 -8.76
N LEU F 266 37.66 5.40 -8.11
CA LEU F 266 37.92 5.41 -6.67
C LEU F 266 39.09 6.36 -6.36
N THR F 267 40.08 6.34 -7.23
CA THR F 267 41.27 7.16 -7.09
C THR F 267 41.06 8.61 -7.63
N LYS F 268 39.88 8.87 -8.17
CA LYS F 268 39.53 10.15 -8.80
C LYS F 268 40.41 10.49 -10.01
N MET F 269 41.00 9.49 -10.66
CA MET F 269 41.71 9.72 -11.92
C MET F 269 40.72 9.98 -13.07
N LYS F 270 39.55 9.33 -13.00
CA LYS F 270 38.43 9.66 -13.87
C LYS F 270 37.28 10.07 -12.98
N THR F 271 36.29 10.72 -13.57
CA THR F 271 35.01 10.91 -12.92
C THR F 271 33.94 10.53 -13.95
N LYS F 272 32.76 10.17 -13.45
CA LYS F 272 31.62 9.82 -14.29
C LYS F 272 31.06 11.06 -14.94
N PRO F 273 30.90 11.05 -16.29
CA PRO F 273 30.30 12.20 -16.97
C PRO F 273 28.91 12.52 -16.44
N ALA F 274 28.51 13.77 -16.53
CA ALA F 274 27.13 14.13 -16.30
C ALA F 274 26.26 13.46 -17.38
N PRO F 275 24.99 13.17 -17.06
CA PRO F 275 24.13 12.70 -18.14
C PRO F 275 23.96 13.77 -19.21
N LEU F 276 23.85 13.35 -20.47
CA LEU F 276 23.47 14.24 -21.55
C LEU F 276 22.06 14.76 -21.26
N PRO F 277 21.80 16.04 -21.60
CA PRO F 277 20.51 16.63 -21.21
C PRO F 277 19.37 16.05 -22.02
N THR F 278 18.18 16.03 -21.44
CA THR F 278 17.02 15.47 -22.12
C THR F 278 16.60 16.47 -23.19
N PRO F 279 16.50 16.03 -24.45
CA PRO F 279 15.98 16.94 -25.50
C PRO F 279 14.65 17.60 -25.09
N ALA F 280 14.34 18.75 -25.70
CA ALA F 280 13.17 19.55 -25.30
C ALA F 280 11.83 18.90 -25.66
N ASN F 281 11.81 18.18 -26.77
CA ASN F 281 10.60 17.51 -27.28
C ASN F 281 10.40 16.08 -26.74
N PHE F 282 11.25 15.65 -25.82
CA PHE F 282 11.20 14.29 -25.27
C PHE F 282 9.95 14.15 -24.41
N GLU G 34 37.74 -1.01 10.43
CA GLU G 34 36.27 -1.28 10.59
C GLU G 34 35.71 -1.95 9.32
N LYS G 35 34.76 -2.87 9.51
CA LYS G 35 34.19 -3.62 8.39
C LYS G 35 32.92 -3.00 7.84
N THR G 36 32.74 -3.10 6.52
CA THR G 36 31.45 -2.81 5.90
C THR G 36 30.45 -3.87 6.33
N PRO G 37 29.15 -3.57 6.17
CA PRO G 37 28.14 -4.54 6.60
C PRO G 37 28.23 -5.90 5.90
N ILE G 38 28.51 -5.90 4.61
CA ILE G 38 28.65 -7.15 3.84
C ILE G 38 29.87 -7.95 4.29
N GLN G 39 30.93 -7.25 4.70
CA GLN G 39 32.11 -7.94 5.25
C GLN G 39 31.84 -8.61 6.61
N VAL G 40 30.99 -7.99 7.43
CA VAL G 40 30.55 -8.60 8.67
C VAL G 40 29.71 -9.83 8.33
N TRP G 41 28.79 -9.67 7.41
CA TRP G 41 27.94 -10.77 6.97
C TRP G 41 28.78 -11.92 6.41
N GLY G 42 29.81 -11.59 5.64
CA GLY G 42 30.68 -12.62 5.05
C GLY G 42 31.45 -13.41 6.09
N TRP G 43 31.96 -12.75 7.12
CA TRP G 43 32.60 -13.46 8.23
C TRP G 43 31.65 -14.48 8.85
N ASP G 44 30.45 -14.05 9.23
CA ASP G 44 29.46 -14.97 9.80
C ASP G 44 29.13 -16.12 8.84
N TYR G 45 29.12 -15.84 7.52
CA TYR G 45 28.93 -16.90 6.53
C TYR G 45 30.03 -17.94 6.66
N LEU G 46 31.28 -17.52 6.65
CA LEU G 46 32.40 -18.43 6.80
C LEU G 46 32.26 -19.32 8.06
N MET G 47 31.91 -18.71 9.20
CA MET G 47 31.71 -19.44 10.46
C MET G 47 30.59 -20.47 10.35
N ARG G 48 29.46 -20.09 9.76
CA ARG G 48 28.41 -21.06 9.48
C ARG G 48 28.90 -22.26 8.66
N GLN G 49 29.65 -22.01 7.59
CA GLN G 49 30.08 -23.08 6.69
C GLN G 49 31.09 -23.98 7.40
N ARG G 50 32.00 -23.39 8.18
CA ARG G 50 32.91 -24.15 9.04
C ARG G 50 32.13 -25.05 10.00
N ALA G 51 31.16 -24.48 10.71
CA ALA G 51 30.35 -25.24 11.65
C ALA G 51 29.65 -26.42 10.97
N LEU G 52 29.29 -26.29 9.70
CA LEU G 52 28.65 -27.39 8.95
C LEU G 52 29.65 -28.47 8.51
N LYS G 53 30.95 -28.21 8.64
CA LYS G 53 32.01 -29.15 8.25
C LYS G 53 31.99 -29.49 6.74
N ARG G 54 31.52 -28.56 5.92
CA ARG G 54 31.53 -28.74 4.47
C ARG G 54 32.94 -28.61 3.93
N PRO G 55 33.32 -29.50 3.00
CA PRO G 55 34.62 -29.39 2.37
C PRO G 55 34.68 -28.20 1.44
N ILE G 56 35.90 -27.68 1.24
CA ILE G 56 36.16 -26.63 0.29
C ILE G 56 36.64 -27.28 -1.00
N ALA G 57 35.93 -26.97 -2.09
CA ALA G 57 36.26 -27.50 -3.41
C ALA G 57 37.68 -27.14 -3.76
N PRO G 58 38.45 -28.09 -4.32
CA PRO G 58 39.86 -27.79 -4.61
C PRO G 58 40.07 -26.63 -5.60
N HIS G 59 41.29 -26.10 -5.62
CA HIS G 59 41.60 -24.86 -6.31
C HIS G 59 42.99 -24.90 -6.97
N LEU G 60 44.02 -24.55 -6.21
CA LEU G 60 45.40 -24.52 -6.69
C LEU G 60 45.85 -25.80 -7.38
N THR G 61 45.45 -26.92 -6.78
CA THR G 61 45.86 -28.24 -7.25
C THR G 61 45.06 -28.77 -8.45
N ILE G 62 44.00 -28.06 -8.88
CA ILE G 62 43.22 -28.50 -10.05
C ILE G 62 43.05 -27.46 -11.14
N TYR G 63 43.44 -26.22 -10.87
CA TYR G 63 43.15 -25.14 -11.81
C TYR G 63 44.23 -25.19 -12.87
N LYS G 64 43.82 -25.06 -14.13
CA LYS G 64 44.76 -25.10 -15.25
C LYS G 64 45.78 -23.97 -15.18
N PRO G 65 47.08 -24.32 -15.17
CA PRO G 65 48.13 -23.30 -15.21
C PRO G 65 48.01 -22.42 -16.45
N GLN G 66 47.87 -21.12 -16.26
CA GLN G 66 47.66 -20.21 -17.37
C GLN G 66 48.60 -19.04 -17.25
N MET G 67 48.82 -18.34 -18.36
CA MET G 67 49.70 -17.19 -18.38
C MET G 67 49.20 -16.04 -17.52
N THR G 68 47.91 -16.08 -17.19
CA THR G 68 47.31 -15.07 -16.36
C THR G 68 47.85 -15.19 -14.92
N TRP G 69 47.48 -16.27 -14.23
CA TRP G 69 47.80 -16.41 -12.82
C TRP G 69 49.23 -16.89 -12.53
N MET G 70 49.90 -17.47 -13.51
CA MET G 70 51.30 -17.87 -13.33
C MET G 70 52.24 -16.68 -13.34
N VAL G 71 52.09 -15.82 -14.33
CA VAL G 71 52.88 -14.60 -14.43
C VAL G 71 52.59 -13.70 -13.22
N SER G 72 51.36 -13.75 -12.72
CA SER G 72 50.99 -13.02 -11.50
C SER G 72 51.71 -13.62 -10.32
N GLY G 73 51.76 -14.95 -10.25
CA GLY G 73 52.58 -15.66 -9.29
C GLY G 73 54.02 -15.19 -9.34
N LEU G 74 54.60 -15.16 -10.55
CA LEU G 74 55.98 -14.77 -10.75
C LEU G 74 56.25 -13.34 -10.28
N HIS G 75 55.27 -12.47 -10.43
CA HIS G 75 55.42 -11.09 -10.04
C HIS G 75 55.51 -10.95 -8.53
N ARG G 76 54.68 -11.72 -7.83
CA ARG G 76 54.74 -11.79 -6.38
C ARG G 76 56.00 -12.47 -5.88
N VAL G 77 56.34 -13.63 -6.45
CA VAL G 77 57.55 -14.35 -6.03
C VAL G 77 58.81 -13.51 -6.24
N THR G 78 58.91 -12.81 -7.35
CA THR G 78 60.09 -12.00 -7.62
C THR G 78 60.19 -10.78 -6.70
N GLY G 79 59.10 -10.05 -6.54
CA GLY G 79 59.03 -9.01 -5.54
C GLY G 79 59.40 -9.46 -4.14
N CYS G 80 58.81 -10.56 -3.66
CA CYS G 80 59.11 -11.04 -2.30
C CYS G 80 60.56 -11.56 -2.16
N ALA G 81 61.11 -12.11 -3.24
CA ALA G 81 62.46 -12.67 -3.19
C ALA G 81 63.49 -11.56 -3.09
N MET G 82 63.26 -10.50 -3.85
CA MET G 82 64.12 -9.33 -3.83
C MET G 82 64.05 -8.64 -2.48
N ALA G 83 62.84 -8.53 -1.93
CA ALA G 83 62.65 -7.87 -0.64
C ALA G 83 63.24 -8.72 0.49
N GLY G 84 63.07 -10.03 0.40
CA GLY G 84 63.67 -10.95 1.34
C GLY G 84 65.17 -10.84 1.29
N THR G 85 65.71 -10.79 0.07
CA THR G 85 67.15 -10.66 -0.13
C THR G 85 67.69 -9.38 0.48
N LEU G 86 66.93 -8.29 0.40
CA LEU G 86 67.37 -7.02 0.97
C LEU G 86 67.36 -7.04 2.50
N LEU G 87 66.33 -7.66 3.06
CA LEU G 87 66.22 -7.82 4.50
C LEU G 87 67.39 -8.64 5.04
N ILE G 88 67.50 -9.89 4.59
CA ILE G 88 68.51 -10.82 5.09
C ILE G 88 69.90 -10.22 4.89
N GLY G 89 70.15 -9.71 3.69
CA GLY G 89 71.45 -9.12 3.35
C GLY G 89 71.79 -7.92 4.21
N GLY G 90 70.87 -6.96 4.27
CA GLY G 90 71.12 -5.70 4.95
C GLY G 90 71.33 -5.89 6.44
N VAL G 91 70.39 -6.61 7.05
CA VAL G 91 70.44 -6.87 8.48
C VAL G 91 71.54 -7.88 8.78
N GLY G 92 71.64 -8.92 7.95
CA GLY G 92 72.61 -9.98 8.15
C GLY G 92 74.03 -9.48 8.17
N PHE G 93 74.41 -8.69 7.17
CA PHE G 93 75.74 -8.12 7.09
C PHE G 93 75.97 -7.00 8.12
N SER G 94 74.91 -6.29 8.51
CA SER G 94 75.04 -5.23 9.51
C SER G 94 75.29 -5.80 10.92
N VAL G 95 74.59 -6.88 11.23
CA VAL G 95 74.59 -7.49 12.57
C VAL G 95 75.79 -8.43 12.79
N LEU G 96 76.31 -9.00 11.70
CA LEU G 96 77.39 -9.98 11.79
C LEU G 96 78.75 -9.32 11.61
N PRO G 97 79.82 -9.94 12.17
CA PRO G 97 81.18 -9.42 12.03
C PRO G 97 81.68 -9.50 10.59
N LEU G 98 81.23 -10.53 9.86
CA LEU G 98 81.41 -10.62 8.42
C LEU G 98 80.90 -9.37 7.68
N ASP G 99 81.75 -8.75 6.87
CA ASP G 99 81.38 -7.63 5.99
C ASP G 99 81.23 -8.15 4.56
N PHE G 100 80.85 -7.27 3.64
CA PHE G 100 80.58 -7.72 2.26
C PHE G 100 81.86 -8.08 1.51
N THR G 101 82.90 -7.27 1.67
CA THR G 101 84.13 -7.48 0.92
C THR G 101 84.71 -8.89 1.14
N THR G 102 84.85 -9.29 2.40
CA THR G 102 85.39 -10.63 2.69
C THR G 102 84.43 -11.74 2.24
N PHE G 103 83.13 -11.43 2.10
CA PHE G 103 82.17 -12.38 1.49
C PHE G 103 82.43 -12.59 0.00
N VAL G 104 82.67 -11.48 -0.72
CA VAL G 104 82.97 -11.53 -2.14
C VAL G 104 84.27 -12.29 -2.36
N GLU G 105 85.24 -12.03 -1.48
CA GLU G 105 86.55 -12.67 -1.59
C GLU G 105 86.44 -14.17 -1.30
N PHE G 106 85.59 -14.53 -0.35
CA PHE G 106 85.42 -15.94 0.03
C PHE G 106 84.88 -16.79 -1.13
N ILE G 107 83.85 -16.30 -1.82
CA ILE G 107 83.23 -17.09 -2.89
C ILE G 107 84.11 -17.09 -4.15
N ARG G 108 84.86 -16.01 -4.38
CA ARG G 108 85.87 -15.99 -5.43
C ARG G 108 86.90 -17.07 -5.15
N GLY G 109 87.24 -17.21 -3.86
CA GLY G 109 88.17 -18.23 -3.39
C GLY G 109 87.74 -19.67 -3.64
N LEU G 110 86.44 -19.89 -3.84
CA LEU G 110 85.95 -21.22 -4.22
C LEU G 110 86.27 -21.56 -5.68
N GLY G 111 86.57 -20.54 -6.48
CA GLY G 111 86.94 -20.72 -7.87
C GLY G 111 85.93 -21.51 -8.69
N ILE G 112 84.65 -21.14 -8.55
CA ILE G 112 83.59 -21.84 -9.31
C ILE G 112 83.59 -21.37 -10.77
N PRO G 113 83.20 -22.25 -11.70
CA PRO G 113 83.32 -21.93 -13.13
C PRO G 113 82.60 -20.64 -13.54
N TRP G 114 83.11 -19.99 -14.57
CA TRP G 114 82.58 -18.71 -15.04
C TRP G 114 81.10 -18.78 -15.46
N VAL G 115 80.71 -19.90 -16.08
CA VAL G 115 79.34 -20.13 -16.53
C VAL G 115 78.34 -20.14 -15.36
N ILE G 116 78.68 -20.87 -14.30
CA ILE G 116 77.82 -20.98 -13.13
C ILE G 116 77.72 -19.66 -12.37
N LEU G 117 78.81 -18.91 -12.33
CA LEU G 117 78.84 -17.60 -11.68
C LEU G 117 77.93 -16.62 -12.42
N ASP G 118 77.93 -16.70 -13.74
CA ASP G 118 77.11 -15.82 -14.57
C ASP G 118 75.64 -16.19 -14.47
N THR G 119 75.34 -17.48 -14.34
CA THR G 119 73.98 -17.96 -14.07
C THR G 119 73.42 -17.29 -12.81
N PHE G 120 74.20 -17.29 -11.73
CA PHE G 120 73.77 -16.64 -10.47
C PHE G 120 73.53 -15.14 -10.66
N LYS G 121 74.28 -14.52 -11.57
CA LYS G 121 74.07 -13.10 -11.88
C LYS G 121 72.76 -12.90 -12.64
N PHE G 122 72.45 -13.84 -13.53
CA PHE G 122 71.18 -13.82 -14.26
C PHE G 122 70.01 -13.94 -13.28
N ILE G 123 70.11 -14.90 -12.37
CA ILE G 123 69.13 -15.13 -11.33
C ILE G 123 68.92 -13.87 -10.46
N ILE G 124 69.97 -13.08 -10.29
CA ILE G 124 69.81 -11.80 -9.58
C ILE G 124 69.16 -10.73 -10.48
N ALA G 125 69.55 -10.69 -11.75
CA ALA G 125 69.06 -9.62 -12.65
C ALA G 125 67.64 -9.83 -13.16
N PHE G 126 67.24 -11.09 -13.37
CA PHE G 126 65.94 -11.36 -14.00
C PHE G 126 64.73 -10.90 -13.17
N PRO G 127 64.73 -11.15 -11.85
CA PRO G 127 63.68 -10.63 -11.01
C PRO G 127 63.55 -9.13 -11.07
N ILE G 128 64.67 -8.43 -11.09
CA ILE G 128 64.66 -6.97 -11.11
C ILE G 128 64.02 -6.47 -12.40
N ALA G 129 64.41 -7.07 -13.52
CA ALA G 129 63.94 -6.63 -14.83
C ALA G 129 62.48 -7.06 -15.06
N PHE G 130 62.17 -8.32 -14.77
CA PHE G 130 60.80 -8.80 -15.00
C PHE G 130 59.79 -8.01 -14.16
N HIS G 131 60.05 -7.91 -12.86
CA HIS G 131 59.14 -7.26 -11.92
C HIS G 131 58.91 -5.77 -12.25
N THR G 132 59.96 -5.08 -12.69
CA THR G 132 59.83 -3.69 -13.11
C THR G 132 58.94 -3.59 -14.35
N LEU G 133 59.23 -4.43 -15.36
CA LEU G 133 58.49 -4.45 -16.61
C LEU G 133 57.05 -4.87 -16.41
N ASN G 134 56.85 -6.01 -15.74
CA ASN G 134 55.49 -6.46 -15.43
C ASN G 134 54.78 -5.46 -14.52
N GLY G 135 55.55 -4.78 -13.69
CA GLY G 135 55.00 -3.74 -12.81
C GLY G 135 54.37 -2.65 -13.65
N ILE G 136 54.99 -2.28 -14.76
CA ILE G 136 54.37 -1.24 -15.60
C ILE G 136 53.11 -1.84 -16.26
N ARG G 137 53.18 -3.11 -16.65
CA ARG G 137 52.02 -3.82 -17.23
C ARG G 137 50.84 -3.80 -16.26
N PHE G 138 51.11 -4.19 -15.01
CA PHE G 138 50.07 -4.24 -13.97
C PHE G 138 49.48 -2.86 -13.66
N ILE G 139 50.28 -1.81 -13.74
CA ILE G 139 49.75 -0.48 -13.52
C ILE G 139 48.77 -0.15 -14.66
N GLY G 140 49.16 -0.48 -15.90
CA GLY G 140 48.25 -0.48 -17.03
C GLY G 140 46.88 -1.08 -16.69
N PHE G 141 46.90 -2.33 -16.24
CA PHE G 141 45.69 -3.02 -15.79
C PHE G 141 44.85 -2.22 -14.77
N ASP G 142 45.52 -1.63 -13.78
CA ASP G 142 44.83 -0.82 -12.77
C ASP G 142 44.12 0.35 -13.42
N MET G 143 44.67 0.83 -14.52
CA MET G 143 44.07 1.90 -15.33
C MET G 143 43.13 1.37 -16.45
N ALA G 144 42.81 0.07 -16.41
CA ALA G 144 41.90 -0.53 -17.39
C ALA G 144 42.46 -0.48 -18.82
N LYS G 145 43.78 -0.56 -18.94
CA LYS G 145 44.47 -0.47 -20.23
C LYS G 145 45.03 -1.84 -20.61
N GLY G 146 44.70 -2.31 -21.81
CA GLY G 146 45.25 -3.56 -22.32
C GLY G 146 44.73 -4.81 -21.66
N THR G 147 43.49 -4.75 -21.15
CA THR G 147 42.87 -5.87 -20.45
C THR G 147 42.13 -6.87 -21.35
N ASP G 148 42.10 -6.67 -22.66
CA ASP G 148 41.49 -7.66 -23.56
C ASP G 148 42.42 -8.86 -23.61
N ILE G 149 41.87 -10.05 -23.83
CA ILE G 149 42.66 -11.27 -23.78
C ILE G 149 43.91 -11.29 -24.67
N PRO G 150 43.79 -10.83 -25.94
CA PRO G 150 44.99 -10.77 -26.79
C PRO G 150 46.10 -9.88 -26.23
N SER G 151 45.75 -8.70 -25.76
CA SER G 151 46.75 -7.84 -25.13
C SER G 151 47.34 -8.47 -23.85
N ILE G 152 46.50 -9.13 -23.05
CA ILE G 152 46.99 -9.78 -21.84
C ILE G 152 48.11 -10.72 -22.21
N TYR G 153 47.85 -11.61 -23.16
CA TYR G 153 48.84 -12.59 -23.57
C TYR G 153 50.10 -12.00 -24.24
N ARG G 154 49.91 -11.04 -25.15
CA ARG G 154 51.05 -10.40 -25.81
C ARG G 154 51.93 -9.69 -24.79
N GLY G 155 51.31 -8.99 -23.86
CA GLY G 155 52.03 -8.29 -22.80
C GLY G 155 52.87 -9.23 -21.96
N ALA G 156 52.30 -10.40 -21.65
CA ALA G 156 53.00 -11.36 -20.80
C ALA G 156 54.25 -11.89 -21.48
N TYR G 157 54.16 -12.21 -22.78
CA TYR G 157 55.33 -12.65 -23.55
C TYR G 157 56.36 -11.54 -23.68
N LEU G 158 55.89 -10.34 -23.99
CA LEU G 158 56.75 -9.19 -24.15
C LEU G 158 57.58 -8.96 -22.87
N VAL G 159 56.88 -8.93 -21.75
CA VAL G 159 57.47 -8.71 -20.45
C VAL G 159 58.44 -9.85 -20.07
N LEU G 160 58.05 -11.09 -20.32
CA LEU G 160 58.94 -12.23 -20.09
C LEU G 160 60.16 -12.15 -21.01
N GLY G 161 59.91 -11.86 -22.29
CA GLY G 161 60.96 -11.85 -23.32
C GLY G 161 61.98 -10.74 -23.13
N LEU G 162 61.50 -9.52 -22.99
CA LEU G 162 62.35 -8.38 -22.67
C LEU G 162 63.12 -8.53 -21.36
N ALA G 163 62.47 -9.04 -20.33
CA ALA G 163 63.14 -9.27 -19.06
C ALA G 163 64.34 -10.18 -19.30
N ALA G 164 64.10 -11.30 -19.97
CA ALA G 164 65.15 -12.28 -20.24
C ALA G 164 66.31 -11.67 -21.03
N LEU G 165 66.00 -10.87 -22.05
CA LEU G 165 67.00 -10.22 -22.92
C LEU G 165 67.92 -9.27 -22.15
N ILE G 166 67.32 -8.36 -21.40
CA ILE G 166 68.07 -7.44 -20.56
C ILE G 166 68.89 -8.19 -19.52
N SER G 167 68.31 -9.20 -18.89
CA SER G 167 69.05 -9.97 -17.87
C SER G 167 70.23 -10.73 -18.46
N LEU G 168 70.12 -11.10 -19.73
CA LEU G 168 71.20 -11.72 -20.48
C LEU G 168 72.26 -10.65 -20.82
N ALA G 169 71.85 -9.53 -21.41
CA ALA G 169 72.79 -8.48 -21.84
C ALA G 169 73.71 -8.01 -20.70
N VAL G 170 73.08 -7.73 -19.56
CA VAL G 170 73.78 -7.24 -18.38
C VAL G 170 74.79 -8.26 -17.80
N VAL G 171 74.67 -9.54 -18.17
CA VAL G 171 75.63 -10.56 -17.75
C VAL G 171 76.60 -10.91 -18.88
N VAL G 172 76.09 -11.04 -20.11
CA VAL G 172 76.89 -11.47 -21.26
C VAL G 172 77.85 -10.39 -21.75
N TYR G 173 77.40 -9.14 -21.81
CA TYR G 173 78.25 -8.06 -22.32
C TYR G 173 79.57 -7.90 -21.54
N PRO G 174 79.51 -7.73 -20.20
CA PRO G 174 80.76 -7.66 -19.43
C PRO G 174 81.67 -8.89 -19.52
N ARG G 175 81.08 -10.09 -19.61
CA ARG G 175 81.87 -11.31 -19.79
C ARG G 175 82.49 -11.41 -21.19
N TRP G 176 81.75 -11.00 -22.21
CA TRP G 176 82.27 -10.92 -23.58
C TRP G 176 83.53 -10.03 -23.56
N GLU G 177 83.43 -8.88 -22.88
CA GLU G 177 84.56 -7.96 -22.74
C GLU G 177 85.74 -8.57 -21.96
N ARG G 178 85.45 -9.36 -20.92
CA ARG G 178 86.48 -10.03 -20.13
C ARG G 178 87.19 -11.16 -20.88
N HIS G 179 86.47 -11.81 -21.80
CA HIS G 179 87.03 -12.87 -22.64
C HIS G 179 87.94 -12.25 -23.70
N LYS G 180 87.49 -11.14 -24.32
CA LYS G 180 88.32 -10.38 -25.27
C LYS G 180 89.70 -10.01 -24.70
N LYS G 181 89.71 -9.56 -23.44
CA LYS G 181 90.94 -9.15 -22.75
C LYS G 181 91.87 -10.34 -22.48
N ALA G 182 91.29 -11.41 -21.94
CA ALA G 182 92.04 -12.64 -21.63
C ALA G 182 92.48 -13.44 -22.87
N THR G 183 91.96 -13.08 -24.04
CA THR G 183 92.27 -13.81 -25.28
C THR G 183 93.12 -13.00 -26.28
N LEU G 184 93.71 -11.90 -25.83
CA LEU G 184 94.62 -11.11 -26.67
C LEU G 184 95.88 -11.90 -27.07
N PRO G 185 96.33 -11.77 -28.34
CA PRO G 185 97.56 -12.45 -28.76
C PRO G 185 98.82 -11.76 -28.24
N THR G 186 99.93 -12.50 -28.19
CA THR G 186 101.23 -11.92 -27.84
C THR G 186 101.77 -11.11 -29.01
N ASN G 187 102.82 -10.32 -28.77
CA ASN G 187 103.45 -9.52 -29.83
C ASN G 187 104.20 -10.36 -30.86
N HIS G 188 104.39 -11.65 -30.56
CA HIS G 188 104.88 -12.65 -31.52
C HIS G 188 106.41 -12.72 -31.52
N THR H 28 5.98 -37.32 11.06
CA THR H 28 4.67 -36.64 11.10
C THR H 28 4.83 -35.11 11.10
N SER H 29 3.72 -34.40 11.00
CA SER H 29 3.74 -32.95 11.05
C SER H 29 3.49 -32.43 12.48
N ALA H 30 4.31 -32.89 13.43
CA ALA H 30 4.36 -32.28 14.77
C ALA H 30 5.67 -31.46 14.89
N ALA H 31 5.57 -30.20 14.45
CA ALA H 31 6.69 -29.39 13.96
C ALA H 31 7.18 -28.29 14.90
N VAL H 32 8.31 -27.69 14.55
CA VAL H 32 8.91 -26.56 15.29
C VAL H 32 8.78 -25.25 14.46
N THR H 33 8.80 -24.10 15.12
CA THR H 33 8.65 -22.82 14.40
C THR H 33 9.97 -22.47 13.69
N GLY H 34 9.86 -21.91 12.49
CA GLY H 34 11.01 -21.65 11.65
C GLY H 34 11.57 -20.25 11.82
N ALA H 35 12.83 -20.09 11.47
CA ALA H 35 13.45 -18.78 11.35
C ALA H 35 13.70 -18.47 9.87
N ALA H 36 13.81 -17.17 9.57
CA ALA H 36 14.09 -16.72 8.21
C ALA H 36 15.53 -17.10 7.87
N PRO H 37 15.80 -17.51 6.62
CA PRO H 37 17.17 -17.81 6.20
C PRO H 37 18.09 -16.64 6.45
N PRO H 38 19.41 -16.89 6.55
CA PRO H 38 20.29 -15.73 6.54
C PRO H 38 20.11 -15.01 5.20
N GLN H 39 19.95 -13.70 5.27
CA GLN H 39 19.73 -12.90 4.07
C GLN H 39 20.29 -11.54 4.37
N PHE H 40 21.24 -11.10 3.56
CA PHE H 40 21.79 -9.77 3.72
C PHE H 40 20.74 -8.75 3.27
N ASP H 41 20.37 -7.84 4.16
CA ASP H 41 19.45 -6.75 3.82
C ASP H 41 20.28 -5.53 3.39
N PRO H 42 20.20 -5.15 2.11
CA PRO H 42 21.04 -4.07 1.59
C PRO H 42 20.59 -2.66 2.02
N ILE H 43 19.31 -2.52 2.34
CA ILE H 43 18.73 -1.25 2.77
C ILE H 43 18.96 -1.04 4.25
N ALA H 44 18.57 -2.03 5.05
CA ALA H 44 18.81 -2.02 6.50
C ALA H 44 20.29 -1.82 6.85
N ALA H 45 21.18 -2.31 5.98
CA ALA H 45 22.61 -2.01 6.08
C ALA H 45 22.90 -0.54 5.78
N GLU H 46 22.12 0.07 4.88
CA GLU H 46 22.32 1.46 4.45
C GLU H 46 22.10 2.49 5.58
N LYS H 47 21.24 2.16 6.55
CA LYS H 47 20.96 3.07 7.68
C LYS H 47 22.17 3.25 8.60
N GLY H 48 22.70 2.16 9.12
CA GLY H 48 23.77 2.20 10.11
C GLY H 48 25.11 2.68 9.61
N PHE H 49 25.44 2.39 8.35
CA PHE H 49 26.80 2.58 7.82
C PHE H 49 27.17 4.05 7.58
N LYS H 50 27.58 4.73 8.65
CA LYS H 50 28.20 6.05 8.58
C LYS H 50 29.73 6.02 8.32
N PRO H 51 30.49 5.11 9.01
CA PRO H 51 31.97 5.08 8.94
C PRO H 51 32.60 5.31 7.56
N LEU H 52 33.72 6.04 7.54
CA LEU H 52 34.29 6.59 6.30
C LEU H 52 35.80 6.81 6.40
N HIS H 53 36.54 6.21 5.47
CA HIS H 53 37.94 6.60 5.17
C HIS H 53 38.37 6.02 3.80
N SER H 54 38.98 6.88 2.96
CA SER H 54 39.15 6.58 1.53
C SER H 54 40.52 5.99 1.19
N HIS H 55 40.55 4.72 0.80
CA HIS H 55 41.80 4.08 0.41
C HIS H 55 42.27 4.52 -0.98
N GLY H 56 41.36 5.09 -1.76
CA GLY H 56 41.67 5.47 -3.13
C GLY H 56 42.91 6.33 -3.27
N THR H 57 43.01 7.34 -2.42
CA THR H 57 44.13 8.29 -2.47
C THR H 57 45.46 7.58 -2.17
N LEU H 58 45.44 6.65 -1.22
CA LEU H 58 46.62 5.82 -0.87
C LEU H 58 47.02 4.87 -1.99
N PHE H 59 46.03 4.16 -2.55
CA PHE H 59 46.30 3.29 -3.71
C PHE H 59 46.92 4.09 -4.86
N LYS H 60 46.39 5.28 -5.11
CA LYS H 60 46.89 6.12 -6.20
C LYS H 60 48.35 6.46 -5.92
N ILE H 61 48.62 6.89 -4.69
CA ILE H 61 50.00 7.22 -4.28
C ILE H 61 50.96 6.07 -4.54
N GLU H 62 50.57 4.85 -4.13
CA GLU H 62 51.43 3.67 -4.38
C GLU H 62 51.82 3.52 -5.86
N ARG H 63 50.84 3.68 -6.75
CA ARG H 63 51.08 3.38 -8.16
C ARG H 63 51.88 4.49 -8.81
N TYR H 64 51.62 5.73 -8.42
CA TYR H 64 52.47 6.85 -8.84
C TYR H 64 53.92 6.64 -8.39
N PHE H 65 54.10 6.15 -7.17
CA PHE H 65 55.44 5.94 -6.65
C PHE H 65 56.17 4.85 -7.41
N ALA H 66 55.48 3.76 -7.71
CA ALA H 66 56.11 2.70 -8.51
C ALA H 66 56.43 3.18 -9.92
N ALA H 67 55.53 3.94 -10.54
CA ALA H 67 55.85 4.52 -11.85
C ALA H 67 57.10 5.40 -11.74
N ALA H 68 57.19 6.22 -10.69
CA ALA H 68 58.39 7.02 -10.43
C ALA H 68 59.67 6.19 -10.26
N MET H 69 59.54 4.98 -9.73
CA MET H 69 60.70 4.07 -9.61
C MET H 69 61.16 3.45 -10.95
N VAL H 70 60.36 3.58 -12.00
CA VAL H 70 60.74 2.97 -13.28
C VAL H 70 62.07 3.56 -13.77
N PRO H 71 62.22 4.90 -13.78
CA PRO H 71 63.52 5.45 -14.21
C PRO H 71 64.64 5.30 -13.17
N LEU H 72 64.27 5.15 -11.90
CA LEU H 72 65.27 4.97 -10.84
C LEU H 72 66.10 3.72 -11.08
N ILE H 73 65.42 2.64 -11.48
CA ILE H 73 66.10 1.34 -11.61
C ILE H 73 67.23 1.36 -12.63
N PRO H 74 66.98 1.85 -13.86
CA PRO H 74 68.09 1.93 -14.81
C PRO H 74 69.10 3.03 -14.43
N ALA H 75 68.62 4.13 -13.84
CA ALA H 75 69.53 5.18 -13.38
C ALA H 75 70.56 4.61 -12.39
N ALA H 76 70.11 3.67 -11.55
CA ALA H 76 70.99 3.02 -10.59
C ALA H 76 71.97 2.05 -11.25
N TYR H 77 71.66 1.62 -12.48
CA TYR H 77 72.61 0.81 -13.25
C TYR H 77 73.80 1.67 -13.68
N PHE H 78 73.55 2.94 -13.98
CA PHE H 78 74.53 3.83 -14.60
C PHE H 78 75.20 4.80 -13.61
N ILE H 79 74.42 5.35 -12.67
CA ILE H 79 75.00 6.24 -11.66
C ILE H 79 75.01 5.51 -10.31
N HIS H 80 76.21 5.39 -9.74
CA HIS H 80 76.46 4.65 -8.50
C HIS H 80 76.90 5.59 -7.37
N GLY H 81 77.13 5.04 -6.18
CA GLY H 81 77.63 5.84 -5.07
C GLY H 81 76.62 6.15 -3.98
N ARG H 82 76.93 7.19 -3.20
CA ARG H 82 76.33 7.41 -1.88
C ARG H 82 74.90 7.92 -1.93
N GLU H 83 74.67 8.93 -2.76
CA GLU H 83 73.34 9.52 -2.90
C GLU H 83 72.37 8.53 -3.55
N MET H 84 72.83 7.80 -4.57
CA MET H 84 72.04 6.75 -5.19
C MET H 84 71.71 5.64 -4.19
N ASP H 85 72.71 5.20 -3.43
CA ASP H 85 72.51 4.20 -2.34
C ASP H 85 71.40 4.63 -1.37
N LEU H 86 71.35 5.92 -1.08
CA LEU H 86 70.37 6.49 -0.15
C LEU H 86 68.98 6.59 -0.79
N CYS H 87 68.92 7.08 -2.03
CA CYS H 87 67.64 7.16 -2.76
C CYS H 87 67.04 5.77 -2.93
N LEU H 88 67.87 4.79 -3.30
CA LEU H 88 67.44 3.40 -3.42
C LEU H 88 66.92 2.83 -2.12
N ALA H 89 67.66 3.02 -1.03
CA ALA H 89 67.25 2.47 0.27
C ALA H 89 65.88 2.99 0.73
N LEU H 90 65.63 4.30 0.60
CA LEU H 90 64.36 4.87 1.04
C LEU H 90 63.22 4.42 0.14
N ALA H 91 63.44 4.51 -1.16
CA ALA H 91 62.38 4.25 -2.14
C ALA H 91 62.01 2.78 -2.09
N LEU H 92 63.01 1.92 -2.16
CA LEU H 92 62.77 0.49 -1.99
C LEU H 92 62.06 0.19 -0.69
N THR H 93 62.51 0.79 0.41
CA THR H 93 61.89 0.49 1.71
C THR H 93 60.40 0.83 1.66
N LEU H 94 60.08 1.94 1.00
CA LEU H 94 58.71 2.42 0.97
C LEU H 94 57.83 1.51 0.09
N HIS H 95 58.31 1.24 -1.12
CA HIS H 95 57.63 0.36 -2.04
C HIS H 95 57.44 -1.05 -1.49
N VAL H 96 58.49 -1.59 -0.88
CA VAL H 96 58.41 -2.92 -0.26
C VAL H 96 57.45 -2.94 0.91
N HIS H 97 57.34 -1.82 1.61
CA HIS H 97 56.50 -1.77 2.79
C HIS H 97 55.07 -2.01 2.38
N TRP H 98 54.62 -1.28 1.37
CA TRP H 98 53.27 -1.42 0.86
C TRP H 98 53.09 -2.81 0.21
N GLY H 99 54.13 -3.28 -0.44
CA GLY H 99 54.11 -4.59 -1.04
C GLY H 99 53.85 -5.68 -0.04
N VAL H 100 54.70 -5.82 0.96
CA VAL H 100 54.51 -6.95 1.87
C VAL H 100 53.27 -6.71 2.73
N TRP H 101 52.82 -5.46 2.86
CA TRP H 101 51.54 -5.20 3.55
C TRP H 101 50.39 -5.86 2.80
N GLY H 102 50.33 -5.67 1.49
CA GLY H 102 49.34 -6.34 0.66
C GLY H 102 49.44 -7.85 0.74
N VAL H 103 50.66 -8.37 0.68
CA VAL H 103 50.87 -9.83 0.74
C VAL H 103 50.42 -10.43 2.06
N VAL H 104 50.75 -9.74 3.14
CA VAL H 104 50.39 -10.16 4.48
C VAL H 104 48.87 -10.20 4.64
N ASN H 105 48.19 -9.19 4.08
CA ASN H 105 46.74 -9.14 4.15
C ASN H 105 46.04 -10.21 3.30
N ASP H 106 46.70 -10.67 2.23
CA ASP H 106 46.15 -11.77 1.42
C ASP H 106 46.22 -13.08 2.20
N TYR H 107 47.40 -13.41 2.72
CA TYR H 107 47.64 -14.73 3.31
C TYR H 107 47.48 -14.77 4.81
N GLY H 108 47.43 -13.63 5.47
CA GLY H 108 47.29 -13.56 6.93
C GLY H 108 45.84 -13.57 7.37
N ARG H 109 45.13 -14.63 7.02
CA ARG H 109 43.68 -14.65 7.13
C ARG H 109 43.19 -15.19 8.48
N PRO H 110 42.36 -14.42 9.21
CA PRO H 110 41.83 -14.86 10.49
C PRO H 110 41.18 -16.24 10.44
N PHE H 111 40.47 -16.53 9.35
CA PHE H 111 39.79 -17.82 9.12
C PHE H 111 40.72 -19.02 9.23
N VAL H 112 41.97 -18.87 8.82
CA VAL H 112 42.95 -19.97 8.93
C VAL H 112 43.91 -19.82 10.12
N LEU H 113 44.19 -18.58 10.55
CA LEU H 113 45.18 -18.30 11.61
C LEU H 113 44.59 -18.01 12.99
N GLY H 114 43.31 -17.69 13.04
CA GLY H 114 42.68 -17.15 14.24
C GLY H 114 43.05 -15.68 14.37
N ASP H 115 42.26 -14.93 15.14
CA ASP H 115 42.37 -13.46 15.18
C ASP H 115 43.72 -12.95 15.67
N THR H 116 44.31 -13.61 16.67
CA THR H 116 45.46 -13.03 17.35
C THR H 116 46.72 -13.22 16.51
N LEU H 117 46.90 -14.41 15.94
CA LEU H 117 48.01 -14.63 15.01
C LEU H 117 47.89 -13.73 13.78
N ALA H 118 46.65 -13.50 13.34
CA ALA H 118 46.40 -12.59 12.22
C ALA H 118 46.83 -11.18 12.55
N ALA H 119 46.48 -10.70 13.74
CA ALA H 119 46.90 -9.36 14.18
C ALA H 119 48.43 -9.23 14.32
N ALA H 120 49.10 -10.28 14.77
CA ALA H 120 50.54 -10.24 15.00
C ALA H 120 51.32 -10.21 13.69
N VAL H 121 50.80 -10.93 12.69
CA VAL H 121 51.43 -10.98 11.37
C VAL H 121 51.42 -9.57 10.75
N ARG H 122 50.32 -8.84 10.97
CA ARG H 122 50.19 -7.44 10.56
C ARG H 122 51.16 -6.52 11.30
N VAL H 123 51.34 -6.71 12.61
CA VAL H 123 52.38 -5.97 13.33
C VAL H 123 53.74 -6.34 12.75
N GLY H 124 53.96 -7.64 12.52
CA GLY H 124 55.21 -8.14 11.92
C GLY H 124 55.57 -7.51 10.58
N ALA H 125 54.55 -7.07 9.84
CA ALA H 125 54.77 -6.39 8.57
C ALA H 125 55.44 -5.03 8.79
N TYR H 126 55.05 -4.34 9.85
CA TYR H 126 55.70 -3.08 10.18
C TYR H 126 57.11 -3.32 10.73
N ILE H 127 57.27 -4.35 11.56
CA ILE H 127 58.59 -4.76 12.06
C ILE H 127 59.50 -5.02 10.87
N PHE H 128 58.98 -5.75 9.89
CA PHE H 128 59.72 -6.06 8.66
C PHE H 128 60.26 -4.79 8.04
N THR H 129 59.39 -3.82 7.83
CA THR H 129 59.76 -2.55 7.22
C THR H 129 60.80 -1.78 8.05
N ALA H 130 60.63 -1.78 9.38
CA ALA H 130 61.59 -1.16 10.28
C ALA H 130 62.97 -1.83 10.19
N CYS H 131 63.01 -3.16 10.33
CA CYS H 131 64.25 -3.91 10.17
C CYS H 131 64.91 -3.68 8.81
N LEU H 132 64.11 -3.69 7.74
CA LEU H 132 64.64 -3.53 6.40
C LEU H 132 65.39 -2.20 6.25
N LEU H 133 64.76 -1.10 6.68
CA LEU H 133 65.41 0.21 6.59
C LEU H 133 66.68 0.32 7.46
N ALA H 134 66.59 -0.17 8.70
CA ALA H 134 67.73 -0.21 9.62
C ALA H 134 68.89 -0.89 8.92
N GLY H 135 68.66 -2.15 8.51
CA GLY H 135 69.67 -2.95 7.80
C GLY H 135 70.23 -2.31 6.53
N LEU H 136 69.41 -1.60 5.79
CA LEU H 136 69.86 -0.93 4.55
C LEU H 136 70.67 0.34 4.82
N LEU H 137 70.21 1.16 5.75
CA LEU H 137 71.00 2.35 6.14
C LEU H 137 72.35 1.98 6.74
N TYR H 138 72.35 0.99 7.63
CA TYR H 138 73.59 0.55 8.28
C TYR H 138 74.57 -0.07 7.27
N PHE H 139 74.05 -0.89 6.35
CA PHE H 139 74.87 -1.44 5.27
C PHE H 139 75.41 -0.32 4.36
N ASN H 140 74.57 0.67 4.06
CA ASN H 140 75.00 1.82 3.26
C ASN H 140 76.10 2.65 3.89
N GLU H 141 76.02 2.86 5.20
CA GLU H 141 76.90 3.82 5.85
C GLU H 141 78.18 3.14 6.39
N HIS H 142 78.08 1.86 6.78
CA HIS H 142 79.19 1.13 7.42
C HIS H 142 79.79 -0.06 6.66
N ASP H 143 79.20 -0.42 5.52
CA ASP H 143 79.75 -1.45 4.65
C ASP H 143 79.82 -0.82 3.24
N VAL H 144 80.05 -1.63 2.21
CA VAL H 144 80.31 -1.08 0.88
C VAL H 144 79.17 -0.25 0.27
N GLY H 145 77.92 -0.53 0.66
CA GLY H 145 76.75 0.12 0.07
C GLY H 145 76.17 -0.66 -1.13
N LEU H 146 74.90 -0.39 -1.42
CA LEU H 146 74.12 -1.18 -2.38
C LEU H 146 74.76 -1.25 -3.74
N THR H 147 75.01 -0.09 -4.36
CA THR H 147 75.54 -0.05 -5.71
C THR H 147 76.89 -0.74 -5.79
N ARG H 148 77.81 -0.38 -4.90
CA ARG H 148 79.12 -1.03 -4.84
C ARG H 148 78.98 -2.55 -4.72
N ALA H 149 77.99 -3.00 -3.94
CA ALA H 149 77.77 -4.45 -3.74
C ALA H 149 77.49 -5.20 -5.05
N PHE H 150 76.71 -4.58 -5.93
CA PHE H 150 76.43 -5.18 -7.23
C PHE H 150 77.68 -5.21 -8.11
N GLU H 151 78.41 -4.09 -8.13
CA GLU H 151 79.71 -4.03 -8.86
C GLU H 151 80.57 -5.22 -8.47
N MET H 152 80.67 -5.44 -7.17
CA MET H 152 81.59 -6.44 -6.63
C MET H 152 81.17 -7.86 -6.96
N VAL H 153 79.88 -8.14 -7.02
CA VAL H 153 79.42 -9.47 -7.39
C VAL H 153 79.47 -9.65 -8.91
N TRP H 154 79.31 -8.54 -9.66
CA TRP H 154 79.39 -8.62 -11.12
C TRP H 154 80.82 -8.88 -11.60
N GLU H 155 81.82 -8.37 -10.87
CA GLU H 155 83.24 -8.60 -11.19
C GLU H 155 83.66 -10.06 -11.07
N LEU H 156 83.00 -10.83 -10.21
CA LEU H 156 83.32 -12.24 -10.02
C LEU H 156 83.41 -13.00 -11.34
#